data_4OGY
#
_entry.id   4OGY
#
_cell.length_a   82.120
_cell.length_b   113.760
_cell.length_c   89.050
_cell.angle_alpha   90.000
_cell.angle_beta   94.700
_cell.angle_gamma   90.000
#
_symmetry.space_group_name_H-M   'P 1 21 1'
#
loop_
_entity.id
_entity.type
_entity.pdbx_description
1 polymer 'Plasma kallikrein'
2 polymer 'DX-2930 HEAVY CHAIN'
3 polymer 'DX-2930 LIGHT CHAIN'
4 non-polymer 1,2-ETHANEDIOL
5 water water
#
loop_
_entity_poly.entity_id
_entity_poly.type
_entity_poly.pdbx_seq_one_letter_code
_entity_poly.pdbx_strand_id
1 'polypeptide(L)'
;IVGGTESSWGEWPWQVSLQVKLTAQRHLCGGSLIGHQWVLTAAHCFDGLPLQDVWRIYSGILELSDITKDTPFSQIKEII
IHQNYKVSEGNHDIALIKLQAPLEYTEFQKPISLPSKGDTSTIYTNCWVTGWGFSKEKGEIQNILQKVNIPLVTNEECQK
RYQDYKITQRMVCAGYKEGGKDACKGDSGGPLVCKHNGMWRLVGITSWGEGCARREQPGVYTKVAEYMDWILEKTQSSDG
K
;
A,B
2 'polypeptide(L)'
;EVQLLESGGGLVQPGGSLRLSCAASGFTFSHYIMMWVRQAPGKGLEWVSGIYSSGGITVYADSVKGRFTISRDNSKNTLY
LQMNSLRAEDTAVYYCAYRRIGVPRRDEFDIWGQGTMVTVSSASTKGPSVFPLAPSSKSTSGGTAALGCLVKDYFPEPVT
VSWNSGALTSGVHTFPAVLQSSGLYSLSSVVTVPSSSLGTQTYICNVNHKPSNTKVDKRVEPKSC
;
H,M
3 'polypeptide(L)'
;DIQMTQSPSTLSASVGDRVTITCRASQSISSWLAWYQQKPGKAPKLLIYKASTLESGVPSRFSGSGSGTEFTLTISSLQP
DDFATYYCQQYNTYWTFGQGTKVEIKRTVAAPSVFIFPPSDEQLKSGTASVVCLLNNFYPREAKVQWKVDNALQSGNSQE
SVTEQDSKDSTYSLSSTLTLSKADYEKHKVYACEVTHQGLSSPVTKSFNRGEC
;
L,N
#
loop_
_chem_comp.id
_chem_comp.type
_chem_comp.name
_chem_comp.formula
EDO non-polymer 1,2-ETHANEDIOL 'C2 H6 O2'
#
# COMPACT_ATOMS: atom_id res chain seq x y z
N ILE A 1 9.66 5.65 2.49
CA ILE A 1 9.89 4.66 3.58
C ILE A 1 11.35 4.12 3.47
N VAL A 2 12.08 4.17 4.57
CA VAL A 2 13.41 3.63 4.65
C VAL A 2 13.33 2.24 5.31
N GLY A 3 13.95 1.26 4.67
CA GLY A 3 14.09 -0.07 5.26
C GLY A 3 12.83 -0.90 5.18
N GLY A 4 11.91 -0.55 4.27
CA GLY A 4 10.66 -1.28 4.14
C GLY A 4 10.70 -2.33 3.02
N THR A 5 9.54 -2.88 2.68
CA THR A 5 9.42 -3.83 1.56
C THR A 5 8.16 -3.49 0.79
N GLU A 6 8.03 -4.11 -0.38
CA GLU A 6 6.91 -3.85 -1.30
C GLU A 6 5.61 -4.31 -0.67
N SER A 7 4.57 -3.52 -0.80
CA SER A 7 3.23 -3.93 -0.38
C SER A 7 2.52 -4.68 -1.52
N SER A 8 1.41 -5.33 -1.19
CA SER A 8 0.56 -6.09 -2.11
C SER A 8 -0.78 -5.43 -2.39
N TRP A 9 -1.40 -5.83 -3.51
CA TRP A 9 -2.78 -5.38 -3.84
C TRP A 9 -3.72 -5.78 -2.71
N GLY A 10 -4.50 -4.83 -2.19
CA GLY A 10 -5.41 -5.11 -1.07
C GLY A 10 -4.80 -5.03 0.34
N GLU A 11 -3.50 -4.84 0.45
CA GLU A 11 -2.86 -4.87 1.74
C GLU A 11 -3.17 -3.58 2.55
N TRP A 12 -3.10 -2.43 1.90
CA TRP A 12 -3.40 -1.14 2.55
C TRP A 12 -4.37 -0.36 1.67
N PRO A 13 -5.62 -0.83 1.61
CA PRO A 13 -6.58 -0.34 0.63
C PRO A 13 -7.07 1.10 0.86
N TRP A 14 -6.68 1.68 2.00
CA TRP A 14 -7.00 3.08 2.34
C TRP A 14 -5.94 4.07 1.91
N GLN A 15 -4.77 3.58 1.50
CA GLN A 15 -3.67 4.47 1.13
C GLN A 15 -3.99 5.20 -0.16
N VAL A 16 -3.89 6.53 -0.11
CA VAL A 16 -3.99 7.36 -1.31
C VAL A 16 -2.72 8.17 -1.55
N SER A 17 -2.58 8.64 -2.80
CA SER A 17 -1.51 9.52 -3.19
C SER A 17 -2.13 10.88 -3.56
N LEU A 18 -1.69 11.94 -2.89
CA LEU A 18 -2.09 13.30 -3.19
C LEU A 18 -1.03 13.92 -4.10
N GLN A 19 -1.45 14.26 -5.31
CA GLN A 19 -0.56 14.77 -6.35
C GLN A 19 -0.99 16.15 -6.81
N VAL A 20 -0.03 16.88 -7.36
CA VAL A 20 -0.25 18.19 -7.87
C VAL A 20 0.12 18.17 -9.33
N LYS A 21 -0.74 18.78 -10.14
CA LYS A 21 -0.48 18.93 -11.58
C LYS A 21 -0.31 20.42 -11.93
N LEU A 22 0.88 20.76 -12.38
CA LEU A 22 1.12 22.12 -12.89
C LEU A 22 1.46 21.94 -14.33
N THR A 23 2.70 22.16 -14.73
CA THR A 23 3.04 21.68 -16.07
C THR A 23 3.21 20.17 -15.95
N ALA A 24 4.12 19.77 -15.07
CA ALA A 24 4.31 18.37 -14.79
C ALA A 24 3.43 17.96 -13.58
N GLN A 25 3.41 16.68 -13.29
CA GLN A 25 2.58 16.17 -12.20
C GLN A 25 3.48 15.39 -11.25
N ARG A 26 3.32 15.61 -9.95
CA ARG A 26 4.13 14.90 -8.94
C ARG A 26 3.30 14.49 -7.70
N HIS A 27 3.64 13.32 -7.17
CA HIS A 27 3.22 12.89 -5.86
C HIS A 27 3.83 13.82 -4.82
N LEU A 28 3.01 14.36 -3.93
CA LEU A 28 3.47 15.23 -2.85
C LEU A 28 3.30 14.60 -1.49
N CYS A 29 2.15 13.97 -1.25
CA CYS A 29 1.82 13.46 0.08
C CYS A 29 1.01 12.20 0.02
N GLY A 30 1.05 11.42 1.08
CA GLY A 30 0.07 10.37 1.31
C GLY A 30 -1.16 10.91 2.03
N GLY A 31 -2.15 10.04 2.15
CA GLY A 31 -3.41 10.28 2.82
C GLY A 31 -4.08 8.94 3.06
N SER A 32 -5.17 8.97 3.81
CA SER A 32 -5.89 7.76 4.16
C SER A 32 -7.39 7.96 3.90
N LEU A 33 -7.99 7.04 3.14
CA LEU A 33 -9.43 7.05 2.91
C LEU A 33 -10.11 6.66 4.20
N ILE A 34 -11.02 7.49 4.71
CA ILE A 34 -11.74 7.17 5.96
C ILE A 34 -13.25 7.11 5.78
N GLY A 35 -13.75 7.44 4.59
CA GLY A 35 -15.18 7.26 4.23
C GLY A 35 -15.30 7.41 2.71
N HIS A 36 -16.51 7.27 2.15
CA HIS A 36 -16.71 7.37 0.71
C HIS A 36 -16.18 8.67 0.10
N GLN A 37 -16.35 9.76 0.83
CA GLN A 37 -16.04 11.08 0.31
C GLN A 37 -14.99 11.81 1.14
N TRP A 38 -14.29 11.08 2.02
CA TRP A 38 -13.37 11.70 2.98
C TRP A 38 -11.99 11.05 3.03
N VAL A 39 -10.97 11.90 2.92
CA VAL A 39 -9.57 11.52 3.09
C VAL A 39 -8.99 12.32 4.28
N LEU A 40 -8.19 11.65 5.11
CA LEU A 40 -7.47 12.30 6.18
C LEU A 40 -6.00 12.36 5.84
N THR A 41 -5.42 13.56 6.00
CA THR A 41 -4.01 13.76 5.72
C THR A 41 -3.41 14.79 6.67
N ALA A 42 -2.17 15.21 6.40
CA ALA A 42 -1.55 16.26 7.20
C ALA A 42 -1.86 17.65 6.62
N ALA A 43 -2.12 18.62 7.49
CA ALA A 43 -2.31 20.02 7.10
C ALA A 43 -1.12 20.54 6.31
N HIS A 44 0.11 20.10 6.65
CA HIS A 44 1.30 20.75 6.06
C HIS A 44 1.40 20.49 4.55
N CYS A 45 0.68 19.46 4.10
CA CYS A 45 0.65 19.13 2.69
C CYS A 45 0.15 20.31 1.84
N PHE A 46 -0.65 21.19 2.45
CA PHE A 46 -1.25 22.35 1.79
C PHE A 46 -0.57 23.71 2.07
N ASP A 47 0.56 23.69 2.77
CA ASP A 47 1.29 24.95 3.09
C ASP A 47 1.68 25.73 1.83
N GLY A 48 2.11 25.00 0.79
CA GLY A 48 2.63 25.61 -0.44
C GLY A 48 1.56 25.90 -1.47
N LEU A 49 0.61 24.97 -1.62
CA LEU A 49 -0.46 25.04 -2.61
C LEU A 49 -1.79 24.82 -1.92
N PRO A 50 -2.32 25.90 -1.33
CA PRO A 50 -3.51 25.82 -0.51
C PRO A 50 -4.83 25.67 -1.29
N LEU A 51 -4.81 25.93 -2.60
CA LEU A 51 -5.99 25.91 -3.43
C LEU A 51 -6.27 24.56 -4.07
N GLN A 52 -7.55 24.24 -4.18
CA GLN A 52 -7.99 22.91 -4.53
C GLN A 52 -7.75 22.46 -5.98
N ASP A 53 -7.74 23.40 -6.92
CA ASP A 53 -7.88 23.06 -8.35
C ASP A 53 -6.71 22.25 -8.94
N VAL A 54 -5.51 22.41 -8.39
CA VAL A 54 -4.32 21.69 -8.94
C VAL A 54 -4.14 20.25 -8.42
N TRP A 55 -4.91 19.87 -7.41
CA TRP A 55 -4.72 18.56 -6.75
C TRP A 55 -5.46 17.41 -7.44
N ARG A 56 -4.81 16.24 -7.44
CA ARG A 56 -5.35 15.00 -7.99
C ARG A 56 -5.05 13.89 -7.00
N ILE A 57 -6.09 13.16 -6.61
CA ILE A 57 -5.96 12.16 -5.58
C ILE A 57 -6.18 10.76 -6.19
N TYR A 58 -5.17 9.90 -6.08
CA TYR A 58 -5.25 8.56 -6.62
C TYR A 58 -5.44 7.53 -5.50
N SER A 59 -6.43 6.67 -5.67
CA SER A 59 -6.78 5.62 -4.72
C SER A 59 -6.82 4.29 -5.46
N GLY A 60 -6.77 3.19 -4.71
CA GLY A 60 -6.78 1.86 -5.30
C GLY A 60 -5.59 1.63 -6.20
N ILE A 61 -4.42 2.03 -5.71
CA ILE A 61 -3.24 2.08 -6.54
C ILE A 61 -2.02 1.58 -5.76
N LEU A 62 -1.21 0.76 -6.43
CA LEU A 62 -0.04 0.18 -5.80
C LEU A 62 1.24 0.83 -6.32
N GLU A 63 1.23 1.15 -7.61
CA GLU A 63 2.40 1.57 -8.36
C GLU A 63 2.17 2.88 -9.05
N LEU A 64 2.93 3.89 -8.68
CA LEU A 64 2.74 5.24 -9.27
C LEU A 64 2.99 5.29 -10.77
N SER A 65 3.88 4.43 -11.28
CA SER A 65 4.12 4.36 -12.72
C SER A 65 2.89 3.87 -13.49
N ASP A 66 1.90 3.28 -12.83
CA ASP A 66 0.66 2.86 -13.52
C ASP A 66 -0.20 4.08 -13.90
N ILE A 67 0.05 5.23 -13.27
CA ILE A 67 -0.72 6.43 -13.57
C ILE A 67 -0.40 6.98 -14.95
N THR A 68 -1.43 7.16 -15.77
CA THR A 68 -1.32 7.84 -17.07
C THR A 68 -2.33 8.99 -17.12
N LYS A 69 -2.32 9.72 -18.24
CA LYS A 69 -3.24 10.82 -18.48
C LYS A 69 -4.69 10.37 -18.29
N ASP A 70 -4.99 9.11 -18.59
CA ASP A 70 -6.36 8.59 -18.52
C ASP A 70 -6.74 7.95 -17.19
N THR A 71 -5.78 7.76 -16.29
CA THR A 71 -6.09 7.15 -15.00
C THR A 71 -7.07 8.08 -14.26
N PRO A 72 -8.18 7.53 -13.77
CA PRO A 72 -9.12 8.35 -13.02
C PRO A 72 -8.53 8.78 -11.65
N PHE A 73 -8.96 9.94 -11.19
CA PHE A 73 -8.53 10.47 -9.91
C PHE A 73 -9.69 11.27 -9.29
N SER A 74 -9.66 11.38 -7.96
CA SER A 74 -10.62 12.20 -7.28
C SER A 74 -10.10 13.63 -7.23
N GLN A 75 -11.03 14.56 -7.07
CA GLN A 75 -10.70 15.97 -6.95
C GLN A 75 -11.16 16.45 -5.58
N ILE A 76 -10.58 17.57 -5.15
CA ILE A 76 -10.88 18.14 -3.85
C ILE A 76 -12.06 19.13 -3.91
N LYS A 77 -13.10 18.84 -3.15
CA LYS A 77 -14.22 19.75 -2.98
C LYS A 77 -13.97 20.75 -1.83
N GLU A 78 -13.39 20.25 -0.73
CA GLU A 78 -13.14 21.07 0.43
C GLU A 78 -11.91 20.57 1.15
N ILE A 79 -11.06 21.51 1.54
CA ILE A 79 -9.97 21.24 2.45
C ILE A 79 -10.32 21.82 3.81
N ILE A 80 -10.32 20.99 4.85
CA ILE A 80 -10.56 21.44 6.20
C ILE A 80 -9.31 21.24 7.06
N ILE A 81 -8.56 22.32 7.20
CA ILE A 81 -7.36 22.34 8.01
C ILE A 81 -7.74 22.68 9.45
N HIS A 82 -7.17 21.98 10.41
CA HIS A 82 -7.46 22.27 11.82
C HIS A 82 -7.26 23.76 12.16
N GLN A 83 -8.24 24.35 12.86
CA GLN A 83 -8.27 25.81 13.06
C GLN A 83 -7.06 26.30 13.85
N ASN A 84 -6.49 25.45 14.68
CA ASN A 84 -5.28 25.80 15.41
C ASN A 84 -3.93 25.33 14.83
N TYR A 85 -3.95 24.79 13.62
CA TYR A 85 -2.72 24.49 12.89
C TYR A 85 -2.04 25.79 12.44
N LYS A 86 -0.73 25.88 12.71
CA LYS A 86 0.08 26.95 12.23
C LYS A 86 0.97 26.45 11.10
N VAL A 87 0.88 27.15 9.98
CA VAL A 87 1.73 26.89 8.84
C VAL A 87 3.20 26.74 9.25
N SER A 88 3.80 25.66 8.74
CA SER A 88 5.20 25.29 8.94
C SER A 88 5.55 24.70 10.30
N GLU A 89 4.59 24.50 11.18
CA GLU A 89 4.87 23.98 12.54
C GLU A 89 4.16 22.64 12.74
N GLY A 90 4.41 22.01 13.89
CA GLY A 90 4.01 20.63 14.11
C GLY A 90 2.73 20.39 14.87
N ASN A 91 2.10 21.45 15.38
CA ASN A 91 0.88 21.27 16.20
C ASN A 91 -0.36 21.15 15.36
N HIS A 92 -1.24 20.21 15.70
CA HIS A 92 -2.55 20.07 15.03
C HIS A 92 -2.34 19.87 13.53
N ASP A 93 -1.35 19.06 13.17
CA ASP A 93 -1.02 18.82 11.77
C ASP A 93 -1.97 17.77 11.19
N ILE A 94 -3.16 18.25 10.81
CA ILE A 94 -4.25 17.39 10.39
C ILE A 94 -5.19 18.17 9.49
N ALA A 95 -5.62 17.51 8.42
CA ALA A 95 -6.57 18.08 7.49
C ALA A 95 -7.50 17.01 6.96
N LEU A 96 -8.78 17.37 6.84
CA LEU A 96 -9.75 16.55 6.18
C LEU A 96 -9.92 17.05 4.76
N ILE A 97 -10.01 16.12 3.81
CA ILE A 97 -10.27 16.46 2.43
CA ILE A 97 -10.28 16.46 2.42
C ILE A 97 -11.62 15.85 2.08
N LYS A 98 -12.56 16.68 1.64
CA LYS A 98 -13.82 16.19 1.11
C LYS A 98 -13.67 16.06 -0.40
N LEU A 99 -14.01 14.91 -0.94
CA LEU A 99 -13.87 14.68 -2.39
C LEU A 99 -15.07 15.23 -3.17
N GLN A 100 -14.88 15.56 -4.45
CA GLN A 100 -15.97 16.07 -5.27
C GLN A 100 -17.03 14.98 -5.52
N ALA A 101 -16.62 13.72 -5.47
CA ALA A 101 -17.56 12.61 -5.62
C ALA A 101 -17.21 11.47 -4.68
N PRO A 102 -18.21 10.76 -4.19
CA PRO A 102 -17.93 9.58 -3.35
C PRO A 102 -17.33 8.41 -4.15
N LEU A 103 -16.39 7.69 -3.53
CA LEU A 103 -15.76 6.52 -4.12
C LEU A 103 -16.50 5.27 -3.62
N GLU A 104 -16.75 4.32 -4.52
CA GLU A 104 -17.22 3.00 -4.13
C GLU A 104 -16.10 2.21 -3.48
N TYR A 105 -16.44 1.30 -2.57
CA TYR A 105 -15.46 0.46 -1.95
C TYR A 105 -15.20 -0.82 -2.79
N THR A 106 -13.97 -1.29 -2.78
CA THR A 106 -13.59 -2.56 -3.39
C THR A 106 -12.60 -3.14 -2.42
N GLU A 107 -12.16 -4.36 -2.68
CA GLU A 107 -11.10 -4.95 -1.86
C GLU A 107 -9.75 -4.23 -1.97
N PHE A 108 -9.59 -3.35 -2.97
CA PHE A 108 -8.34 -2.63 -3.16
C PHE A 108 -8.52 -1.12 -2.92
N GLN A 109 -9.69 -0.71 -2.44
CA GLN A 109 -10.03 0.68 -2.21
C GLN A 109 -11.13 0.68 -1.17
N LYS A 110 -10.74 0.79 0.10
CA LYS A 110 -11.70 0.91 1.19
C LYS A 110 -11.10 1.60 2.45
N PRO A 111 -11.94 1.99 3.42
CA PRO A 111 -11.44 2.87 4.48
C PRO A 111 -10.68 2.21 5.65
N ILE A 112 -9.81 2.96 6.31
CA ILE A 112 -9.22 2.54 7.56
C ILE A 112 -10.19 2.94 8.69
N SER A 113 -10.44 2.04 9.64
CA SER A 113 -11.22 2.40 10.84
C SER A 113 -10.45 3.42 11.66
N LEU A 114 -11.20 4.33 12.26
CA LEU A 114 -10.62 5.25 13.22
C LEU A 114 -10.59 4.66 14.61
N PRO A 115 -9.73 5.18 15.47
CA PRO A 115 -9.66 4.58 16.80
C PRO A 115 -10.93 4.68 17.55
N SER A 116 -11.18 3.66 18.36
CA SER A 116 -12.46 3.52 19.04
C SER A 116 -12.41 4.27 20.37
N LYS A 117 -13.55 4.77 20.85
CA LYS A 117 -13.58 5.52 22.13
C LYS A 117 -13.13 4.62 23.30
N GLY A 118 -13.41 3.32 23.19
CA GLY A 118 -12.93 2.32 24.14
C GLY A 118 -11.43 2.19 24.25
N ASP A 119 -10.68 2.56 23.22
CA ASP A 119 -9.23 2.28 23.12
C ASP A 119 -8.33 3.46 23.47
N THR A 120 -8.87 4.41 24.22
CA THR A 120 -8.10 5.56 24.71
C THR A 120 -6.75 5.19 25.38
N SER A 121 -6.74 4.18 26.23
CA SER A 121 -5.51 3.85 26.92
C SER A 121 -4.75 2.66 26.24
N THR A 122 -5.14 2.26 25.04
CA THR A 122 -4.51 1.10 24.43
C THR A 122 -3.02 1.34 24.09
N ILE A 123 -2.20 0.35 24.36
CA ILE A 123 -0.77 0.39 24.09
C ILE A 123 -0.63 -0.44 22.83
N TYR A 124 -0.42 0.21 21.69
CA TYR A 124 -0.49 -0.52 20.39
C TYR A 124 0.84 -1.17 20.10
N THR A 125 0.82 -2.44 19.69
CA THR A 125 2.08 -3.20 19.51
C THR A 125 2.40 -3.73 18.14
N ASN A 126 1.54 -3.51 17.15
CA ASN A 126 1.83 -4.03 15.82
C ASN A 126 1.47 -2.95 14.82
N CYS A 127 2.39 -1.99 14.69
CA CYS A 127 2.19 -0.78 13.93
C CYS A 127 3.08 -0.68 12.70
N TRP A 128 2.50 -0.12 11.64
CA TRP A 128 3.08 -0.05 10.34
C TRP A 128 2.85 1.32 9.69
N VAL A 129 3.85 1.74 8.92
CA VAL A 129 3.80 3.00 8.19
CA VAL A 129 3.79 3.01 8.19
C VAL A 129 4.05 2.70 6.74
N THR A 130 3.27 3.35 5.87
CA THR A 130 3.31 3.07 4.45
C THR A 130 3.42 4.35 3.63
N GLY A 131 3.96 4.22 2.43
CA GLY A 131 3.97 5.33 1.49
C GLY A 131 4.95 5.13 0.35
N TRP A 132 5.00 6.14 -0.52
CA TRP A 132 5.84 6.17 -1.68
C TRP A 132 7.03 7.14 -1.52
N GLY A 133 7.31 7.53 -0.29
CA GLY A 133 8.41 8.41 0.01
C GLY A 133 9.80 7.84 -0.25
N PHE A 134 10.80 8.69 -0.08
CA PHE A 134 12.19 8.34 -0.33
C PHE A 134 12.59 7.12 0.49
N SER A 135 13.51 6.31 -0.05
CA SER A 135 14.07 5.20 0.71
C SER A 135 15.39 5.56 1.34
N LYS A 136 15.82 6.84 1.24
CA LYS A 136 16.97 7.38 1.99
C LYS A 136 16.86 8.93 2.02
N GLU A 137 17.59 9.57 2.92
CA GLU A 137 17.63 11.04 2.94
C GLU A 137 18.10 11.52 1.59
N LYS A 138 17.44 12.54 1.04
CA LYS A 138 17.76 13.00 -0.34
C LYS A 138 17.73 11.88 -1.40
N GLY A 139 16.75 10.98 -1.30
CA GLY A 139 16.54 9.93 -2.27
C GLY A 139 15.48 10.33 -3.31
N GLU A 140 14.64 9.35 -3.68
CA GLU A 140 13.68 9.51 -4.75
C GLU A 140 12.37 8.82 -4.36
N ILE A 141 11.26 9.32 -4.88
CA ILE A 141 9.93 8.77 -4.69
C ILE A 141 9.98 7.34 -5.17
N GLN A 142 9.42 6.41 -4.42
CA GLN A 142 9.47 5.00 -4.78
C GLN A 142 8.27 4.62 -5.63
N ASN A 143 8.45 3.66 -6.52
CA ASN A 143 7.36 3.31 -7.43
C ASN A 143 6.26 2.44 -6.78
N ILE A 144 6.66 1.39 -6.09
CA ILE A 144 5.74 0.46 -5.45
C ILE A 144 5.58 0.85 -3.99
N LEU A 145 4.33 0.93 -3.55
CA LEU A 145 3.98 1.31 -2.20
C LEU A 145 4.78 0.47 -1.21
N GLN A 146 5.51 1.15 -0.33
CA GLN A 146 6.37 0.49 0.66
C GLN A 146 5.68 0.40 1.99
N LYS A 147 6.08 -0.60 2.77
CA LYS A 147 5.59 -0.78 4.14
C LYS A 147 6.74 -1.03 5.08
N VAL A 148 6.59 -0.63 6.33
CA VAL A 148 7.57 -0.92 7.37
C VAL A 148 6.92 -0.99 8.76
N ASN A 149 7.42 -1.91 9.59
CA ASN A 149 6.97 -2.15 10.95
C ASN A 149 7.85 -1.32 11.88
N ILE A 150 7.21 -0.49 12.72
CA ILE A 150 7.92 0.43 13.61
C ILE A 150 7.24 0.47 14.96
N PRO A 151 8.03 0.36 16.05
CA PRO A 151 7.41 0.43 17.35
C PRO A 151 7.15 1.88 17.80
N LEU A 152 6.04 2.08 18.50
CA LEU A 152 5.83 3.35 19.15
C LEU A 152 6.80 3.53 20.32
N VAL A 153 7.14 4.79 20.60
CA VAL A 153 7.89 5.12 21.80
C VAL A 153 7.01 6.04 22.65
N THR A 154 7.41 6.29 23.88
CA THR A 154 6.69 7.19 24.77
C THR A 154 7.01 8.63 24.36
N ASN A 155 6.11 9.54 24.69
CA ASN A 155 6.35 10.97 24.44
C ASN A 155 7.57 11.47 25.18
N GLU A 156 7.81 10.97 26.40
CA GLU A 156 9.01 11.34 27.16
C GLU A 156 10.28 10.95 26.40
N GLU A 157 10.32 9.76 25.84
CA GLU A 157 11.47 9.35 25.04
C GLU A 157 11.61 10.22 23.80
N CYS A 158 10.49 10.49 23.16
CA CYS A 158 10.50 11.33 21.95
C CYS A 158 11.01 12.74 22.25
N GLN A 159 10.56 13.30 23.36
CA GLN A 159 10.98 14.65 23.79
C GLN A 159 12.50 14.74 24.00
N LYS A 160 13.12 13.71 24.57
CA LYS A 160 14.60 13.65 24.73
C LYS A 160 15.32 13.88 23.40
N ARG A 161 14.71 13.48 22.26
CA ARG A 161 15.37 13.60 20.97
C ARG A 161 15.04 14.86 20.18
N TYR A 162 14.09 15.64 20.70
CA TYR A 162 13.65 16.87 20.08
C TYR A 162 13.66 17.96 21.13
N GLN A 163 14.84 18.26 21.66
CA GLN A 163 15.02 19.33 22.66
C GLN A 163 14.54 20.71 22.21
N ASP A 164 14.64 20.99 20.91
CA ASP A 164 14.24 22.29 20.38
C ASP A 164 12.73 22.47 20.14
N TYR A 165 11.93 21.41 20.30
CA TYR A 165 10.50 21.48 19.96
C TYR A 165 9.73 20.92 21.15
N LYS A 166 8.45 21.22 21.25
CA LYS A 166 7.61 20.60 22.28
C LYS A 166 6.79 19.40 21.73
N ILE A 167 7.00 18.21 22.31
CA ILE A 167 6.19 17.04 21.98
C ILE A 167 4.95 17.04 22.88
N THR A 168 3.76 17.08 22.30
CA THR A 168 2.53 17.18 23.05
C THR A 168 1.76 15.87 23.07
N GLN A 169 0.70 15.82 23.87
CA GLN A 169 -0.15 14.65 23.97
C GLN A 169 -0.95 14.38 22.71
N ARG A 170 -1.00 15.35 21.81
CA ARG A 170 -1.70 15.19 20.53
C ARG A 170 -0.77 14.68 19.42
N MET A 171 0.44 14.30 19.80
CA MET A 171 1.40 13.68 18.92
C MET A 171 1.73 12.30 19.45
N VAL A 172 2.19 11.45 18.56
CA VAL A 172 2.76 10.18 18.95
C VAL A 172 3.97 9.92 18.06
N CYS A 173 4.99 9.29 18.65
CA CYS A 173 6.26 9.07 17.98
C CYS A 173 6.56 7.58 17.81
N ALA A 174 7.33 7.26 16.79
CA ALA A 174 7.71 5.88 16.52
C ALA A 174 9.08 5.80 15.90
N GLY A 175 9.83 4.78 16.29
CA GLY A 175 11.20 4.64 15.85
C GLY A 175 11.92 3.56 16.57
N TYR A 176 13.00 3.09 15.95
CA TYR A 176 13.93 2.18 16.56
C TYR A 176 15.12 2.93 17.18
N LYS A 177 15.60 2.45 18.32
CA LYS A 177 16.78 3.03 18.98
C LYS A 177 17.93 3.19 17.98
N GLU A 178 18.20 2.16 17.20
CA GLU A 178 19.33 2.23 16.27
C GLU A 178 18.94 2.62 14.88
N GLY A 179 17.72 3.14 14.72
CA GLY A 179 17.28 3.63 13.43
C GLY A 179 17.10 2.51 12.42
N GLY A 180 17.23 2.87 11.14
CA GLY A 180 17.18 1.90 10.04
C GLY A 180 15.81 1.71 9.39
N LYS A 181 14.73 1.98 10.12
CA LYS A 181 13.38 1.87 9.58
C LYS A 181 12.56 3.09 9.97
N ASP A 182 11.96 3.73 8.97
CA ASP A 182 11.30 5.02 9.20
C ASP A 182 10.55 5.51 7.96
N ALA A 183 9.72 6.52 8.18
CA ALA A 183 9.16 7.31 7.10
C ALA A 183 10.24 8.26 6.61
N CYS A 184 10.03 8.84 5.43
CA CYS A 184 10.92 9.82 4.87
C CYS A 184 10.10 10.78 4.00
N LYS A 185 10.79 11.67 3.30
CA LYS A 185 10.13 12.71 2.50
C LYS A 185 9.23 12.10 1.45
N GLY A 186 8.01 12.62 1.34
CA GLY A 186 6.99 12.03 0.45
C GLY A 186 6.04 11.03 1.10
N ASP A 187 6.36 10.56 2.31
CA ASP A 187 5.43 9.73 3.07
C ASP A 187 4.46 10.57 3.90
N SER A 188 4.79 11.84 4.09
CA SER A 188 3.97 12.66 4.99
C SER A 188 2.50 12.79 4.57
N GLY A 189 1.64 12.85 5.56
CA GLY A 189 0.20 12.82 5.36
C GLY A 189 -0.41 11.41 5.32
N GLY A 190 0.42 10.40 5.05
CA GLY A 190 -0.02 9.02 5.11
C GLY A 190 -0.22 8.43 6.49
N PRO A 191 -0.60 7.16 6.52
CA PRO A 191 -1.06 6.53 7.74
C PRO A 191 0.04 5.88 8.57
N LEU A 192 -0.15 5.89 9.88
CA LEU A 192 0.48 4.96 10.78
C LEU A 192 -0.67 4.13 11.32
N VAL A 193 -0.71 2.84 10.96
CA VAL A 193 -1.82 1.96 11.39
C VAL A 193 -1.32 0.86 12.32
N CYS A 194 -2.15 0.46 13.27
CA CYS A 194 -1.83 -0.63 14.20
C CYS A 194 -2.97 -1.64 14.26
N LYS A 195 -2.61 -2.91 14.36
CA LYS A 195 -3.59 -3.97 14.37
C LYS A 195 -3.88 -4.27 15.82
N HIS A 196 -5.13 -4.10 16.22
CA HIS A 196 -5.56 -4.27 17.60
C HIS A 196 -6.88 -5.06 17.62
N ASN A 197 -6.91 -6.12 18.41
CA ASN A 197 -8.07 -7.03 18.46
C ASN A 197 -8.54 -7.47 17.08
N GLY A 198 -7.58 -7.81 16.21
CA GLY A 198 -7.89 -8.31 14.89
C GLY A 198 -8.23 -7.27 13.85
N MET A 199 -8.27 -5.98 14.21
CA MET A 199 -8.49 -4.95 13.19
C MET A 199 -7.50 -3.80 13.18
N TRP A 200 -7.33 -3.28 11.97
CA TRP A 200 -6.44 -2.19 11.73
C TRP A 200 -7.14 -0.88 12.14
N ARG A 201 -6.37 0.00 12.79
CA ARG A 201 -6.84 1.28 13.27
C ARG A 201 -5.85 2.34 12.83
N LEU A 202 -6.35 3.49 12.40
CA LEU A 202 -5.50 4.62 12.06
C LEU A 202 -5.04 5.27 13.36
N VAL A 203 -3.78 5.10 13.72
CA VAL A 203 -3.29 5.64 14.99
C VAL A 203 -2.57 6.97 14.79
N GLY A 204 -1.84 7.08 13.69
CA GLY A 204 -1.07 8.29 13.41
C GLY A 204 -1.20 8.79 11.99
N ILE A 205 -0.89 10.07 11.79
CA ILE A 205 -0.67 10.66 10.47
C ILE A 205 0.79 11.17 10.42
N THR A 206 1.52 10.76 9.41
CA THR A 206 2.95 11.08 9.27
C THR A 206 3.11 12.58 9.16
N SER A 207 3.84 13.18 10.10
CA SER A 207 3.80 14.61 10.28
C SER A 207 5.17 15.29 10.12
N TRP A 208 6.14 14.90 10.96
CA TRP A 208 7.46 15.50 10.89
C TRP A 208 8.55 14.64 11.53
N GLY A 209 9.79 15.08 11.33
CA GLY A 209 10.97 14.41 11.90
C GLY A 209 12.26 14.90 11.31
N GLU A 210 13.34 14.67 12.05
CA GLU A 210 14.66 15.08 11.65
C GLU A 210 15.38 13.98 10.91
N GLY A 211 15.73 14.21 9.66
CA GLY A 211 16.33 13.17 8.86
C GLY A 211 15.37 11.98 8.67
N CYS A 212 15.91 10.85 8.26
CA CYS A 212 15.13 9.64 7.98
C CYS A 212 15.90 8.44 8.50
N ALA A 213 15.30 7.68 9.42
CA ALA A 213 15.89 6.41 9.89
C ALA A 213 17.19 6.58 10.67
N ARG A 214 17.39 7.76 11.26
CA ARG A 214 18.55 8.00 12.09
C ARG A 214 18.37 7.35 13.46
N ARG A 215 19.47 6.93 14.05
CA ARG A 215 19.43 6.41 15.40
C ARG A 215 18.93 7.48 16.38
N GLU A 216 18.17 7.00 17.36
CA GLU A 216 17.62 7.82 18.41
C GLU A 216 16.97 9.09 17.88
N GLN A 217 16.18 8.95 16.83
CA GLN A 217 15.57 10.09 16.18
C GLN A 217 14.23 9.66 15.55
N PRO A 218 13.22 9.39 16.41
CA PRO A 218 11.96 8.84 15.97
C PRO A 218 11.19 9.84 15.11
N GLY A 219 10.35 9.31 14.25
CA GLY A 219 9.36 10.10 13.57
C GLY A 219 8.24 10.59 14.48
N VAL A 220 7.67 11.74 14.12
CA VAL A 220 6.55 12.30 14.84
C VAL A 220 5.28 12.26 13.98
N TYR A 221 4.18 11.88 14.63
CA TYR A 221 2.89 11.65 14.00
C TYR A 221 1.80 12.35 14.75
N THR A 222 0.80 12.81 14.02
CA THR A 222 -0.36 13.38 14.64
C THR A 222 -1.13 12.21 15.25
N LYS A 223 -1.50 12.33 16.52
CA LYS A 223 -2.20 11.26 17.22
C LYS A 223 -3.71 11.36 16.97
N VAL A 224 -4.19 10.48 16.09
CA VAL A 224 -5.55 10.56 15.56
C VAL A 224 -6.63 10.48 16.63
N ALA A 225 -6.40 9.66 17.65
CA ALA A 225 -7.43 9.47 18.70
C ALA A 225 -7.75 10.78 19.41
N GLU A 226 -6.79 11.70 19.45
CA GLU A 226 -7.04 12.98 20.11
C GLU A 226 -7.87 13.94 19.27
N TYR A 227 -8.12 13.61 17.99
CA TYR A 227 -8.85 14.48 17.07
C TYR A 227 -10.22 13.91 16.66
N MET A 228 -10.68 12.88 17.38
CA MET A 228 -11.92 12.20 17.00
C MET A 228 -13.18 13.07 17.11
N ASP A 229 -13.28 13.88 18.16
CA ASP A 229 -14.37 14.86 18.26
C ASP A 229 -14.34 15.81 17.07
N TRP A 230 -13.15 16.34 16.75
CA TRP A 230 -12.97 17.23 15.60
C TRP A 230 -13.34 16.53 14.26
N ILE A 231 -12.83 15.32 14.02
CA ILE A 231 -13.18 14.57 12.78
C ILE A 231 -14.69 14.38 12.61
N LEU A 232 -15.33 13.89 13.68
CA LEU A 232 -16.76 13.60 13.64
C LEU A 232 -17.61 14.87 13.48
N GLU A 233 -17.25 15.94 14.17
CA GLU A 233 -17.90 17.22 13.97
C GLU A 233 -17.76 17.73 12.54
N LYS A 234 -16.53 17.78 12.02
CA LYS A 234 -16.33 18.34 10.70
C LYS A 234 -16.96 17.49 9.61
N THR A 235 -16.99 16.18 9.78
CA THR A 235 -17.58 15.32 8.77
C THR A 235 -19.10 15.32 8.88
N GLN A 236 -19.65 14.97 10.05
CA GLN A 236 -21.14 14.88 10.23
C GLN A 236 -21.79 16.19 9.79
N SER A 237 -21.29 17.29 10.36
CA SER A 237 -21.67 18.67 9.99
C SER A 237 -21.65 19.00 8.48
N SER A 238 -20.62 18.54 7.77
CA SER A 238 -20.52 18.79 6.32
C SER A 238 -21.51 17.93 5.51
N ASP A 239 -21.69 16.68 5.93
CA ASP A 239 -22.66 15.77 5.31
C ASP A 239 -23.41 14.94 6.34
N ILE B 1 -13.89 -27.74 -18.96
CA ILE B 1 -14.20 -26.89 -20.15
C ILE B 1 -15.70 -26.98 -20.48
N VAL B 2 -16.36 -25.82 -20.56
CA VAL B 2 -17.78 -25.74 -20.90
C VAL B 2 -17.89 -25.40 -22.38
N GLY B 3 -18.72 -26.15 -23.08
CA GLY B 3 -19.04 -25.86 -24.47
C GLY B 3 -17.93 -26.23 -25.43
N GLY B 4 -17.02 -27.11 -25.01
CA GLY B 4 -15.89 -27.53 -25.87
C GLY B 4 -16.16 -28.82 -26.63
N THR B 5 -15.13 -29.41 -27.19
CA THR B 5 -15.24 -30.72 -27.85
C THR B 5 -14.00 -31.51 -27.51
N GLU B 6 -14.01 -32.79 -27.89
CA GLU B 6 -12.91 -33.70 -27.62
C GLU B 6 -11.67 -33.28 -28.37
N SER B 7 -10.51 -33.35 -27.72
CA SER B 7 -9.26 -33.13 -28.42
C SER B 7 -8.77 -34.45 -29.05
N SER B 8 -7.85 -34.33 -29.99
CA SER B 8 -7.18 -35.45 -30.67
C SER B 8 -5.73 -35.56 -30.29
N TRP B 9 -5.18 -36.75 -30.47
CA TRP B 9 -3.77 -36.97 -30.20
C TRP B 9 -2.91 -35.96 -30.94
N GLY B 10 -1.94 -35.37 -30.25
CA GLY B 10 -1.04 -34.42 -30.87
C GLY B 10 -1.52 -32.99 -30.95
N GLU B 11 -2.78 -32.73 -30.61
CA GLU B 11 -3.34 -31.36 -30.68
C GLU B 11 -2.69 -30.46 -29.65
N TRP B 12 -2.59 -30.96 -28.42
CA TRP B 12 -2.09 -30.18 -27.30
C TRP B 12 -1.06 -30.98 -26.51
N PRO B 13 0.09 -31.21 -27.14
CA PRO B 13 1.08 -32.13 -26.58
C PRO B 13 1.80 -31.64 -25.30
N TRP B 14 1.56 -30.39 -24.91
CA TRP B 14 2.13 -29.80 -23.69
C TRP B 14 1.17 -29.96 -22.49
N GLN B 15 -0.07 -30.36 -22.72
CA GLN B 15 -1.06 -30.45 -21.63
C GLN B 15 -0.70 -31.60 -20.71
N VAL B 16 -0.57 -31.29 -19.42
CA VAL B 16 -0.44 -32.32 -18.38
C VAL B 16 -1.56 -32.29 -17.38
N SER B 17 -1.72 -33.42 -16.66
CA SER B 17 -2.67 -33.54 -15.58
C SER B 17 -1.89 -33.71 -14.27
N LEU B 18 -2.14 -32.81 -13.32
CA LEU B 18 -1.55 -32.87 -12.03
C LEU B 18 -2.54 -33.53 -11.10
N GLN B 19 -2.14 -34.68 -10.59
CA GLN B 19 -2.99 -35.51 -9.77
C GLN B 19 -2.37 -35.72 -8.39
N VAL B 20 -3.23 -35.99 -7.45
CA VAL B 20 -2.82 -36.27 -6.09
C VAL B 20 -3.27 -37.68 -5.74
N LYS B 21 -2.36 -38.45 -5.13
CA LYS B 21 -2.67 -39.81 -4.65
C LYS B 21 -2.65 -39.83 -3.14
N LEU B 22 -3.83 -40.06 -2.55
CA LEU B 22 -3.97 -40.26 -1.11
C LEU B 22 -4.62 -41.63 -0.92
N THR B 23 -5.85 -41.68 -0.42
CA THR B 23 -6.59 -42.94 -0.44
C THR B 23 -6.94 -43.18 -1.90
N ALA B 24 -7.64 -42.21 -2.49
CA ALA B 24 -7.95 -42.26 -3.92
C ALA B 24 -6.91 -41.43 -4.67
N GLN B 25 -6.98 -41.50 -6.00
CA GLN B 25 -6.11 -40.68 -6.82
C GLN B 25 -7.03 -39.84 -7.67
N ARG B 26 -6.80 -38.54 -7.70
CA ARG B 26 -7.68 -37.62 -8.46
C ARG B 26 -6.92 -36.53 -9.18
N HIS B 27 -7.42 -36.18 -10.35
CA HIS B 27 -6.96 -35.04 -11.09
C HIS B 27 -7.36 -33.78 -10.31
N LEU B 28 -6.42 -32.90 -10.08
CA LEU B 28 -6.69 -31.61 -9.42
C LEU B 28 -6.56 -30.42 -10.37
N CYS B 29 -5.53 -30.40 -11.20
CA CYS B 29 -5.19 -29.23 -11.99
C CYS B 29 -4.55 -29.65 -13.31
N GLY B 30 -4.63 -28.76 -14.28
CA GLY B 30 -3.79 -28.81 -15.45
C GLY B 30 -2.48 -28.08 -15.24
N GLY B 31 -1.61 -28.26 -16.24
CA GLY B 31 -0.28 -27.66 -16.32
C GLY B 31 0.18 -27.76 -17.76
N SER B 32 1.31 -27.09 -18.05
CA SER B 32 1.87 -27.05 -19.39
C SER B 32 3.35 -27.40 -19.34
N LEU B 33 3.74 -28.41 -20.12
CA LEU B 33 5.15 -28.77 -20.26
C LEU B 33 5.86 -27.65 -21.01
N ILE B 34 6.91 -27.08 -20.44
CA ILE B 34 7.65 -25.99 -21.09
C ILE B 34 9.13 -26.31 -21.36
N GLY B 35 9.60 -27.45 -20.87
CA GLY B 35 10.96 -27.95 -21.13
C GLY B 35 11.00 -29.43 -20.71
N HIS B 36 12.14 -30.08 -20.89
CA HIS B 36 12.28 -31.51 -20.55
C HIS B 36 11.94 -31.82 -19.11
N GLN B 37 12.29 -30.92 -18.22
CA GLN B 37 12.17 -31.15 -16.79
CA GLN B 37 12.07 -31.19 -16.79
C GLN B 37 11.30 -30.08 -16.09
N TRP B 38 10.55 -29.28 -16.88
CA TRP B 38 9.76 -28.17 -16.33
C TRP B 38 8.28 -28.10 -16.77
N VAL B 39 7.39 -27.96 -15.79
CA VAL B 39 5.97 -27.76 -16.00
C VAL B 39 5.57 -26.40 -15.37
N LEU B 40 4.72 -25.65 -16.09
CA LEU B 40 4.18 -24.41 -15.59
C LEU B 40 2.71 -24.58 -15.24
N THR B 41 2.34 -24.17 -14.04
CA THR B 41 0.95 -24.27 -13.60
C THR B 41 0.58 -23.04 -12.72
N ALA B 42 -0.59 -23.11 -12.06
CA ALA B 42 -1.00 -22.05 -11.16
C ALA B 42 -0.51 -22.36 -9.75
N ALA B 43 -0.08 -21.31 -9.02
CA ALA B 43 0.25 -21.46 -7.59
C ALA B 43 -0.89 -21.99 -6.74
N HIS B 44 -2.12 -21.62 -7.07
CA HIS B 44 -3.25 -21.99 -6.19
C HIS B 44 -3.45 -23.51 -6.17
N CYS B 45 -2.90 -24.22 -7.14
CA CYS B 45 -3.05 -25.67 -7.20
C CYS B 45 -2.46 -26.34 -5.97
N PHE B 46 -1.51 -25.65 -5.33
CA PHE B 46 -0.81 -26.16 -4.14
C PHE B 46 -1.33 -25.67 -2.83
N ASP B 47 -2.41 -24.88 -2.85
CA ASP B 47 -2.98 -24.32 -1.61
C ASP B 47 -3.33 -25.36 -0.55
N GLY B 48 -3.90 -26.48 -0.96
CA GLY B 48 -4.24 -27.50 0.05
C GLY B 48 -3.04 -28.24 0.66
N LEU B 49 -1.93 -28.27 -0.07
CA LEU B 49 -1.04 -29.44 0.02
C LEU B 49 0.41 -29.15 0.29
N PRO B 50 0.86 -29.37 1.55
CA PRO B 50 2.26 -29.13 1.91
C PRO B 50 3.26 -30.21 1.44
N LEU B 51 2.77 -31.38 1.03
CA LEU B 51 3.61 -32.55 0.73
C LEU B 51 3.72 -32.77 -0.77
N GLN B 52 4.88 -32.49 -1.33
CA GLN B 52 5.13 -32.68 -2.76
C GLN B 52 5.10 -34.16 -3.20
N ASP B 53 5.41 -35.09 -2.30
CA ASP B 53 5.49 -36.48 -2.74
C ASP B 53 4.13 -37.15 -3.04
N VAL B 54 3.02 -36.49 -2.76
CA VAL B 54 1.70 -37.04 -3.11
C VAL B 54 1.31 -36.80 -4.59
N TRP B 55 2.07 -35.95 -5.29
CA TRP B 55 1.72 -35.56 -6.66
C TRP B 55 2.23 -36.56 -7.72
N ARG B 56 1.39 -36.75 -8.73
CA ARG B 56 1.71 -37.54 -9.91
C ARG B 56 1.29 -36.74 -11.13
N ILE B 57 2.21 -36.60 -12.06
CA ILE B 57 2.01 -35.77 -13.22
C ILE B 57 1.97 -36.64 -14.47
N TYR B 58 0.83 -36.62 -15.17
CA TYR B 58 0.66 -37.39 -16.38
C TYR B 58 0.78 -36.50 -17.62
N SER B 59 1.59 -36.94 -18.57
CA SER B 59 1.78 -36.27 -19.85
C SER B 59 1.54 -37.25 -20.97
N GLY B 60 1.34 -36.73 -22.18
CA GLY B 60 1.14 -37.58 -23.34
C GLY B 60 -0.09 -38.43 -23.21
N ILE B 61 -1.16 -37.81 -22.72
CA ILE B 61 -2.34 -38.54 -22.32
C ILE B 61 -3.58 -37.77 -22.72
N LEU B 62 -4.55 -38.49 -23.25
CA LEU B 62 -5.75 -37.87 -23.76
C LEU B 62 -6.94 -38.15 -22.84
N GLU B 63 -6.96 -39.35 -22.27
CA GLU B 63 -8.11 -39.88 -21.57
C GLU B 63 -7.75 -40.37 -20.18
N LEU B 64 -8.31 -39.72 -19.14
CA LEU B 64 -7.92 -40.03 -17.77
C LEU B 64 -8.25 -41.44 -17.34
N SER B 65 -9.33 -41.99 -17.87
CA SER B 65 -9.69 -43.36 -17.54
C SER B 65 -8.67 -44.38 -18.11
N ASP B 66 -7.78 -43.96 -19.00
CA ASP B 66 -6.75 -44.90 -19.46
C ASP B 66 -5.57 -45.03 -18.50
N ILE B 67 -5.50 -44.19 -17.49
CA ILE B 67 -4.46 -44.30 -16.47
C ILE B 67 -4.64 -45.56 -15.65
N THR B 68 -3.60 -46.40 -15.60
CA THR B 68 -3.53 -47.56 -14.73
C THR B 68 -2.24 -47.49 -13.91
N LYS B 69 -2.03 -48.48 -13.06
CA LYS B 69 -0.76 -48.54 -12.35
C LYS B 69 0.45 -48.67 -13.28
N ASP B 70 0.29 -49.16 -14.52
CA ASP B 70 1.43 -49.28 -15.43
C ASP B 70 1.75 -47.97 -16.13
N THR B 71 0.83 -47.01 -16.09
CA THR B 71 1.00 -45.78 -16.83
C THR B 71 2.16 -44.98 -16.22
N PRO B 72 3.17 -44.63 -17.03
CA PRO B 72 4.24 -43.80 -16.48
C PRO B 72 3.73 -42.42 -16.03
N PHE B 73 4.36 -41.86 -15.01
CA PHE B 73 4.08 -40.51 -14.56
C PHE B 73 5.39 -39.86 -14.11
N SER B 74 5.40 -38.54 -14.11
CA SER B 74 6.49 -37.80 -13.52
C SER B 74 6.21 -37.47 -12.07
N GLN B 75 7.27 -37.23 -11.33
CA GLN B 75 7.19 -36.84 -9.93
C GLN B 75 7.85 -35.50 -9.72
N ILE B 76 7.49 -34.84 -8.62
CA ILE B 76 7.97 -33.49 -8.37
C ILE B 76 9.29 -33.51 -7.60
N LYS B 77 10.30 -32.86 -8.17
CA LYS B 77 11.56 -32.64 -7.50
C LYS B 77 11.52 -31.33 -6.70
N GLU B 78 10.94 -30.29 -7.30
CA GLU B 78 10.86 -28.97 -6.66
C GLU B 78 9.61 -28.23 -7.13
N ILE B 79 8.94 -27.57 -6.19
CA ILE B 79 7.85 -26.65 -6.48
C ILE B 79 8.37 -25.23 -6.26
N ILE B 80 8.27 -24.37 -7.26
CA ILE B 80 8.65 -22.96 -7.13
C ILE B 80 7.41 -22.06 -7.33
N ILE B 81 6.82 -21.67 -6.20
CA ILE B 81 5.67 -20.76 -6.21
C ILE B 81 6.17 -19.33 -6.23
N HIS B 82 5.58 -18.45 -7.02
CA HIS B 82 5.98 -17.04 -7.05
C HIS B 82 6.00 -16.48 -5.62
N GLN B 83 7.09 -15.77 -5.29
CA GLN B 83 7.30 -15.30 -3.92
C GLN B 83 6.18 -14.36 -3.45
N ASN B 84 5.58 -13.61 -4.39
CA ASN B 84 4.54 -12.65 -4.06
C ASN B 84 3.10 -13.15 -4.25
N TYR B 85 2.96 -14.44 -4.55
CA TYR B 85 1.66 -15.09 -4.51
C TYR B 85 1.14 -15.21 -3.07
N LYS B 86 -0.14 -14.90 -2.90
CA LYS B 86 -0.85 -15.07 -1.64
C LYS B 86 -2.17 -15.90 -1.78
N VAL B 87 -2.32 -16.87 -0.87
CA VAL B 87 -3.50 -17.75 -0.85
C VAL B 87 -4.77 -16.91 -0.84
N SER B 88 -5.71 -17.32 -1.71
CA SER B 88 -7.04 -16.74 -1.89
C SER B 88 -7.04 -15.45 -2.69
N GLU B 89 -5.89 -15.05 -3.22
CA GLU B 89 -5.83 -13.87 -4.03
C GLU B 89 -5.34 -14.21 -5.42
N GLY B 90 -5.67 -13.35 -6.35
CA GLY B 90 -5.45 -13.64 -7.76
C GLY B 90 -4.12 -13.19 -8.33
N ASN B 91 -3.30 -12.51 -7.52
CA ASN B 91 -2.04 -11.97 -8.01
C ASN B 91 -0.89 -13.00 -8.04
N HIS B 92 -0.12 -12.96 -9.12
CA HIS B 92 1.08 -13.77 -9.24
C HIS B 92 0.77 -15.25 -9.11
N ASP B 93 -0.36 -15.65 -9.67
CA ASP B 93 -0.82 -17.03 -9.53
C ASP B 93 -0.10 -17.89 -10.59
N ILE B 94 1.12 -18.30 -10.21
CA ILE B 94 2.04 -18.99 -11.10
C ILE B 94 3.06 -19.78 -10.31
N ALA B 95 3.33 -21.01 -10.78
CA ALA B 95 4.26 -21.90 -10.13
C ALA B 95 4.98 -22.73 -11.20
N LEU B 96 6.28 -22.93 -10.99
CA LEU B 96 7.08 -23.86 -11.76
C LEU B 96 7.19 -25.16 -11.00
N ILE B 97 7.12 -26.27 -11.72
CA ILE B 97 7.39 -27.59 -11.15
C ILE B 97 8.61 -28.17 -11.85
N LYS B 98 9.64 -28.52 -11.09
CA LYS B 98 10.78 -29.23 -11.66
C LYS B 98 10.53 -30.72 -11.48
N LEU B 99 10.67 -31.48 -12.55
CA LEU B 99 10.40 -32.91 -12.49
C LEU B 99 11.63 -33.69 -11.98
N GLN B 100 11.42 -34.86 -11.40
CA GLN B 100 12.53 -35.69 -10.89
C GLN B 100 13.37 -36.25 -12.03
N ALA B 101 12.77 -36.37 -13.22
CA ALA B 101 13.48 -36.84 -14.39
C ALA B 101 13.01 -36.11 -15.64
N PRO B 102 13.92 -35.88 -16.59
CA PRO B 102 13.54 -35.21 -17.83
C PRO B 102 12.74 -36.14 -18.76
N LEU B 103 11.77 -35.58 -19.47
CA LEU B 103 10.89 -36.30 -20.38
C LEU B 103 11.43 -36.14 -21.79
N GLU B 104 11.47 -37.21 -22.54
CA GLU B 104 11.79 -37.19 -23.95
C GLU B 104 10.62 -36.57 -24.72
N TYR B 105 10.89 -35.84 -25.79
CA TYR B 105 9.81 -35.26 -26.59
C TYR B 105 9.30 -36.23 -27.64
N THR B 106 7.98 -36.20 -27.87
CA THR B 106 7.34 -36.94 -28.96
C THR B 106 6.26 -36.02 -29.48
N GLU B 107 5.59 -36.44 -30.55
CA GLU B 107 4.46 -35.68 -31.08
C GLU B 107 3.32 -35.50 -30.08
N PHE B 108 3.30 -36.29 -29.03
CA PHE B 108 2.19 -36.25 -28.08
C PHE B 108 2.61 -35.71 -26.74
N GLN B 109 3.89 -35.35 -26.64
CA GLN B 109 4.48 -34.96 -25.39
C GLN B 109 5.64 -34.06 -25.71
N LYS B 110 5.35 -32.77 -25.84
CA LYS B 110 6.39 -31.78 -26.15
C LYS B 110 5.98 -30.38 -25.66
N PRO B 111 6.94 -29.44 -25.61
CA PRO B 111 6.63 -28.19 -24.90
C PRO B 111 5.89 -27.12 -25.68
N ILE B 112 5.17 -26.26 -24.97
CA ILE B 112 4.57 -25.09 -25.58
C ILE B 112 5.65 -23.99 -25.57
N SER B 113 5.80 -23.27 -26.67
CA SER B 113 6.69 -22.10 -26.70
C SER B 113 6.15 -20.98 -25.81
N LEU B 114 7.06 -20.28 -25.15
CA LEU B 114 6.71 -19.15 -24.32
C LEU B 114 6.76 -17.85 -25.14
N PRO B 115 6.01 -16.83 -24.71
CA PRO B 115 6.18 -15.53 -25.33
C PRO B 115 7.49 -14.84 -24.87
N SER B 116 7.70 -13.60 -25.29
CA SER B 116 8.72 -12.68 -24.67
C SER B 116 8.03 -11.61 -23.77
N LYS B 117 8.79 -10.96 -22.87
CA LYS B 117 8.23 -9.86 -22.05
C LYS B 117 7.66 -8.75 -22.96
N GLY B 118 8.32 -8.55 -24.11
CA GLY B 118 7.86 -7.63 -25.15
C GLY B 118 6.46 -7.88 -25.71
N ASP B 119 5.99 -9.13 -25.63
CA ASP B 119 4.69 -9.48 -26.19
C ASP B 119 3.57 -9.25 -25.20
N THR B 120 3.86 -8.52 -24.11
CA THR B 120 2.85 -8.25 -23.10
C THR B 120 1.62 -7.56 -23.74
N SER B 121 1.86 -6.68 -24.70
CA SER B 121 0.77 -5.96 -25.38
C SER B 121 0.41 -6.53 -26.79
N THR B 122 0.87 -7.74 -27.11
CA THR B 122 0.47 -8.38 -28.36
C THR B 122 -1.03 -8.65 -28.34
N ILE B 123 -1.70 -8.42 -29.47
CA ILE B 123 -3.13 -8.70 -29.60
C ILE B 123 -3.25 -10.03 -30.31
N TYR B 124 -3.74 -11.03 -29.60
CA TYR B 124 -3.90 -12.40 -30.12
C TYR B 124 -5.36 -12.63 -30.51
N THR B 125 -5.60 -13.20 -31.69
CA THR B 125 -6.97 -13.49 -32.12
C THR B 125 -7.33 -14.97 -32.40
N ASN B 126 -6.48 -15.94 -32.06
CA ASN B 126 -6.87 -17.34 -32.21
C ASN B 126 -6.41 -18.14 -30.98
N CYS B 127 -7.21 -18.04 -29.92
CA CYS B 127 -6.84 -18.58 -28.61
C CYS B 127 -7.78 -19.68 -28.14
N TRP B 128 -7.18 -20.64 -27.44
CA TRP B 128 -7.84 -21.86 -27.02
C TRP B 128 -7.46 -22.18 -25.58
N VAL B 129 -8.40 -22.80 -24.88
CA VAL B 129 -8.17 -23.27 -23.53
CA VAL B 129 -8.21 -23.25 -23.53
C VAL B 129 -8.57 -24.74 -23.47
N THR B 130 -7.76 -25.52 -22.76
CA THR B 130 -7.92 -26.97 -22.73
C THR B 130 -7.86 -27.50 -21.31
N GLY B 131 -8.51 -28.65 -21.10
CA GLY B 131 -8.41 -29.33 -19.82
C GLY B 131 -9.46 -30.37 -19.62
N TRP B 132 -9.37 -31.00 -18.45
CA TRP B 132 -10.27 -32.06 -18.04
C TRP B 132 -11.27 -31.56 -16.98
N GLY B 133 -11.39 -30.24 -16.84
CA GLY B 133 -12.31 -29.67 -15.88
C GLY B 133 -13.80 -29.92 -16.17
N PHE B 134 -14.64 -29.45 -15.24
CA PHE B 134 -16.10 -29.62 -15.34
C PHE B 134 -16.63 -29.07 -16.68
N SER B 135 -17.67 -29.73 -17.23
CA SER B 135 -18.38 -29.19 -18.40
C SER B 135 -19.62 -28.37 -18.02
N LYS B 136 -19.84 -28.15 -16.73
CA LYS B 136 -20.86 -27.20 -16.21
C LYS B 136 -20.53 -26.86 -14.76
N GLU B 137 -21.09 -25.74 -14.26
CA GLU B 137 -20.89 -25.37 -12.87
C GLU B 137 -21.38 -26.55 -12.04
N LYS B 138 -20.65 -26.90 -11.01
CA LYS B 138 -21.00 -28.13 -10.23
C LYS B 138 -21.16 -29.40 -11.08
N GLY B 139 -20.31 -29.57 -12.08
CA GLY B 139 -20.31 -30.78 -12.88
C GLY B 139 -19.25 -31.75 -12.34
N GLU B 140 -18.57 -32.41 -13.27
CA GLU B 140 -17.59 -33.42 -12.90
C GLU B 140 -16.39 -33.37 -13.88
N ILE B 141 -15.26 -33.87 -13.40
CA ILE B 141 -14.03 -33.97 -14.19
C ILE B 141 -14.37 -34.77 -15.44
N GLN B 142 -13.93 -34.30 -16.62
CA GLN B 142 -14.24 -34.95 -17.88
C GLN B 142 -13.18 -35.99 -18.22
N ASN B 143 -13.58 -37.01 -18.94
CA ASN B 143 -12.66 -38.09 -19.23
C ASN B 143 -11.66 -37.79 -20.38
N ILE B 144 -12.17 -37.29 -21.50
CA ILE B 144 -11.34 -36.96 -22.66
C ILE B 144 -11.01 -35.47 -22.64
N LEU B 145 -9.73 -35.14 -22.84
CA LEU B 145 -9.28 -33.77 -22.85
C LEU B 145 -10.14 -32.93 -23.76
N GLN B 146 -10.70 -31.86 -23.20
CA GLN B 146 -11.59 -30.97 -23.95
C GLN B 146 -10.84 -29.74 -24.42
N LYS B 147 -11.32 -29.14 -25.50
CA LYS B 147 -10.76 -27.89 -26.07
C LYS B 147 -11.89 -26.93 -26.37
N VAL B 148 -11.62 -25.64 -26.25
CA VAL B 148 -12.54 -24.61 -26.67
C VAL B 148 -11.82 -23.35 -27.13
N ASN B 149 -12.39 -22.71 -28.13
CA ASN B 149 -11.89 -21.45 -28.66
C ASN B 149 -12.54 -20.29 -27.88
N ILE B 150 -11.75 -19.33 -27.37
CA ILE B 150 -12.29 -18.21 -26.59
C ILE B 150 -11.57 -16.93 -26.93
N PRO B 151 -12.32 -15.86 -27.16
CA PRO B 151 -11.64 -14.61 -27.46
C PRO B 151 -11.17 -13.88 -26.21
N LEU B 152 -10.01 -13.21 -26.32
CA LEU B 152 -9.55 -12.36 -25.26
C LEU B 152 -10.40 -11.08 -25.23
N VAL B 153 -10.52 -10.51 -24.04
CA VAL B 153 -11.16 -9.19 -23.89
C VAL B 153 -10.11 -8.26 -23.31
N THR B 154 -10.45 -6.97 -23.26
CA THR B 154 -9.52 -5.97 -22.72
C THR B 154 -9.58 -6.04 -21.21
N ASN B 155 -8.50 -5.63 -20.57
CA ASN B 155 -8.47 -5.55 -19.11
C ASN B 155 -9.52 -4.60 -18.60
N GLU B 156 -9.78 -3.52 -19.34
CA GLU B 156 -10.78 -2.53 -18.94
C GLU B 156 -12.16 -3.19 -18.90
N GLU B 157 -12.48 -4.01 -19.90
CA GLU B 157 -13.75 -4.71 -19.89
CA GLU B 157 -13.73 -4.79 -19.92
C GLU B 157 -13.77 -5.76 -18.76
N CYS B 158 -12.67 -6.46 -18.57
CA CYS B 158 -12.62 -7.49 -17.55
C CYS B 158 -12.86 -6.87 -16.16
N GLN B 159 -12.24 -5.71 -15.92
CA GLN B 159 -12.38 -4.99 -14.64
C GLN B 159 -13.83 -4.64 -14.31
N LYS B 160 -14.59 -4.21 -15.31
CA LYS B 160 -16.01 -3.94 -15.09
C LYS B 160 -16.77 -5.14 -14.50
N ARG B 161 -16.35 -6.36 -14.83
CA ARG B 161 -17.05 -7.57 -14.40
C ARG B 161 -16.53 -8.15 -13.10
N TYR B 162 -15.44 -7.56 -12.57
CA TYR B 162 -14.85 -7.99 -11.28
C TYR B 162 -14.57 -6.76 -10.43
N GLN B 163 -15.64 -6.07 -10.10
CA GLN B 163 -15.57 -4.81 -9.38
C GLN B 163 -14.72 -4.84 -8.10
N ASP B 164 -14.81 -5.93 -7.35
CA ASP B 164 -14.13 -6.01 -6.07
C ASP B 164 -12.62 -6.31 -6.14
N TYR B 165 -12.12 -6.73 -7.30
CA TYR B 165 -10.74 -7.24 -7.39
C TYR B 165 -10.01 -6.56 -8.49
N LYS B 166 -8.75 -6.25 -8.23
CA LYS B 166 -8.00 -5.46 -9.19
C LYS B 166 -7.52 -6.37 -10.33
N ILE B 167 -7.92 -6.03 -11.56
CA ILE B 167 -7.38 -6.69 -12.75
C ILE B 167 -6.15 -5.93 -13.17
N THR B 168 -5.00 -6.60 -13.08
CA THR B 168 -3.72 -5.95 -13.32
C THR B 168 -3.19 -6.27 -14.71
N GLN B 169 -2.13 -5.57 -15.11
CA GLN B 169 -1.51 -5.84 -16.39
C GLN B 169 -0.81 -7.21 -16.43
N ARG B 170 -0.68 -7.87 -15.27
CA ARG B 170 -0.13 -9.24 -15.19
C ARG B 170 -1.19 -10.35 -15.31
N MET B 171 -2.40 -9.93 -15.62
CA MET B 171 -3.52 -10.82 -15.88
C MET B 171 -4.04 -10.55 -17.28
N VAL B 172 -4.69 -11.56 -17.84
CA VAL B 172 -5.41 -11.40 -19.07
C VAL B 172 -6.72 -12.20 -18.96
N CYS B 173 -7.77 -11.67 -19.57
CA CYS B 173 -9.10 -12.24 -19.45
C CYS B 173 -9.66 -12.68 -20.81
N ALA B 174 -10.52 -13.68 -20.76
CA ALA B 174 -11.15 -14.20 -21.99
C ALA B 174 -12.55 -14.70 -21.74
N GLY B 175 -13.42 -14.45 -22.70
CA GLY B 175 -14.82 -14.83 -22.58
C GLY B 175 -15.65 -14.26 -23.70
N TYR B 176 -16.77 -14.92 -23.99
CA TYR B 176 -17.74 -14.44 -24.94
C TYR B 176 -18.72 -13.52 -24.20
N LYS B 177 -19.13 -12.45 -24.88
CA LYS B 177 -20.10 -11.54 -24.32
C LYS B 177 -21.34 -12.29 -23.82
N GLU B 178 -21.84 -13.24 -24.59
CA GLU B 178 -23.01 -14.00 -24.18
C GLU B 178 -22.69 -15.35 -23.54
N GLY B 179 -21.43 -15.55 -23.15
CA GLY B 179 -21.04 -16.76 -22.45
C GLY B 179 -21.10 -18.02 -23.31
N GLY B 180 -21.25 -19.16 -22.65
CA GLY B 180 -21.43 -20.47 -23.32
C GLY B 180 -20.17 -21.29 -23.51
N LYS B 181 -19.00 -20.65 -23.52
CA LYS B 181 -17.72 -21.34 -23.70
C LYS B 181 -16.70 -20.78 -22.70
N ASP B 182 -16.07 -21.65 -21.92
CA ASP B 182 -15.18 -21.22 -20.85
C ASP B 182 -14.40 -22.39 -20.26
N ALA B 183 -13.41 -22.04 -19.45
CA ALA B 183 -12.82 -22.96 -18.52
C ALA B 183 -13.76 -23.13 -17.35
N CYS B 184 -13.52 -24.17 -16.57
CA CYS B 184 -14.28 -24.38 -15.34
C CYS B 184 -13.38 -25.08 -14.30
N LYS B 185 -13.94 -25.47 -13.15
CA LYS B 185 -13.17 -26.08 -12.09
C LYS B 185 -12.46 -27.36 -12.58
N GLY B 186 -11.19 -27.50 -12.24
CA GLY B 186 -10.35 -28.58 -12.72
C GLY B 186 -9.48 -28.26 -13.95
N ASP B 187 -9.80 -27.18 -14.64
CA ASP B 187 -9.00 -26.71 -15.75
C ASP B 187 -7.88 -25.83 -15.24
N SER B 188 -8.04 -25.34 -14.02
CA SER B 188 -7.07 -24.40 -13.50
C SER B 188 -5.63 -24.92 -13.45
N GLY B 189 -4.72 -23.99 -13.69
CA GLY B 189 -3.30 -24.33 -13.87
C GLY B 189 -2.93 -24.67 -15.31
N GLY B 190 -3.90 -25.03 -16.13
CA GLY B 190 -3.68 -25.33 -17.52
C GLY B 190 -3.48 -24.13 -18.43
N PRO B 191 -3.28 -24.40 -19.70
CA PRO B 191 -2.89 -23.40 -20.64
C PRO B 191 -4.02 -22.62 -21.29
N LEU B 192 -3.74 -21.36 -21.58
CA LEU B 192 -4.46 -20.62 -22.60
C LEU B 192 -3.41 -20.36 -23.66
N VAL B 193 -3.60 -20.95 -24.84
CA VAL B 193 -2.62 -20.83 -25.94
C VAL B 193 -3.23 -20.09 -27.11
N CYS B 194 -2.40 -19.30 -27.79
CA CYS B 194 -2.84 -18.64 -29.03
C CYS B 194 -1.89 -18.92 -30.21
N LYS B 195 -2.46 -19.05 -31.40
CA LYS B 195 -1.68 -19.39 -32.59
C LYS B 195 -1.39 -18.10 -33.30
N HIS B 196 -0.10 -17.79 -33.43
CA HIS B 196 0.37 -16.50 -33.93
C HIS B 196 1.50 -16.80 -34.93
N ASN B 197 1.33 -16.37 -36.18
CA ASN B 197 2.30 -16.62 -37.25
C ASN B 197 2.63 -18.09 -37.39
N GLY B 198 1.60 -18.94 -37.33
CA GLY B 198 1.79 -20.38 -37.44
C GLY B 198 2.30 -21.12 -36.20
N MET B 199 2.66 -20.40 -35.14
CA MET B 199 3.19 -21.03 -33.92
C MET B 199 2.25 -20.82 -32.72
N TRP B 200 2.07 -21.87 -31.92
CA TRP B 200 1.33 -21.79 -30.68
C TRP B 200 2.22 -21.19 -29.60
N ARG B 201 1.65 -20.27 -28.82
CA ARG B 201 2.39 -19.59 -27.76
C ARG B 201 1.53 -19.69 -26.48
N LEU B 202 2.17 -19.92 -25.32
CA LEU B 202 1.46 -19.95 -24.04
C LEU B 202 1.21 -18.52 -23.64
N VAL B 203 -0.05 -18.11 -23.69
CA VAL B 203 -0.38 -16.71 -23.35
C VAL B 203 -0.90 -16.57 -21.93
N GLY B 204 -1.68 -17.55 -21.48
CA GLY B 204 -2.24 -17.51 -20.13
C GLY B 204 -2.13 -18.83 -19.37
N ILE B 205 -2.22 -18.73 -18.04
CA ILE B 205 -2.46 -19.86 -17.15
C ILE B 205 -3.84 -19.65 -16.49
N THR B 206 -4.70 -20.66 -16.58
CA THR B 206 -6.06 -20.61 -16.07
C THR B 206 -5.98 -20.41 -14.56
N SER B 207 -6.57 -19.29 -14.06
CA SER B 207 -6.31 -18.83 -12.70
C SER B 207 -7.55 -18.65 -11.81
N TRP B 208 -8.49 -17.79 -12.24
CA TRP B 208 -9.71 -17.60 -11.47
C TRP B 208 -10.87 -17.04 -12.31
N GLY B 209 -12.04 -17.00 -11.70
CA GLY B 209 -13.25 -16.57 -12.34
C GLY B 209 -14.52 -16.94 -11.58
N GLU B 210 -15.58 -16.19 -11.87
CA GLU B 210 -16.88 -16.36 -11.26
C GLU B 210 -17.75 -17.25 -12.12
N GLY B 211 -18.12 -18.38 -11.58
CA GLY B 211 -18.95 -19.32 -12.34
C GLY B 211 -18.17 -19.86 -13.52
N CYS B 212 -18.90 -20.41 -14.48
CA CYS B 212 -18.32 -20.97 -15.69
C CYS B 212 -19.25 -20.64 -16.86
N ALA B 213 -18.73 -19.96 -17.87
CA ALA B 213 -19.42 -19.74 -19.14
C ALA B 213 -20.60 -18.79 -19.02
N ARG B 214 -20.60 -17.93 -18.01
CA ARG B 214 -21.68 -16.97 -17.82
C ARG B 214 -21.51 -15.79 -18.77
N ARG B 215 -22.62 -15.17 -19.14
CA ARG B 215 -22.55 -13.97 -19.94
C ARG B 215 -21.83 -12.84 -19.20
N GLU B 216 -21.08 -12.06 -19.96
CA GLU B 216 -20.32 -10.91 -19.46
C GLU B 216 -19.60 -11.24 -18.19
N GLN B 217 -18.93 -12.39 -18.18
CA GLN B 217 -18.22 -12.81 -17.00
C GLN B 217 -17.02 -13.66 -17.43
N PRO B 218 -16.02 -12.99 -17.99
CA PRO B 218 -14.86 -13.67 -18.52
C PRO B 218 -13.97 -14.33 -17.45
N GLY B 219 -13.29 -15.38 -17.85
CA GLY B 219 -12.27 -16.00 -17.04
C GLY B 219 -11.01 -15.15 -16.92
N VAL B 220 -10.34 -15.30 -15.79
CA VAL B 220 -9.09 -14.58 -15.59
C VAL B 220 -7.89 -15.54 -15.59
N TYR B 221 -6.83 -15.10 -16.23
CA TYR B 221 -5.64 -15.90 -16.48
C TYR B 221 -4.39 -15.12 -16.12
N THR B 222 -3.39 -15.82 -15.63
CA THR B 222 -2.09 -15.23 -15.38
C THR B 222 -1.43 -14.97 -16.73
N LYS B 223 -0.97 -13.74 -16.95
CA LYS B 223 -0.42 -13.38 -18.25
C LYS B 223 1.07 -13.73 -18.29
N VAL B 224 1.37 -14.77 -19.05
CA VAL B 224 2.69 -15.42 -18.97
C VAL B 224 3.83 -14.47 -19.38
N ALA B 225 3.56 -13.59 -20.34
CA ALA B 225 4.59 -12.70 -20.87
C ALA B 225 5.14 -11.80 -19.76
N GLU B 226 4.30 -11.47 -18.78
CA GLU B 226 4.75 -10.62 -17.68
C GLU B 226 5.58 -11.35 -16.63
N TYR B 227 5.73 -12.68 -16.76
CA TYR B 227 6.52 -13.48 -15.82
C TYR B 227 7.75 -14.16 -16.50
N MET B 228 8.11 -13.68 -17.69
CA MET B 228 9.20 -14.31 -18.42
C MET B 228 10.57 -14.12 -17.74
N ASP B 229 10.85 -12.93 -17.21
CA ASP B 229 12.09 -12.74 -16.42
C ASP B 229 12.12 -13.71 -15.24
N TRP B 230 11.00 -13.82 -14.53
CA TRP B 230 10.89 -14.77 -13.42
C TRP B 230 11.08 -16.25 -13.86
N ILE B 231 10.40 -16.66 -14.92
CA ILE B 231 10.54 -18.05 -15.44
C ILE B 231 12.01 -18.37 -15.81
N LEU B 232 12.64 -17.49 -16.57
CA LEU B 232 14.01 -17.70 -17.03
C LEU B 232 14.99 -17.70 -15.88
N GLU B 233 14.81 -16.80 -14.93
CA GLU B 233 15.64 -16.79 -13.75
C GLU B 233 15.50 -18.08 -12.94
N LYS B 234 14.27 -18.47 -12.63
CA LYS B 234 14.09 -19.64 -11.79
C LYS B 234 14.52 -20.93 -12.47
N THR B 235 14.37 -21.01 -13.78
CA THR B 235 14.76 -22.21 -14.49
C THR B 235 16.28 -22.23 -14.72
N GLN B 236 16.84 -21.21 -15.38
CA GLN B 236 18.29 -21.16 -15.68
C GLN B 236 19.09 -21.39 -14.40
N SER B 237 18.80 -20.58 -13.38
CA SER B 237 19.36 -20.71 -12.01
C SER B 237 19.31 -22.11 -11.40
N SER B 238 18.19 -22.82 -11.56
CA SER B 238 18.06 -24.19 -11.04
C SER B 238 18.86 -25.21 -11.86
N ASP B 239 18.88 -25.05 -13.18
CA ASP B 239 19.67 -25.89 -14.09
C ASP B 239 20.32 -25.09 -15.22
N GLU C 1 13.42 17.05 -6.92
CA GLU C 1 13.69 17.98 -5.77
C GLU C 1 13.35 19.43 -6.15
N VAL C 2 13.41 20.33 -5.17
CA VAL C 2 13.37 21.76 -5.43
C VAL C 2 14.78 22.22 -5.87
N GLN C 3 14.80 23.02 -6.93
CA GLN C 3 16.02 23.45 -7.62
C GLN C 3 16.00 24.98 -7.90
N LEU C 4 17.19 25.56 -7.89
CA LEU C 4 17.37 26.99 -8.05
C LEU C 4 18.41 27.33 -9.14
N LEU C 5 18.04 28.18 -10.07
CA LEU C 5 18.92 28.51 -11.20
C LEU C 5 19.04 30.02 -11.37
N GLU C 6 20.25 30.53 -11.15
CA GLU C 6 20.49 31.96 -11.28
C GLU C 6 20.77 32.34 -12.72
N SER C 7 20.37 33.56 -13.09
CA SER C 7 20.80 34.14 -14.37
C SER C 7 20.87 35.67 -14.26
N GLY C 8 21.39 36.30 -15.30
CA GLY C 8 21.41 37.78 -15.40
C GLY C 8 22.79 38.35 -15.14
N GLY C 9 23.75 37.49 -14.82
CA GLY C 9 25.11 37.94 -14.56
C GLY C 9 25.76 38.43 -15.83
N GLY C 10 26.86 39.17 -15.69
CA GLY C 10 27.56 39.74 -16.86
C GLY C 10 28.48 40.90 -16.49
N LEU C 11 28.94 41.61 -17.52
CA LEU C 11 29.91 42.68 -17.40
C LEU C 11 29.20 44.00 -17.40
N VAL C 12 29.46 44.82 -16.40
CA VAL C 12 28.85 46.14 -16.32
C VAL C 12 29.88 47.16 -15.89
N GLN C 13 29.63 48.42 -16.25
CA GLN C 13 30.54 49.51 -15.95
C GLN C 13 30.26 50.07 -14.58
N PRO C 14 31.27 50.60 -13.88
CA PRO C 14 31.04 51.25 -12.60
C PRO C 14 29.94 52.31 -12.71
N GLY C 15 29.04 52.34 -11.72
CA GLY C 15 27.88 53.23 -11.76
C GLY C 15 26.68 52.62 -12.43
N GLY C 16 26.88 51.58 -13.23
CA GLY C 16 25.79 50.85 -13.88
C GLY C 16 24.92 49.99 -12.95
N SER C 17 23.92 49.35 -13.54
CA SER C 17 22.96 48.53 -12.81
C SER C 17 22.81 47.21 -13.48
N LEU C 18 22.37 46.23 -12.71
CA LEU C 18 22.13 44.90 -13.24
C LEU C 18 21.11 44.22 -12.35
N ARG C 19 20.30 43.36 -12.95
CA ARG C 19 19.26 42.67 -12.19
C ARG C 19 19.47 41.16 -12.32
N LEU C 20 19.77 40.49 -11.20
CA LEU C 20 19.92 39.02 -11.21
C LEU C 20 18.58 38.39 -10.95
N SER C 21 18.37 37.20 -11.51
CA SER C 21 17.18 36.42 -11.22
CA SER C 21 17.18 36.42 -11.25
C SER C 21 17.58 35.05 -10.70
N CYS C 22 16.71 34.47 -9.89
CA CYS C 22 16.91 33.14 -9.36
C CYS C 22 15.56 32.42 -9.49
N ALA C 23 15.47 31.52 -10.46
CA ALA C 23 14.21 30.87 -10.80
C ALA C 23 14.14 29.55 -10.09
N ALA C 24 13.04 29.35 -9.37
CA ALA C 24 12.86 28.14 -8.58
C ALA C 24 11.97 27.17 -9.36
N SER C 25 12.35 25.91 -9.38
CA SER C 25 11.61 24.90 -10.10
C SER C 25 11.32 23.70 -9.19
N GLY C 26 10.19 23.05 -9.43
CA GLY C 26 9.75 21.91 -8.65
C GLY C 26 8.47 22.25 -7.90
N PHE C 27 7.97 21.25 -7.17
CA PHE C 27 6.82 21.45 -6.30
C PHE C 27 7.29 21.23 -4.86
N THR C 28 6.74 22.03 -3.96
CA THR C 28 7.02 21.93 -2.53
C THR C 28 5.89 22.55 -1.73
N PHE C 29 5.71 22.03 -0.51
CA PHE C 29 4.81 22.64 0.48
C PHE C 29 5.59 23.42 1.50
N SER C 30 6.88 23.62 1.29
CA SER C 30 7.68 24.31 2.28
C SER C 30 7.70 25.80 1.99
N HIS C 31 7.91 26.59 3.05
CA HIS C 31 8.16 28.01 2.90
CA HIS C 31 8.13 28.03 2.97
C HIS C 31 9.61 28.27 3.25
N TYR C 32 10.14 29.35 2.67
CA TYR C 32 11.57 29.59 2.78
C TYR C 32 11.94 31.05 3.01
N ILE C 33 12.97 31.25 3.83
CA ILE C 33 13.71 32.47 3.83
C ILE C 33 14.56 32.47 2.55
N MET C 34 14.68 33.63 1.89
CA MET C 34 15.38 33.70 0.60
C MET C 34 16.52 34.72 0.64
N MET C 35 17.72 34.27 0.34
CA MET C 35 18.94 35.06 0.51
C MET C 35 19.74 35.15 -0.79
N TRP C 36 20.55 36.21 -0.88
CA TRP C 36 21.59 36.30 -1.88
C TRP C 36 22.91 36.35 -1.14
N VAL C 37 23.86 35.56 -1.61
CA VAL C 37 25.19 35.47 -1.04
C VAL C 37 26.19 35.62 -2.19
N ARG C 38 27.30 36.33 -1.98
CA ARG C 38 28.30 36.48 -3.05
C ARG C 38 29.71 36.07 -2.58
N GLN C 39 30.57 35.78 -3.57
CA GLN C 39 31.95 35.44 -3.32
C GLN C 39 32.86 36.09 -4.38
N ALA C 40 33.66 37.05 -3.94
CA ALA C 40 34.62 37.74 -4.80
C ALA C 40 35.79 36.81 -5.10
N PRO C 41 36.48 37.02 -6.23
CA PRO C 41 37.60 36.16 -6.63
C PRO C 41 38.59 35.97 -5.49
N GLY C 42 38.86 34.73 -5.13
CA GLY C 42 39.75 34.38 -4.00
C GLY C 42 39.32 34.78 -2.61
N LYS C 43 38.06 35.17 -2.43
CA LYS C 43 37.60 35.62 -1.12
C LYS C 43 36.57 34.65 -0.51
N GLY C 44 36.11 34.99 0.68
CA GLY C 44 35.09 34.19 1.37
C GLY C 44 33.67 34.48 0.90
N LEU C 45 32.73 33.68 1.39
CA LEU C 45 31.32 33.91 1.20
C LEU C 45 30.88 35.16 2.00
N GLU C 46 30.06 36.00 1.36
CA GLU C 46 29.54 37.20 2.00
C GLU C 46 28.03 37.26 1.76
N TRP C 47 27.26 37.23 2.85
CA TRP C 47 25.81 37.38 2.73
C TRP C 47 25.55 38.83 2.38
N VAL C 48 24.62 39.10 1.45
CA VAL C 48 24.32 40.47 1.13
C VAL C 48 22.88 40.91 1.28
N SER C 49 21.91 40.01 1.07
CA SER C 49 20.52 40.41 1.16
C SER C 49 19.60 39.23 1.43
N GLY C 50 18.45 39.53 2.01
CA GLY C 50 17.47 38.51 2.34
C GLY C 50 16.04 39.02 2.44
N ILE C 51 15.10 38.10 2.27
CA ILE C 51 13.69 38.36 2.50
C ILE C 51 13.11 37.17 3.29
N TYR C 52 12.57 37.46 4.48
CA TYR C 52 12.20 36.43 5.48
C TYR C 52 10.81 35.80 5.33
N SER C 53 9.91 36.51 4.67
CA SER C 53 8.56 35.98 4.45
C SER C 53 7.95 36.79 3.32
N SER C 54 6.82 36.32 2.77
CA SER C 54 6.21 36.99 1.63
C SER C 54 5.86 38.42 2.04
N GLY C 55 6.28 39.37 1.22
CA GLY C 55 6.17 40.80 1.53
C GLY C 55 6.65 41.17 2.93
N GLY C 56 7.71 40.53 3.40
CA GLY C 56 8.15 40.74 4.77
C GLY C 56 9.37 41.61 4.84
N ILE C 57 10.10 41.46 5.94
CA ILE C 57 11.40 42.08 6.15
C ILE C 57 12.30 41.82 4.96
N THR C 58 12.62 42.88 4.22
CA THR C 58 13.80 42.85 3.34
C THR C 58 14.97 43.52 4.06
N VAL C 59 16.11 42.86 4.05
CA VAL C 59 17.28 43.32 4.78
C VAL C 59 18.53 43.20 3.92
N TYR C 60 19.56 43.97 4.29
CA TYR C 60 20.76 44.15 3.47
C TYR C 60 22.00 44.26 4.36
N ALA C 61 23.12 43.71 3.89
CA ALA C 61 24.41 43.94 4.52
C ALA C 61 24.80 45.39 4.30
N ASP C 62 25.53 45.96 5.27
CA ASP C 62 25.95 47.37 5.10
C ASP C 62 26.71 47.61 3.80
N SER C 63 27.44 46.60 3.32
CA SER C 63 28.23 46.74 2.09
C SER C 63 27.37 47.09 0.87
N VAL C 64 26.09 46.72 0.88
CA VAL C 64 25.19 47.00 -0.26
C VAL C 64 23.96 47.83 0.07
N LYS C 65 23.72 48.12 1.35
CA LYS C 65 22.51 48.88 1.77
C LYS C 65 22.43 50.17 0.97
N GLY C 66 21.24 50.47 0.45
CA GLY C 66 21.00 51.68 -0.33
C GLY C 66 21.24 51.55 -1.82
N ARG C 67 21.92 50.47 -2.25
CA ARG C 67 22.19 50.26 -3.67
C ARG C 67 21.47 49.05 -4.29
N PHE C 68 21.12 48.07 -3.45
CA PHE C 68 20.56 46.81 -3.92
C PHE C 68 19.11 46.68 -3.43
N THR C 69 18.25 46.06 -4.24
CA THR C 69 16.87 45.74 -3.84
C THR C 69 16.55 44.27 -4.13
N ILE C 70 16.17 43.55 -3.09
CA ILE C 70 15.75 42.15 -3.22
C ILE C 70 14.23 42.08 -3.33
N SER C 71 13.72 41.23 -4.21
CA SER C 71 12.28 41.06 -4.36
C SER C 71 11.90 39.68 -4.92
N ARG C 72 10.61 39.39 -4.85
CA ARG C 72 10.01 38.13 -5.31
C ARG C 72 8.82 38.39 -6.24
N ASP C 73 8.76 37.68 -7.36
CA ASP C 73 7.56 37.59 -8.17
C ASP C 73 7.04 36.17 -8.02
N ASN C 74 6.10 35.96 -7.09
CA ASN C 74 5.55 34.62 -6.82
C ASN C 74 4.88 33.99 -8.03
N SER C 75 4.29 34.82 -8.88
CA SER C 75 3.61 34.30 -10.09
C SER C 75 4.61 33.68 -11.08
N LYS C 76 5.83 34.21 -11.13
CA LYS C 76 6.91 33.63 -11.94
C LYS C 76 7.82 32.67 -11.14
N ASN C 77 7.56 32.54 -9.85
CA ASN C 77 8.36 31.73 -8.96
C ASN C 77 9.86 32.13 -8.94
N THR C 78 10.11 33.44 -8.86
CA THR C 78 11.42 33.97 -9.12
C THR C 78 11.81 35.02 -8.06
N LEU C 79 13.06 34.91 -7.61
CA LEU C 79 13.68 35.84 -6.69
C LEU C 79 14.61 36.75 -7.51
N TYR C 80 14.58 38.05 -7.19
CA TYR C 80 15.41 39.01 -7.89
C TYR C 80 16.37 39.73 -6.95
N LEU C 81 17.46 40.20 -7.52
CA LEU C 81 18.34 41.15 -6.86
C LEU C 81 18.63 42.27 -7.86
N GLN C 82 18.05 43.44 -7.61
CA GLN C 82 18.33 44.64 -8.41
C GLN C 82 19.54 45.35 -7.83
N MET C 83 20.59 45.50 -8.62
CA MET C 83 21.84 46.09 -8.16
C MET C 83 22.13 47.38 -8.92
N ASN C 84 22.13 48.49 -8.19
CA ASN C 84 22.50 49.80 -8.72
C ASN C 84 23.82 50.34 -8.17
N SER C 85 24.30 51.42 -8.80
CA SER C 85 25.56 52.08 -8.46
C SER C 85 26.64 51.06 -8.20
N LEU C 86 26.82 50.17 -9.16
CA LEU C 86 27.77 49.06 -8.98
C LEU C 86 29.21 49.56 -9.01
N ARG C 87 30.06 48.86 -8.29
CA ARG C 87 31.48 49.21 -8.20
C ARG C 87 32.36 47.99 -8.39
N ALA C 88 33.64 48.24 -8.68
CA ALA C 88 34.61 47.18 -8.94
C ALA C 88 34.52 46.06 -7.89
N GLU C 89 34.41 46.48 -6.62
CA GLU C 89 34.41 45.56 -5.51
C GLU C 89 33.11 44.76 -5.35
N ASP C 90 32.10 45.03 -6.17
CA ASP C 90 30.91 44.16 -6.26
C ASP C 90 31.12 42.97 -7.21
N THR C 91 32.26 42.93 -7.85
CA THR C 91 32.62 41.81 -8.72
C THR C 91 32.70 40.51 -7.93
N ALA C 92 31.93 39.52 -8.37
CA ALA C 92 31.78 38.26 -7.62
C ALA C 92 30.83 37.28 -8.29
N VAL C 93 30.86 36.04 -7.80
CA VAL C 93 29.81 35.07 -8.12
C VAL C 93 28.69 35.31 -7.13
N TYR C 94 27.47 35.42 -7.63
CA TYR C 94 26.29 35.61 -6.80
C TYR C 94 25.46 34.33 -6.76
N TYR C 95 25.12 33.89 -5.55
CA TYR C 95 24.32 32.71 -5.30
C TYR C 95 23.01 33.09 -4.62
N CYS C 96 21.92 32.44 -5.01
CA CYS C 96 20.69 32.51 -4.24
C CYS C 96 20.60 31.24 -3.38
N ALA C 97 19.97 31.38 -2.22
CA ALA C 97 19.84 30.27 -1.28
C ALA C 97 18.49 30.37 -0.60
N TYR C 98 17.90 29.20 -0.37
CA TYR C 98 16.64 29.05 0.37
C TYR C 98 16.93 28.33 1.68
N ARG C 99 16.27 28.80 2.74
CA ARG C 99 16.37 28.19 4.02
C ARG C 99 14.96 27.87 4.58
N ARG C 100 14.80 26.62 4.99
CA ARG C 100 13.54 26.05 5.47
C ARG C 100 13.04 26.73 6.75
N ILE C 101 11.80 27.15 6.68
CA ILE C 101 11.08 27.68 7.84
C ILE C 101 10.33 26.56 8.53
N GLY C 102 10.47 26.49 9.85
CA GLY C 102 9.67 25.62 10.69
C GLY C 102 10.27 24.22 10.98
N VAL C 103 9.42 23.27 11.34
CA VAL C 103 9.87 21.96 11.80
C VAL C 103 10.51 21.21 10.61
N PRO C 104 11.51 20.36 10.89
CA PRO C 104 12.06 19.51 9.85
C PRO C 104 11.03 18.44 9.43
N ARG C 105 10.84 18.30 8.13
CA ARG C 105 9.92 17.34 7.56
C ARG C 105 10.65 16.37 6.65
N ARG C 106 11.62 15.68 7.24
CA ARG C 106 12.45 14.67 6.54
C ARG C 106 13.17 15.24 5.37
N ASP C 107 13.49 16.52 5.44
CA ASP C 107 13.91 17.28 4.31
C ASP C 107 15.12 18.19 4.63
N GLU C 108 15.43 19.06 3.69
CA GLU C 108 16.65 19.85 3.70
C GLU C 108 16.42 21.23 4.35
N PHE C 109 17.38 21.67 5.15
CA PHE C 109 17.38 23.01 5.75
C PHE C 109 17.78 24.07 4.74
N ASP C 110 18.73 23.74 3.85
CA ASP C 110 19.24 24.66 2.82
C ASP C 110 19.01 24.14 1.40
N ILE C 111 18.71 25.08 0.49
CA ILE C 111 18.81 24.83 -0.96
C ILE C 111 19.63 25.96 -1.61
N TRP C 112 20.60 25.60 -2.45
CA TRP C 112 21.51 26.54 -3.10
C TRP C 112 21.46 26.48 -4.62
N GLY C 113 21.56 27.65 -5.24
CA GLY C 113 21.75 27.73 -6.68
C GLY C 113 23.15 27.35 -7.13
N GLN C 114 23.43 27.64 -8.40
CA GLN C 114 24.67 27.30 -9.08
C GLN C 114 25.63 28.48 -9.10
N GLY C 115 25.10 29.69 -8.97
CA GLY C 115 25.89 30.93 -8.97
C GLY C 115 25.90 31.61 -10.32
N THR C 116 25.96 32.93 -10.35
CA THR C 116 26.09 33.64 -11.62
C THR C 116 27.15 34.74 -11.47
N MET C 117 28.02 34.87 -12.48
CA MET C 117 29.20 35.77 -12.40
C MET C 117 28.84 37.22 -12.76
N VAL C 118 29.18 38.13 -11.87
CA VAL C 118 29.02 39.56 -12.10
C VAL C 118 30.41 40.22 -12.09
N THR C 119 30.72 40.96 -13.17
CA THR C 119 32.01 41.64 -13.31
C THR C 119 31.76 43.13 -13.52
N VAL C 120 32.27 43.97 -12.62
CA VAL C 120 32.12 45.41 -12.71
C VAL C 120 33.49 46.03 -12.97
N SER C 121 33.64 46.65 -14.14
CA SER C 121 34.92 47.17 -14.57
C SER C 121 34.72 48.17 -15.68
N SER C 122 35.56 49.20 -15.66
CA SER C 122 35.58 50.15 -16.76
C SER C 122 36.59 49.74 -17.85
N ALA C 123 37.27 48.61 -17.68
CA ALA C 123 38.31 48.20 -18.66
C ALA C 123 37.74 47.87 -20.04
N SER C 124 38.56 48.09 -21.06
CA SER C 124 38.23 47.75 -22.43
C SER C 124 38.67 46.32 -22.76
N THR C 125 37.82 45.58 -23.48
CA THR C 125 38.13 44.21 -23.90
C THR C 125 39.36 44.20 -24.80
N LYS C 126 40.32 43.37 -24.43
CA LYS C 126 41.61 43.38 -25.07
C LYS C 126 42.35 42.06 -24.85
N GLY C 127 42.90 41.52 -25.94
CA GLY C 127 43.73 40.32 -25.88
C GLY C 127 45.10 40.60 -25.24
N PRO C 128 45.72 39.57 -24.67
CA PRO C 128 46.97 39.72 -23.96
C PRO C 128 48.19 39.99 -24.85
N SER C 129 49.18 40.70 -24.30
CA SER C 129 50.54 40.66 -24.84
C SER C 129 51.26 39.46 -24.21
N VAL C 130 51.93 38.66 -25.03
CA VAL C 130 52.63 37.47 -24.55
C VAL C 130 54.15 37.68 -24.71
N PHE C 131 54.86 37.56 -23.59
CA PHE C 131 56.31 37.72 -23.55
C PHE C 131 56.96 36.43 -23.07
N PRO C 132 58.15 36.13 -23.58
CA PRO C 132 58.82 34.91 -23.15
C PRO C 132 59.46 35.04 -21.77
N LEU C 133 59.43 33.94 -21.02
CA LEU C 133 60.25 33.80 -19.82
C LEU C 133 61.35 32.81 -20.24
N ALA C 134 62.47 33.34 -20.67
CA ALA C 134 63.52 32.55 -21.33
C ALA C 134 64.31 31.74 -20.31
N PRO C 135 64.66 30.49 -20.65
CA PRO C 135 65.42 29.63 -19.72
C PRO C 135 66.80 30.20 -19.51
N SER C 136 67.25 30.24 -18.27
CA SER C 136 68.53 30.87 -17.95
C SER C 136 69.75 30.08 -18.49
N SER C 137 70.77 30.83 -18.90
CA SER C 137 72.05 30.27 -19.37
C SER C 137 72.71 29.47 -18.24
N LYS C 138 72.68 30.00 -17.02
CA LYS C 138 73.20 29.30 -15.86
C LYS C 138 72.23 28.18 -15.51
N GLY C 143 70.77 19.19 -15.12
CA GLY C 143 69.58 18.79 -14.38
C GLY C 143 68.35 19.33 -15.08
N THR C 144 67.62 20.23 -14.39
CA THR C 144 66.30 20.70 -14.81
C THR C 144 66.27 22.22 -15.02
N ALA C 145 65.63 22.66 -16.09
CA ALA C 145 65.46 24.08 -16.39
C ALA C 145 64.00 24.46 -16.36
N ALA C 146 63.74 25.76 -16.12
CA ALA C 146 62.39 26.32 -16.17
C ALA C 146 62.29 27.38 -17.28
N LEU C 147 61.15 27.42 -17.93
CA LEU C 147 60.84 28.45 -18.92
C LEU C 147 59.36 28.71 -18.88
N GLY C 148 58.93 29.78 -19.52
CA GLY C 148 57.51 30.15 -19.47
C GLY C 148 57.09 31.27 -20.40
N CYS C 149 55.85 31.67 -20.22
CA CYS C 149 55.23 32.79 -20.94
C CYS C 149 54.53 33.69 -19.94
N LEU C 150 54.81 34.98 -20.04
CA LEU C 150 54.14 36.01 -19.28
C LEU C 150 53.02 36.53 -20.16
N VAL C 151 51.79 36.39 -19.66
CA VAL C 151 50.57 36.70 -20.41
C VAL C 151 49.93 37.92 -19.75
N LYS C 152 50.19 39.07 -20.35
CA LYS C 152 49.99 40.33 -19.68
C LYS C 152 48.96 41.24 -20.33
N ASP C 153 48.24 41.94 -19.47
CA ASP C 153 47.36 43.06 -19.84
C ASP C 153 46.17 42.69 -20.71
N TYR C 154 45.41 41.70 -20.28
CA TYR C 154 44.20 41.31 -20.98
C TYR C 154 42.97 41.58 -20.11
N PHE C 155 41.83 41.64 -20.78
CA PHE C 155 40.53 41.80 -20.15
C PHE C 155 39.44 41.35 -21.11
N PRO C 156 38.41 40.65 -20.59
CA PRO C 156 38.24 40.12 -19.22
C PRO C 156 38.84 38.72 -19.12
N GLU C 157 38.69 38.08 -17.96
CA GLU C 157 38.93 36.65 -17.86
C GLU C 157 37.97 35.88 -18.78
N PRO C 158 38.33 34.64 -19.17
CA PRO C 158 39.61 33.96 -18.90
C PRO C 158 40.50 33.91 -20.12
N VAL C 159 41.72 33.48 -19.91
CA VAL C 159 42.58 32.97 -20.99
C VAL C 159 42.86 31.50 -20.76
N THR C 160 43.20 30.79 -21.84
CA THR C 160 43.75 29.44 -21.74
C THR C 160 45.17 29.40 -22.30
N VAL C 161 46.01 28.61 -21.69
CA VAL C 161 47.38 28.44 -22.16
C VAL C 161 47.68 26.95 -22.35
N SER C 162 48.24 26.61 -23.51
CA SER C 162 48.79 25.26 -23.74
C SER C 162 50.25 25.42 -24.16
N TRP C 163 50.97 24.31 -24.17
CA TRP C 163 52.35 24.28 -24.60
C TRP C 163 52.50 23.27 -25.73
N ASN C 164 53.17 23.67 -26.80
CA ASN C 164 53.35 22.84 -27.97
C ASN C 164 52.03 22.20 -28.40
N SER C 165 51.01 23.05 -28.46
CA SER C 165 49.67 22.69 -28.95
C SER C 165 49.05 21.52 -28.19
N GLY C 166 49.36 21.43 -26.89
CA GLY C 166 48.80 20.39 -26.03
C GLY C 166 49.65 19.16 -25.90
N ALA C 167 50.77 19.10 -26.64
CA ALA C 167 51.68 17.96 -26.61
C ALA C 167 52.53 17.92 -25.33
N LEU C 168 52.72 19.09 -24.72
CA LEU C 168 53.49 19.18 -23.48
C LEU C 168 52.57 19.57 -22.32
N THR C 169 52.39 18.63 -21.39
CA THR C 169 51.51 18.87 -20.24
C THR C 169 52.22 18.63 -18.91
N SER C 170 53.16 17.68 -18.89
CA SER C 170 53.86 17.34 -17.68
C SER C 170 54.73 18.48 -17.16
N GLY C 171 54.55 18.82 -15.89
CA GLY C 171 55.31 19.88 -15.23
C GLY C 171 54.91 21.32 -15.57
N VAL C 172 53.78 21.47 -16.26
CA VAL C 172 53.21 22.79 -16.54
C VAL C 172 52.52 23.33 -15.30
N HIS C 173 52.74 24.61 -15.00
CA HIS C 173 51.94 25.30 -13.98
C HIS C 173 51.46 26.63 -14.59
N THR C 174 50.16 26.76 -14.79
CA THR C 174 49.60 28.03 -15.20
C THR C 174 48.98 28.68 -13.98
N PHE C 175 49.52 29.83 -13.58
CA PHE C 175 49.06 30.52 -12.37
C PHE C 175 47.71 31.22 -12.55
N PRO C 176 46.93 31.28 -11.47
CA PRO C 176 45.71 32.10 -11.51
C PRO C 176 46.10 33.52 -11.83
N ALA C 177 45.24 34.22 -12.56
CA ALA C 177 45.54 35.56 -12.97
C ALA C 177 45.44 36.50 -11.79
N VAL C 178 46.12 37.63 -11.91
CA VAL C 178 46.08 38.66 -10.92
C VAL C 178 45.44 39.90 -11.57
N LEU C 179 44.57 40.59 -10.82
CA LEU C 179 44.00 41.84 -11.26
C LEU C 179 44.94 43.01 -10.92
N GLN C 180 45.50 43.66 -11.94
CA GLN C 180 46.46 44.73 -11.74
C GLN C 180 45.72 46.02 -11.43
N SER C 181 46.44 47.02 -10.94
CA SER C 181 45.82 48.32 -10.60
C SER C 181 45.30 49.01 -11.85
N SER C 182 45.88 48.70 -13.00
CA SER C 182 45.38 49.18 -14.28
C SER C 182 43.97 48.70 -14.57
N GLY C 183 43.51 47.65 -13.90
CA GLY C 183 42.23 47.02 -14.24
C GLY C 183 42.33 45.90 -15.27
N LEU C 184 43.56 45.62 -15.71
CA LEU C 184 43.85 44.50 -16.60
C LEU C 184 44.48 43.31 -15.84
N TYR C 185 44.29 42.11 -16.39
CA TYR C 185 44.77 40.89 -15.79
C TYR C 185 46.15 40.52 -16.30
N SER C 186 46.86 39.74 -15.50
CA SER C 186 48.15 39.15 -15.86
C SER C 186 48.34 37.78 -15.21
N LEU C 187 49.00 36.87 -15.94
CA LEU C 187 49.44 35.60 -15.37
C LEU C 187 50.70 35.11 -16.09
N SER C 188 51.39 34.16 -15.46
CA SER C 188 52.45 33.40 -16.11
C SER C 188 52.08 31.94 -16.18
N SER C 189 52.54 31.28 -17.24
CA SER C 189 52.51 29.84 -17.35
C SER C 189 53.95 29.35 -17.49
N VAL C 190 54.34 28.42 -16.64
CA VAL C 190 55.70 27.91 -16.66
C VAL C 190 55.70 26.38 -16.84
N VAL C 191 56.88 25.89 -17.19
CA VAL C 191 57.11 24.47 -17.35
C VAL C 191 58.58 24.18 -17.08
N THR C 192 58.86 23.05 -16.45
CA THR C 192 60.23 22.60 -16.21
C THR C 192 60.52 21.43 -17.15
N VAL C 193 61.70 21.48 -17.77
CA VAL C 193 62.15 20.50 -18.74
C VAL C 193 63.62 20.20 -18.46
N PRO C 194 64.13 19.10 -19.05
CA PRO C 194 65.56 18.82 -18.93
C PRO C 194 66.44 19.91 -19.55
N SER C 195 67.45 20.35 -18.80
CA SER C 195 68.47 21.27 -19.33
C SER C 195 69.08 20.81 -20.63
N SER C 196 69.28 19.50 -20.76
CA SER C 196 69.86 18.94 -22.00
C SER C 196 68.96 19.08 -23.23
N SER C 197 67.69 19.45 -23.01
CA SER C 197 66.74 19.61 -24.10
C SER C 197 66.67 21.05 -24.64
N LEU C 198 67.29 22.01 -23.97
CA LEU C 198 67.09 23.43 -24.35
C LEU C 198 67.63 23.79 -25.75
N GLY C 199 68.64 23.06 -26.22
CA GLY C 199 69.26 23.36 -27.51
C GLY C 199 68.54 22.75 -28.70
N THR C 200 67.85 21.63 -28.49
CA THR C 200 67.28 20.81 -29.58
C THR C 200 65.75 20.81 -29.65
N GLN C 201 65.10 21.20 -28.56
CA GLN C 201 63.67 21.06 -28.47
C GLN C 201 63.05 22.44 -28.65
N THR C 202 61.90 22.48 -29.30
CA THR C 202 61.17 23.71 -29.51
C THR C 202 60.05 23.80 -28.50
N TYR C 203 59.95 24.97 -27.87
CA TYR C 203 58.90 25.21 -26.86
C TYR C 203 58.06 26.46 -27.22
N ILE C 204 56.76 26.24 -27.41
CA ILE C 204 55.83 27.30 -27.82
C ILE C 204 54.61 27.30 -26.90
N CYS C 205 54.29 28.46 -26.32
CA CYS C 205 53.06 28.58 -25.52
C CYS C 205 51.93 29.06 -26.42
N ASN C 206 50.76 28.45 -26.31
CA ASN C 206 49.59 28.80 -27.11
C ASN C 206 48.53 29.47 -26.23
N VAL C 207 48.32 30.75 -26.46
CA VAL C 207 47.52 31.57 -25.57
C VAL C 207 46.26 31.98 -26.29
N ASN C 208 45.12 31.52 -25.80
CA ASN C 208 43.84 31.88 -26.38
C ASN C 208 43.01 32.78 -25.45
N HIS C 209 42.38 33.79 -26.02
CA HIS C 209 41.48 34.72 -25.28
C HIS C 209 40.20 34.87 -26.08
N LYS C 210 39.17 34.06 -25.74
CA LYS C 210 37.89 34.02 -26.48
C LYS C 210 37.19 35.37 -26.55
N PRO C 211 37.16 36.12 -25.43
CA PRO C 211 36.46 37.41 -25.45
C PRO C 211 36.94 38.39 -26.53
N SER C 212 38.23 38.38 -26.84
CA SER C 212 38.75 39.24 -27.92
C SER C 212 38.98 38.46 -29.24
N ASN C 213 38.64 37.17 -29.23
CA ASN C 213 38.87 36.25 -30.35
C ASN C 213 40.32 36.28 -30.81
N THR C 214 41.24 36.19 -29.86
CA THR C 214 42.66 36.23 -30.19
C THR C 214 43.33 34.91 -29.78
N LYS C 215 44.26 34.48 -30.62
CA LYS C 215 45.11 33.33 -30.40
C LYS C 215 46.54 33.76 -30.68
N VAL C 216 47.43 33.55 -29.72
CA VAL C 216 48.85 33.91 -29.88
C VAL C 216 49.74 32.71 -29.54
N ASP C 217 50.62 32.38 -30.47
CA ASP C 217 51.66 31.37 -30.22
C ASP C 217 52.99 32.09 -30.07
N LYS C 218 53.72 31.82 -28.99
CA LYS C 218 54.99 32.47 -28.73
C LYS C 218 56.08 31.45 -28.45
N ARG C 219 57.13 31.48 -29.28
CA ARG C 219 58.28 30.60 -29.16
C ARG C 219 59.12 31.09 -28.00
N VAL C 220 59.50 30.18 -27.11
CA VAL C 220 60.32 30.53 -25.98
C VAL C 220 61.71 29.88 -26.10
N GLU C 221 62.77 30.68 -26.29
CA GLU C 221 64.12 30.18 -26.54
C GLU C 221 65.14 30.63 -25.54
N PRO C 222 66.23 29.85 -25.38
CA PRO C 222 67.41 30.36 -24.70
C PRO C 222 67.89 31.68 -25.26
N LYS C 223 68.32 32.57 -24.37
CA LYS C 223 68.59 33.97 -24.70
C LYS C 223 69.99 34.09 -25.29
N ASP D 1 28.10 44.85 13.64
CA ASP D 1 27.93 43.51 13.03
C ASP D 1 28.52 42.42 13.94
N ILE D 2 27.96 41.22 13.86
CA ILE D 2 28.53 40.05 14.53
C ILE D 2 29.69 39.55 13.66
N GLN D 3 30.92 39.57 14.19
CA GLN D 3 32.08 39.07 13.46
C GLN D 3 32.39 37.62 13.84
N MET D 4 32.67 36.82 12.81
CA MET D 4 32.95 35.40 12.96
C MET D 4 34.41 35.12 12.57
N THR D 5 35.16 34.48 13.46
CA THR D 5 36.58 34.16 13.27
C THR D 5 36.80 32.68 13.36
N GLN D 6 37.35 32.10 12.32
CA GLN D 6 37.62 30.68 12.28
C GLN D 6 39.09 30.42 12.57
N SER D 7 39.38 29.30 13.22
CA SER D 7 40.76 28.88 13.37
C SER D 7 40.86 27.37 13.30
N PRO D 8 41.96 26.86 12.70
CA PRO D 8 43.03 27.62 12.06
C PRO D 8 42.57 28.11 10.69
N SER D 9 43.41 28.87 10.00
CA SER D 9 43.05 29.34 8.66
C SER D 9 43.28 28.26 7.61
N THR D 10 44.29 27.44 7.87
CA THR D 10 44.57 26.27 7.07
CA THR D 10 44.61 26.28 7.05
C THR D 10 44.97 25.13 7.99
N LEU D 11 44.70 23.93 7.56
CA LEU D 11 45.17 22.79 8.28
C LEU D 11 45.41 21.65 7.35
N SER D 12 46.48 20.93 7.65
CA SER D 12 46.99 19.86 6.82
C SER D 12 46.64 18.56 7.46
N ALA D 13 46.14 17.60 6.69
CA ALA D 13 45.73 16.33 7.26
C ALA D 13 45.78 15.23 6.23
N SER D 14 45.63 13.99 6.72
CA SER D 14 45.63 12.80 5.88
C SER D 14 44.29 12.09 5.99
N VAL D 15 43.96 11.30 4.97
CA VAL D 15 42.77 10.44 5.00
C VAL D 15 42.83 9.60 6.28
N GLY D 16 41.71 9.47 6.96
CA GLY D 16 41.68 8.75 8.23
C GLY D 16 41.91 9.59 9.47
N ASP D 17 42.41 10.81 9.34
CA ASP D 17 42.60 11.68 10.51
C ASP D 17 41.27 12.19 11.10
N ARG D 18 41.30 12.51 12.39
CA ARG D 18 40.23 13.23 13.03
C ARG D 18 40.58 14.69 12.93
N VAL D 19 39.67 15.50 12.42
CA VAL D 19 39.93 16.91 12.16
C VAL D 19 38.94 17.77 12.93
N THR D 20 39.44 18.82 13.60
CA THR D 20 38.60 19.76 14.34
C THR D 20 38.87 21.21 13.91
N ILE D 21 37.80 21.97 13.66
CA ILE D 21 37.88 23.37 13.25
C ILE D 21 37.01 24.15 14.20
N THR D 22 37.46 25.34 14.55
CA THR D 22 36.80 26.16 15.52
C THR D 22 36.30 27.47 14.88
N CYS D 23 35.23 27.99 15.44
CA CYS D 23 34.62 29.20 15.00
C CYS D 23 34.23 29.98 16.24
N ARG D 24 34.61 31.27 16.28
CA ARG D 24 34.29 32.15 17.39
C ARG D 24 33.42 33.31 16.92
N ALA D 25 32.37 33.63 17.67
CA ALA D 25 31.51 34.80 17.39
C ALA D 25 31.86 35.97 18.33
N SER D 26 31.77 37.19 17.83
CA SER D 26 32.16 38.38 18.63
C SER D 26 31.15 38.67 19.73
N GLN D 27 29.94 38.11 19.62
CA GLN D 27 28.97 38.14 20.70
C GLN D 27 28.14 36.86 20.64
N SER D 28 27.30 36.64 21.64
CA SER D 28 26.58 35.38 21.73
C SER D 28 25.62 35.21 20.58
N ILE D 29 25.60 34.02 19.99
CA ILE D 29 24.65 33.71 18.91
C ILE D 29 23.80 32.50 19.25
N SER D 30 23.74 32.19 20.55
CA SER D 30 23.10 30.98 21.07
C SER D 30 23.58 29.78 20.28
N SER D 31 22.68 29.00 19.70
CA SER D 31 23.06 27.85 18.90
C SER D 31 22.78 28.09 17.38
N TRP D 32 22.59 29.35 16.98
CA TRP D 32 22.24 29.68 15.58
C TRP D 32 23.50 29.74 14.69
N LEU D 33 24.14 28.59 14.56
CA LEU D 33 25.41 28.49 13.85
C LEU D 33 25.33 27.31 12.89
N ALA D 34 25.74 27.53 11.65
CA ALA D 34 25.79 26.49 10.63
C ALA D 34 27.21 26.32 10.07
N TRP D 35 27.50 25.14 9.56
CA TRP D 35 28.76 24.86 8.92
C TRP D 35 28.59 24.42 7.48
N TYR D 36 29.49 24.90 6.61
CA TYR D 36 29.46 24.60 5.21
C TYR D 36 30.77 24.06 4.67
N GLN D 37 30.65 23.30 3.60
CA GLN D 37 31.80 22.83 2.84
C GLN D 37 31.72 23.46 1.47
N GLN D 38 32.87 23.91 0.96
CA GLN D 38 32.91 24.45 -0.40
C GLN D 38 34.17 23.99 -1.12
N LYS D 39 33.98 23.53 -2.34
CA LYS D 39 35.09 23.21 -3.24
C LYS D 39 35.25 24.33 -4.28
N PRO D 40 36.48 24.54 -4.81
CA PRO D 40 36.74 25.62 -5.76
C PRO D 40 35.74 25.60 -6.91
N GLY D 41 35.16 26.74 -7.21
CA GLY D 41 34.23 26.88 -8.36
C GLY D 41 32.83 26.33 -8.15
N LYS D 42 32.50 25.88 -6.93
CA LYS D 42 31.21 25.26 -6.68
C LYS D 42 30.46 26.00 -5.57
N ALA D 43 29.13 25.93 -5.61
CA ALA D 43 28.31 26.39 -4.53
C ALA D 43 28.65 25.68 -3.21
N PRO D 44 28.54 26.38 -2.08
CA PRO D 44 28.77 25.69 -0.81
C PRO D 44 27.65 24.69 -0.52
N LYS D 45 27.94 23.72 0.35
CA LYS D 45 26.97 22.70 0.80
C LYS D 45 26.85 22.75 2.30
N LEU D 46 25.62 22.75 2.79
CA LEU D 46 25.38 22.78 4.21
C LEU D 46 25.71 21.42 4.83
N LEU D 47 26.45 21.44 5.93
CA LEU D 47 26.76 20.24 6.70
C LEU D 47 25.96 20.11 7.99
N ILE D 48 25.93 21.19 8.75
CA ILE D 48 25.44 21.20 10.14
C ILE D 48 24.68 22.50 10.38
N TYR D 49 23.54 22.42 11.05
CA TYR D 49 22.82 23.63 11.47
C TYR D 49 22.40 23.55 12.92
N LYS D 50 21.97 24.69 13.46
CA LYS D 50 21.70 24.82 14.90
C LYS D 50 22.83 24.21 15.74
N ALA D 51 24.07 24.46 15.33
CA ALA D 51 25.30 24.07 16.01
C ALA D 51 25.67 22.61 15.94
N SER D 52 24.69 21.72 16.01
CA SER D 52 24.99 20.31 16.08
C SER D 52 24.03 19.39 15.34
N THR D 53 23.07 19.92 14.58
CA THR D 53 22.15 19.09 13.81
C THR D 53 22.68 18.82 12.41
N LEU D 54 22.70 17.55 12.05
CA LEU D 54 23.18 17.10 10.77
C LEU D 54 22.18 17.36 9.66
N GLU D 55 22.63 18.05 8.61
CA GLU D 55 21.73 18.30 7.47
C GLU D 55 21.36 16.98 6.77
N SER D 56 20.18 16.99 6.16
CA SER D 56 19.70 15.88 5.32
C SER D 56 20.73 15.45 4.30
N GLY D 57 21.06 14.18 4.29
CA GLY D 57 21.96 13.64 3.28
C GLY D 57 23.44 13.73 3.62
N VAL D 58 23.80 14.42 4.70
CA VAL D 58 25.21 14.60 5.07
C VAL D 58 25.74 13.40 5.85
N PRO D 59 26.94 12.89 5.50
CA PRO D 59 27.49 11.72 6.18
C PRO D 59 27.71 11.97 7.64
N SER D 60 27.59 10.90 8.42
CA SER D 60 27.63 11.01 9.86
C SER D 60 29.02 11.27 10.44
N ARG D 61 30.09 11.10 9.67
CA ARG D 61 31.42 11.52 10.12
C ARG D 61 31.49 13.04 10.46
N PHE D 62 30.55 13.85 9.95
CA PHE D 62 30.50 15.28 10.32
C PHE D 62 29.66 15.47 11.57
N SER D 63 30.18 16.23 12.54
CA SER D 63 29.44 16.62 13.73
C SER D 63 29.84 18.01 14.20
N GLY D 64 28.98 18.63 14.98
CA GLY D 64 29.29 19.97 15.50
C GLY D 64 28.91 20.07 16.94
N SER D 65 29.59 20.97 17.67
CA SER D 65 29.19 21.30 19.03
C SER D 65 29.46 22.78 19.35
N GLY D 66 28.92 23.23 20.48
CA GLY D 66 29.13 24.58 20.99
C GLY D 66 27.84 25.37 21.05
N SER D 67 27.88 26.46 21.82
CA SER D 67 26.78 27.40 21.94
C SER D 67 27.36 28.65 22.60
N GLY D 68 26.72 29.80 22.35
CA GLY D 68 27.25 31.08 22.82
C GLY D 68 28.18 31.70 21.80
N THR D 69 29.48 31.57 22.03
CA THR D 69 30.48 32.22 21.20
C THR D 69 31.56 31.29 20.65
N GLU D 70 31.61 30.02 21.07
CA GLU D 70 32.70 29.15 20.61
C GLU D 70 32.16 27.82 20.13
N PHE D 71 32.50 27.48 18.89
CA PHE D 71 31.92 26.34 18.20
C PHE D 71 33.00 25.52 17.53
N THR D 72 32.76 24.21 17.41
CA THR D 72 33.64 23.32 16.66
C THR D 72 32.86 22.46 15.64
N LEU D 73 33.55 22.19 14.55
CA LEU D 73 33.17 21.18 13.58
C LEU D 73 34.19 20.08 13.64
N THR D 74 33.73 18.85 13.66
CA THR D 74 34.62 17.70 13.67
C THR D 74 34.30 16.75 12.56
N ILE D 75 35.35 16.30 11.90
CA ILE D 75 35.28 15.24 10.93
C ILE D 75 35.98 14.03 11.54
N SER D 76 35.20 13.01 11.86
CA SER D 76 35.72 11.93 12.72
C SER D 76 36.81 11.12 12.01
N SER D 77 36.65 10.91 10.71
CA SER D 77 37.68 10.21 9.91
C SER D 77 37.71 10.79 8.51
N LEU D 78 38.75 11.58 8.17
CA LEU D 78 38.74 12.37 6.94
C LEU D 78 38.76 11.46 5.73
N GLN D 79 37.92 11.77 4.73
CA GLN D 79 37.87 11.03 3.46
C GLN D 79 38.39 11.90 2.34
N PRO D 80 38.79 11.28 1.20
CA PRO D 80 39.33 12.06 0.07
C PRO D 80 38.42 13.18 -0.40
N ASP D 81 37.11 12.96 -0.33
CA ASP D 81 36.13 13.98 -0.74
C ASP D 81 36.12 15.22 0.21
N ASP D 82 36.81 15.16 1.36
CA ASP D 82 36.65 16.18 2.43
C ASP D 82 37.66 17.33 2.37
N PHE D 83 38.67 17.21 1.51
CA PHE D 83 39.62 18.30 1.31
C PHE D 83 38.90 19.43 0.57
N ALA D 84 38.84 20.60 1.20
CA ALA D 84 37.91 21.64 0.80
C ALA D 84 38.08 22.78 1.77
N THR D 85 37.38 23.87 1.52
CA THR D 85 37.30 24.95 2.51
C THR D 85 35.97 24.88 3.26
N TYR D 86 36.04 25.09 4.58
CA TYR D 86 34.89 25.03 5.47
C TYR D 86 34.61 26.42 6.06
N TYR D 87 33.32 26.78 6.08
CA TYR D 87 32.90 28.07 6.60
C TYR D 87 31.89 27.86 7.68
N CYS D 88 32.02 28.63 8.77
CA CYS D 88 30.92 28.72 9.70
C CYS D 88 30.04 29.91 9.31
N GLN D 89 28.83 29.92 9.83
CA GLN D 89 27.83 30.97 9.53
C GLN D 89 26.97 31.20 10.73
N GLN D 90 26.97 32.40 11.29
CA GLN D 90 25.99 32.74 12.30
C GLN D 90 24.69 33.17 11.61
N TYR D 91 23.57 32.76 12.16
CA TYR D 91 22.27 33.23 11.68
C TYR D 91 21.36 33.67 12.84
N ASN D 92 21.98 34.17 13.90
CA ASN D 92 21.31 34.90 14.98
C ASN D 92 20.71 36.20 14.45
N THR D 93 21.53 36.98 13.72
CA THR D 93 21.07 38.23 13.10
C THR D 93 21.52 38.27 11.65
N TYR D 94 20.57 38.16 10.73
CA TYR D 94 20.85 37.92 9.32
C TYR D 94 21.81 36.72 9.15
N TRP D 95 22.76 36.82 8.24
CA TRP D 95 23.81 35.81 8.08
C TRP D 95 25.14 36.52 8.09
N THR D 96 26.12 35.94 8.79
CA THR D 96 27.53 36.28 8.59
C THR D 96 28.40 35.05 8.57
N PHE D 97 29.28 35.00 7.59
CA PHE D 97 30.17 33.85 7.42
C PHE D 97 31.51 34.16 8.04
N GLY D 98 32.14 33.14 8.59
CA GLY D 98 33.56 33.21 8.90
C GLY D 98 34.40 33.29 7.65
N GLN D 99 35.69 33.49 7.83
CA GLN D 99 36.62 33.71 6.71
C GLN D 99 37.06 32.40 6.06
N GLY D 100 36.74 31.26 6.68
CA GLY D 100 37.03 29.96 6.08
C GLY D 100 38.29 29.27 6.61
N THR D 101 38.27 27.95 6.60
CA THR D 101 39.41 27.10 6.98
C THR D 101 39.62 26.11 5.86
N LYS D 102 40.80 26.17 5.22
CA LYS D 102 41.10 25.26 4.16
C LYS D 102 41.71 23.99 4.78
N VAL D 103 41.20 22.84 4.36
CA VAL D 103 41.70 21.55 4.81
C VAL D 103 42.40 20.95 3.60
N GLU D 104 43.72 20.81 3.72
CA GLU D 104 44.59 20.41 2.60
C GLU D 104 45.36 19.12 2.93
N ILE D 105 45.98 18.55 1.90
CA ILE D 105 46.60 17.23 2.00
C ILE D 105 48.02 17.34 2.55
N LYS D 106 48.27 16.64 3.66
CA LYS D 106 49.59 16.70 4.30
C LYS D 106 50.55 15.76 3.59
N ARG D 107 51.81 16.16 3.50
CA ARG D 107 52.87 15.35 2.93
C ARG D 107 54.20 15.80 3.52
N THR D 108 55.31 15.17 3.12
CA THR D 108 56.61 15.58 3.59
C THR D 108 57.03 16.91 3.03
N VAL D 109 57.92 17.57 3.75
CA VAL D 109 58.55 18.81 3.31
C VAL D 109 59.27 18.64 1.94
N ALA D 110 59.11 19.64 1.08
CA ALA D 110 59.77 19.71 -0.21
C ALA D 110 60.18 21.12 -0.49
N ALA D 111 61.47 21.33 -0.72
CA ALA D 111 62.02 22.62 -1.02
C ALA D 111 61.62 23.05 -2.40
N PRO D 112 61.38 24.36 -2.57
CA PRO D 112 61.12 24.88 -3.91
C PRO D 112 62.38 24.88 -4.75
N SER D 113 62.26 24.61 -6.05
CA SER D 113 63.30 24.95 -6.99
C SER D 113 62.99 26.38 -7.39
N VAL D 114 63.98 27.24 -7.33
CA VAL D 114 63.75 28.66 -7.52
C VAL D 114 64.42 29.16 -8.82
N PHE D 115 63.69 29.95 -9.60
CA PHE D 115 64.18 30.46 -10.88
C PHE D 115 63.81 31.94 -11.00
N ILE D 116 64.75 32.75 -11.50
CA ILE D 116 64.48 34.17 -11.75
C ILE D 116 64.53 34.41 -13.25
N PHE D 117 63.62 35.24 -13.75
CA PHE D 117 63.52 35.58 -15.17
C PHE D 117 63.56 37.10 -15.31
N PRO D 118 64.50 37.62 -16.12
CA PRO D 118 64.49 39.03 -16.46
C PRO D 118 63.37 39.38 -17.42
N PRO D 119 63.02 40.67 -17.52
CA PRO D 119 62.06 41.10 -18.52
C PRO D 119 62.61 40.87 -19.92
N SER D 120 61.73 40.60 -20.87
CA SER D 120 62.13 40.43 -22.26
C SER D 120 62.46 41.78 -22.86
N ASP D 121 63.24 41.78 -23.94
CA ASP D 121 63.53 43.02 -24.66
C ASP D 121 62.25 43.54 -25.29
N GLU D 122 61.44 42.62 -25.83
CA GLU D 122 60.15 43.00 -26.42
CA GLU D 122 60.15 42.98 -26.43
C GLU D 122 59.36 43.85 -25.46
N GLN D 123 59.26 43.39 -24.20
CA GLN D 123 58.47 44.10 -23.19
C GLN D 123 59.09 45.43 -22.80
N LEU D 124 60.39 45.45 -22.62
CA LEU D 124 61.09 46.68 -22.27
C LEU D 124 60.81 47.83 -23.23
N LYS D 125 60.85 47.55 -24.53
CA LYS D 125 60.67 48.62 -25.53
C LYS D 125 59.26 49.22 -25.48
N SER D 126 58.31 48.47 -24.95
CA SER D 126 56.98 49.00 -24.70
C SER D 126 56.87 49.81 -23.39
N GLY D 127 57.97 49.95 -22.64
CA GLY D 127 58.00 50.84 -21.48
C GLY D 127 57.79 50.26 -20.07
N THR D 128 57.55 48.96 -19.97
CA THR D 128 57.36 48.31 -18.67
C THR D 128 58.24 47.08 -18.52
N ALA D 129 58.71 46.84 -17.30
CA ALA D 129 59.58 45.69 -16.99
C ALA D 129 58.93 44.79 -15.93
N SER D 130 58.72 43.53 -16.29
CA SER D 130 58.22 42.54 -15.35
C SER D 130 59.35 41.59 -15.03
N VAL D 131 59.69 41.49 -13.74
CA VAL D 131 60.69 40.52 -13.27
C VAL D 131 59.94 39.43 -12.53
N VAL D 132 60.20 38.18 -12.90
CA VAL D 132 59.43 37.04 -12.39
C VAL D 132 60.34 36.12 -11.60
N CYS D 133 59.88 35.74 -10.42
CA CYS D 133 60.53 34.73 -9.60
C CYS D 133 59.58 33.56 -9.42
N LEU D 134 60.06 32.36 -9.75
CA LEU D 134 59.26 31.14 -9.68
C LEU D 134 59.79 30.26 -8.54
N LEU D 135 58.88 29.84 -7.66
CA LEU D 135 59.13 28.80 -6.67
C LEU D 135 58.32 27.57 -7.10
N ASN D 136 59.00 26.51 -7.50
CA ASN D 136 58.33 25.37 -8.10
C ASN D 136 58.26 24.13 -7.20
N ASN D 137 57.06 23.58 -7.06
CA ASN D 137 56.81 22.28 -6.43
CA ASN D 137 56.80 22.29 -6.42
C ASN D 137 57.34 22.17 -5.00
N PHE D 138 56.77 22.97 -4.11
CA PHE D 138 57.18 22.98 -2.72
C PHE D 138 56.05 22.60 -1.78
N TYR D 139 56.44 22.22 -0.57
CA TYR D 139 55.49 21.92 0.51
C TYR D 139 56.22 22.12 1.86
N PRO D 140 55.58 22.77 2.84
CA PRO D 140 54.23 23.31 2.85
C PRO D 140 54.13 24.63 2.13
N ARG D 141 52.91 25.18 2.19
CA ARG D 141 52.55 26.39 1.44
C ARG D 141 53.35 27.62 1.86
N GLU D 142 53.67 27.69 3.13
CA GLU D 142 54.23 28.91 3.72
C GLU D 142 55.61 29.16 3.16
N ALA D 143 55.80 30.35 2.62
CA ALA D 143 57.04 30.69 1.96
C ALA D 143 57.15 32.21 1.93
N LYS D 144 58.35 32.72 2.20
CA LYS D 144 58.59 34.15 2.07
C LYS D 144 59.52 34.48 0.91
N VAL D 145 59.09 35.41 0.06
CA VAL D 145 59.83 35.82 -1.10
C VAL D 145 60.14 37.32 -1.01
N GLN D 146 61.41 37.68 -1.05
CA GLN D 146 61.83 39.08 -0.97
C GLN D 146 62.60 39.49 -2.20
N TRP D 147 62.24 40.65 -2.73
CA TRP D 147 62.91 41.21 -3.90
C TRP D 147 63.95 42.22 -3.46
N LYS D 148 65.10 42.18 -4.10
CA LYS D 148 66.18 43.15 -3.83
C LYS D 148 66.74 43.67 -5.13
N VAL D 149 66.80 44.99 -5.24
CA VAL D 149 67.36 45.68 -6.40
C VAL D 149 68.56 46.49 -5.92
N ASP D 150 69.75 46.17 -6.44
CA ASP D 150 71.02 46.69 -5.91
C ASP D 150 71.01 46.66 -4.37
N ASN D 151 70.65 45.49 -3.82
CA ASN D 151 70.54 45.26 -2.39
C ASN D 151 69.48 46.07 -1.61
N ALA D 152 68.71 46.92 -2.30
CA ALA D 152 67.60 47.62 -1.64
C ALA D 152 66.35 46.76 -1.68
N LEU D 153 65.79 46.50 -0.50
CA LEU D 153 64.62 45.65 -0.34
C LEU D 153 63.40 46.34 -0.96
N GLN D 154 62.68 45.64 -1.82
CA GLN D 154 61.50 46.21 -2.49
C GLN D 154 60.24 45.99 -1.68
N SER D 155 59.28 46.88 -1.88
CA SER D 155 58.07 46.83 -1.11
C SER D 155 56.94 47.55 -1.84
N GLY D 156 55.81 46.86 -2.01
CA GLY D 156 54.64 47.46 -2.62
C GLY D 156 54.54 47.35 -4.13
N ASN D 157 55.58 46.81 -4.79
CA ASN D 157 55.61 46.72 -6.25
C ASN D 157 55.69 45.26 -6.79
N SER D 158 55.22 44.30 -6.00
CA SER D 158 55.20 42.91 -6.42
C SER D 158 53.87 42.24 -6.08
N GLN D 159 53.50 41.22 -6.86
CA GLN D 159 52.28 40.45 -6.61
C GLN D 159 52.61 38.96 -6.71
N GLU D 160 52.04 38.16 -5.80
CA GLU D 160 52.21 36.69 -5.80
C GLU D 160 50.95 36.01 -6.31
N SER D 161 51.15 34.87 -6.96
CA SER D 161 50.07 34.00 -7.36
C SER D 161 50.52 32.57 -7.04
N VAL D 162 49.59 31.74 -6.59
CA VAL D 162 49.90 30.38 -6.14
C VAL D 162 48.92 29.38 -6.75
N THR D 163 49.41 28.20 -7.11
CA THR D 163 48.56 27.15 -7.65
C THR D 163 47.88 26.37 -6.54
N GLU D 164 46.87 25.60 -6.93
CA GLU D 164 46.22 24.70 -5.99
C GLU D 164 47.10 23.48 -5.83
N GLN D 165 46.89 22.72 -4.75
CA GLN D 165 47.75 21.59 -4.48
C GLN D 165 47.80 20.69 -5.70
N ASP D 166 48.99 20.28 -6.14
CA ASP D 166 49.12 19.37 -7.29
C ASP D 166 48.43 18.02 -7.04
N SER D 167 47.71 17.52 -8.05
CA SER D 167 46.95 16.25 -7.93
C SER D 167 47.86 15.01 -7.87
N LYS D 168 49.07 15.11 -8.40
CA LYS D 168 50.02 14.00 -8.33
C LYS D 168 50.88 14.01 -7.06
N ASP D 169 51.57 15.12 -6.80
CA ASP D 169 52.55 15.17 -5.69
C ASP D 169 52.16 16.09 -4.50
N SER D 170 50.96 16.68 -4.53
CA SER D 170 50.43 17.51 -3.44
C SER D 170 51.29 18.75 -3.09
N THR D 171 52.14 19.20 -4.00
CA THR D 171 52.94 20.42 -3.80
C THR D 171 52.22 21.67 -4.35
N TYR D 172 52.81 22.82 -4.06
CA TYR D 172 52.38 24.12 -4.53
C TYR D 172 53.47 24.68 -5.40
N SER D 173 53.07 25.56 -6.31
CA SER D 173 54.00 26.40 -7.02
C SER D 173 53.55 27.83 -6.88
N LEU D 174 54.52 28.75 -6.92
CA LEU D 174 54.21 30.16 -6.70
C LEU D 174 55.06 31.07 -7.60
N SER D 175 54.43 32.13 -8.09
CA SER D 175 55.12 33.16 -8.84
C SER D 175 55.09 34.47 -8.03
N SER D 176 56.21 35.19 -8.07
CA SER D 176 56.27 36.56 -7.57
C SER D 176 56.75 37.44 -8.73
N THR D 177 55.97 38.47 -9.05
CA THR D 177 56.22 39.30 -10.21
C THR D 177 56.44 40.73 -9.73
N LEU D 178 57.62 41.25 -10.02
CA LEU D 178 58.01 42.59 -9.68
C LEU D 178 57.81 43.44 -10.93
N THR D 179 57.05 44.52 -10.80
CA THR D 179 56.76 45.39 -11.93
C THR D 179 57.43 46.75 -11.74
N LEU D 180 58.24 47.15 -12.72
CA LEU D 180 58.87 48.46 -12.71
C LEU D 180 58.65 49.18 -14.04
N SER D 181 58.68 50.52 -14.00
CA SER D 181 58.79 51.28 -15.25
C SER D 181 60.13 50.95 -15.89
N LYS D 182 60.18 51.04 -17.22
CA LYS D 182 61.44 50.84 -17.93
C LYS D 182 62.52 51.74 -17.34
N ALA D 183 62.19 53.01 -17.07
CA ALA D 183 63.16 53.97 -16.55
C ALA D 183 63.83 53.48 -15.26
N ASP D 184 63.02 53.05 -14.30
CA ASP D 184 63.53 52.53 -13.03
C ASP D 184 64.36 51.27 -13.21
N TYR D 185 63.87 50.37 -14.06
CA TYR D 185 64.60 49.15 -14.35
C TYR D 185 66.02 49.46 -14.81
N GLU D 186 66.13 50.42 -15.73
CA GLU D 186 67.41 50.75 -16.33
C GLU D 186 68.34 51.47 -15.35
N LYS D 187 67.77 51.98 -14.25
CA LYS D 187 68.56 52.69 -13.22
C LYS D 187 69.38 51.75 -12.32
N HIS D 188 69.22 50.42 -12.46
CA HIS D 188 69.80 49.47 -11.49
C HIS D 188 70.43 48.23 -12.13
N LYS D 189 71.38 47.62 -11.44
CA LYS D 189 72.16 46.50 -11.97
C LYS D 189 71.68 45.13 -11.44
N VAL D 190 71.70 44.96 -10.12
CA VAL D 190 71.44 43.64 -9.50
C VAL D 190 69.95 43.48 -9.15
N TYR D 191 69.35 42.43 -9.69
CA TYR D 191 67.97 42.04 -9.37
C TYR D 191 67.95 40.66 -8.74
N ALA D 192 67.49 40.60 -7.48
CA ALA D 192 67.57 39.36 -6.70
C ALA D 192 66.21 38.98 -6.11
N CYS D 193 65.93 37.68 -6.18
CA CYS D 193 64.82 37.03 -5.53
C CYS D 193 65.35 36.14 -4.39
N GLU D 194 64.97 36.43 -3.15
CA GLU D 194 65.44 35.64 -2.01
C GLU D 194 64.26 34.88 -1.42
N VAL D 195 64.39 33.56 -1.29
CA VAL D 195 63.29 32.80 -0.70
C VAL D 195 63.67 32.05 0.58
N THR D 196 62.76 32.12 1.53
CA THR D 196 62.86 31.41 2.78
C THR D 196 61.73 30.40 2.84
N HIS D 197 62.08 29.17 3.23
CA HIS D 197 61.14 28.04 3.26
C HIS D 197 61.74 26.88 4.09
N GLN D 198 60.85 26.15 4.76
CA GLN D 198 61.24 25.04 5.64
C GLN D 198 62.12 23.98 5.01
N GLY D 199 62.00 23.79 3.71
CA GLY D 199 62.76 22.81 2.96
C GLY D 199 64.18 23.22 2.67
N LEU D 200 64.50 24.49 2.97
CA LEU D 200 65.83 25.08 2.73
C LEU D 200 66.61 25.28 4.02
N SER D 201 67.84 24.75 4.08
CA SER D 201 68.63 24.82 5.31
C SER D 201 69.05 26.26 5.62
N SER D 202 69.07 27.10 4.60
CA SER D 202 69.06 28.57 4.78
C SER D 202 68.48 29.24 3.52
N PRO D 203 68.10 30.53 3.59
CA PRO D 203 67.46 31.18 2.44
C PRO D 203 68.26 31.10 1.16
N VAL D 204 67.57 30.92 0.05
CA VAL D 204 68.24 30.84 -1.22
C VAL D 204 67.96 32.11 -2.04
N THR D 205 68.98 32.60 -2.71
CA THR D 205 68.86 33.78 -3.57
C THR D 205 69.20 33.39 -5.01
N LYS D 206 68.32 33.75 -5.94
CA LYS D 206 68.65 33.74 -7.36
C LYS D 206 68.65 35.16 -7.89
N SER D 207 69.61 35.46 -8.76
CA SER D 207 69.75 36.80 -9.31
C SER D 207 70.31 36.85 -10.74
N PHE D 208 70.21 38.05 -11.31
CA PHE D 208 70.83 38.39 -12.58
C PHE D 208 71.25 39.86 -12.53
N ASN D 209 72.25 40.21 -13.34
CA ASN D 209 72.58 41.62 -13.60
C ASN D 209 71.99 42.07 -14.91
N ARG D 210 71.39 43.27 -14.92
CA ARG D 210 70.76 43.79 -16.13
C ARG D 210 71.79 43.89 -17.25
N GLY D 211 71.59 43.10 -18.30
CA GLY D 211 72.41 43.17 -19.52
C GLY D 211 73.46 42.08 -19.71
N GLU D 212 73.49 41.03 -18.91
CA GLU D 212 74.53 39.98 -19.05
C GLU D 212 74.03 38.70 -19.73
N VAL E 2 -15.47 -31.09 -0.73
CA VAL E 2 -15.48 -30.07 0.38
C VAL E 2 -16.71 -30.20 1.29
N GLN E 3 -16.56 -30.95 2.40
CA GLN E 3 -17.66 -31.41 3.27
C GLN E 3 -17.51 -30.93 4.70
N LEU E 4 -18.64 -30.49 5.28
CA LEU E 4 -18.71 -30.04 6.67
C LEU E 4 -19.67 -30.93 7.45
N LEU E 5 -19.20 -31.50 8.55
CA LEU E 5 -20.02 -32.41 9.36
C LEU E 5 -20.04 -31.98 10.83
N GLU E 6 -21.22 -31.58 11.30
CA GLU E 6 -21.35 -31.13 12.68
C GLU E 6 -21.46 -32.34 13.63
N SER E 7 -20.98 -32.18 14.85
CA SER E 7 -21.30 -33.10 15.94
C SER E 7 -21.25 -32.37 17.29
N GLY E 8 -21.66 -33.08 18.34
CA GLY E 8 -21.60 -32.55 19.70
C GLY E 8 -22.94 -32.06 20.25
N GLY E 9 -23.98 -32.17 19.43
CA GLY E 9 -25.33 -31.80 19.84
C GLY E 9 -25.87 -32.76 20.87
N GLY E 10 -27.02 -32.45 21.41
CA GLY E 10 -27.64 -33.36 22.34
C GLY E 10 -28.47 -32.61 23.36
N LEU E 11 -28.81 -33.33 24.42
CA LEU E 11 -29.69 -32.85 25.46
C LEU E 11 -28.86 -32.34 26.62
N VAL E 12 -29.15 -31.13 27.07
CA VAL E 12 -28.47 -30.59 28.23
C VAL E 12 -29.46 -29.79 29.09
N GLN E 13 -29.14 -29.69 30.38
CA GLN E 13 -30.00 -29.02 31.34
C GLN E 13 -29.76 -27.51 31.29
N PRO E 14 -30.77 -26.69 31.60
CA PRO E 14 -30.56 -25.25 31.71
C PRO E 14 -29.40 -24.95 32.65
N GLY E 15 -28.54 -24.01 32.25
CA GLY E 15 -27.33 -23.69 33.01
C GLY E 15 -26.13 -24.53 32.56
N GLY E 16 -26.39 -25.65 31.88
CA GLY E 16 -25.30 -26.49 31.36
C GLY E 16 -24.56 -25.95 30.13
N SER E 17 -23.60 -26.73 29.68
CA SER E 17 -22.76 -26.35 28.55
C SER E 17 -22.76 -27.48 27.55
N LEU E 18 -22.45 -27.12 26.31
CA LEU E 18 -22.25 -28.05 25.22
C LEU E 18 -21.21 -27.45 24.30
N ARG E 19 -20.43 -28.32 23.65
CA ARG E 19 -19.45 -27.86 22.70
C ARG E 19 -19.68 -28.52 21.38
N LEU E 20 -20.04 -27.73 20.37
CA LEU E 20 -20.31 -28.25 19.04
C LEU E 20 -19.01 -28.24 18.28
N SER E 21 -18.86 -29.22 17.38
CA SER E 21 -17.71 -29.27 16.49
C SER E 21 -18.22 -29.38 15.04
N CYS E 22 -17.42 -28.85 14.13
CA CYS E 22 -17.77 -28.84 12.72
C CYS E 22 -16.46 -29.18 12.02
N ALA E 23 -16.38 -30.44 11.56
CA ALA E 23 -15.14 -30.99 10.99
C ALA E 23 -15.17 -30.89 9.47
N ALA E 24 -14.14 -30.27 8.91
CA ALA E 24 -14.07 -30.01 7.49
C ALA E 24 -13.16 -31.06 6.84
N SER E 25 -13.59 -31.60 5.71
CA SER E 25 -12.80 -32.61 4.99
C SER E 25 -12.74 -32.20 3.52
N GLY E 26 -11.63 -32.54 2.87
CA GLY E 26 -11.45 -32.22 1.45
C GLY E 26 -10.56 -31.01 1.25
N HIS E 31 -9.21 -19.69 1.73
CA HIS E 31 -9.55 -19.27 3.09
C HIS E 31 -11.07 -18.93 3.24
N TYR E 32 -11.59 -19.05 4.47
CA TYR E 32 -13.03 -18.88 4.71
C TYR E 32 -13.31 -18.12 6.01
N ILE E 33 -14.33 -17.29 5.95
CA ILE E 33 -15.05 -16.80 7.12
C ILE E 33 -15.88 -17.98 7.62
N MET E 34 -15.95 -18.14 8.94
CA MET E 34 -16.61 -19.31 9.53
C MET E 34 -17.67 -18.87 10.54
N MET E 35 -18.91 -19.32 10.29
CA MET E 35 -20.08 -18.86 11.02
C MET E 35 -20.83 -20.01 11.66
N TRP E 36 -21.55 -19.70 12.74
CA TRP E 36 -22.54 -20.60 13.28
C TRP E 36 -23.90 -19.90 13.17
N VAL E 37 -24.86 -20.65 12.65
CA VAL E 37 -26.22 -20.17 12.45
C VAL E 37 -27.14 -21.21 13.09
N ARG E 38 -28.22 -20.77 13.74
CA ARG E 38 -29.15 -21.72 14.34
C ARG E 38 -30.59 -21.47 13.88
N GLN E 39 -31.43 -22.49 14.07
CA GLN E 39 -32.82 -22.42 13.76
C GLN E 39 -33.62 -23.17 14.83
N ALA E 40 -34.37 -22.42 15.64
CA ALA E 40 -35.27 -23.00 16.64
C ALA E 40 -36.48 -23.65 15.94
N PRO E 41 -37.11 -24.66 16.57
CA PRO E 41 -38.25 -25.36 15.97
C PRO E 41 -39.31 -24.39 15.45
N GLY E 42 -39.63 -24.52 14.17
CA GLY E 42 -40.60 -23.64 13.50
C GLY E 42 -40.23 -22.17 13.35
N LYS E 43 -38.97 -21.82 13.56
CA LYS E 43 -38.56 -20.42 13.46
C LYS E 43 -37.60 -20.19 12.28
N GLY E 44 -37.19 -18.94 12.11
CA GLY E 44 -36.25 -18.56 11.09
C GLY E 44 -34.79 -18.85 11.43
N LEU E 45 -33.93 -18.62 10.45
CA LEU E 45 -32.47 -18.72 10.64
C LEU E 45 -31.99 -17.52 11.47
N GLU E 46 -31.11 -17.79 12.42
CA GLU E 46 -30.53 -16.77 13.26
C GLU E 46 -29.02 -16.93 13.29
N TRP E 47 -28.31 -15.93 12.80
CA TRP E 47 -26.84 -15.96 12.88
C TRP E 47 -26.45 -15.73 14.32
N VAL E 48 -25.50 -16.50 14.85
CA VAL E 48 -25.09 -16.31 16.26
C VAL E 48 -23.63 -15.99 16.51
N SER E 49 -22.73 -16.49 15.67
CA SER E 49 -21.32 -16.25 15.89
C SER E 49 -20.50 -16.42 14.62
N GLY E 50 -19.35 -15.75 14.57
CA GLY E 50 -18.45 -15.86 13.43
C GLY E 50 -16.99 -15.60 13.78
N ILE E 51 -16.10 -16.12 12.93
CA ILE E 51 -14.66 -15.84 13.01
C ILE E 51 -14.16 -15.54 11.58
N TYR E 52 -13.65 -14.33 11.39
CA TYR E 52 -13.37 -13.80 10.04
C TYR E 52 -12.03 -14.22 9.42
N SER E 53 -11.08 -14.66 10.23
CA SER E 53 -9.82 -15.23 9.72
C SER E 53 -9.16 -16.06 10.81
N SER E 54 -8.19 -16.89 10.45
CA SER E 54 -7.53 -17.75 11.45
C SER E 54 -6.93 -16.89 12.55
N GLY E 55 -7.24 -17.22 13.81
CA GLY E 55 -6.92 -16.38 14.96
C GLY E 55 -7.26 -14.88 14.78
N GLY E 56 -8.39 -14.58 14.15
CA GLY E 56 -8.80 -13.20 13.88
C GLY E 56 -10.00 -12.74 14.70
N ILE E 57 -10.71 -11.75 14.16
CA ILE E 57 -11.97 -11.25 14.73
C ILE E 57 -13.01 -12.35 15.03
N THR E 58 -13.33 -12.53 16.31
CA THR E 58 -14.50 -13.29 16.74
C THR E 58 -15.64 -12.36 17.18
N VAL E 59 -16.85 -12.63 16.69
CA VAL E 59 -18.01 -11.79 16.97
C VAL E 59 -19.23 -12.65 17.28
N TYR E 60 -20.22 -12.03 17.95
CA TYR E 60 -21.37 -12.73 18.52
C TYR E 60 -22.62 -11.87 18.41
N ALA E 61 -23.77 -12.53 18.15
CA ALA E 61 -25.05 -11.89 18.26
C ALA E 61 -25.32 -11.54 19.73
N ASP E 62 -26.05 -10.47 19.99
CA ASP E 62 -26.37 -10.12 21.40
C ASP E 62 -27.06 -11.28 22.15
N SER E 63 -27.83 -12.08 21.44
CA SER E 63 -28.55 -13.20 22.07
C SER E 63 -27.62 -14.19 22.75
N VAL E 64 -26.37 -14.27 22.31
CA VAL E 64 -25.42 -15.21 22.88
C VAL E 64 -24.14 -14.57 23.43
N LYS E 65 -23.93 -13.26 23.24
CA LYS E 65 -22.70 -12.60 23.71
C LYS E 65 -22.48 -12.90 25.19
N GLY E 66 -21.26 -13.29 25.53
CA GLY E 66 -20.90 -13.59 26.92
C GLY E 66 -21.11 -15.04 27.33
N ARG E 67 -21.87 -15.81 26.55
CA ARG E 67 -22.14 -17.20 26.90
C ARG E 67 -21.47 -18.19 25.95
N PHE E 68 -21.20 -17.76 24.73
CA PHE E 68 -20.70 -18.65 23.67
C PHE E 68 -19.27 -18.23 23.31
N THR E 69 -18.44 -19.21 22.95
CA THR E 69 -17.09 -18.94 22.41
C THR E 69 -16.87 -19.72 21.15
N ILE E 70 -16.58 -19.02 20.06
CA ILE E 70 -16.26 -19.66 18.80
C ILE E 70 -14.73 -19.78 18.66
N SER E 71 -14.26 -20.91 18.14
CA SER E 71 -12.82 -21.12 17.93
C SER E 71 -12.54 -22.11 16.80
N ARG E 72 -11.27 -22.17 16.41
CA ARG E 72 -10.81 -23.15 15.44
C ARG E 72 -9.50 -23.84 15.88
N ASP E 73 -9.43 -25.14 15.57
CA ASP E 73 -8.20 -25.89 15.66
C ASP E 73 -7.79 -26.24 14.24
N ASN E 74 -6.92 -25.41 13.66
CA ASN E 74 -6.47 -25.60 12.27
C ASN E 74 -5.79 -26.94 12.04
N SER E 75 -5.09 -27.46 13.05
CA SER E 75 -4.37 -28.73 12.89
C SER E 75 -5.36 -29.90 12.72
N LYS E 76 -6.54 -29.80 13.35
CA LYS E 76 -7.60 -30.80 13.16
C LYS E 76 -8.64 -30.39 12.12
N ASN E 77 -8.46 -29.22 11.53
CA ASN E 77 -9.37 -28.68 10.53
C ASN E 77 -10.84 -28.59 11.04
N THR E 78 -10.98 -28.06 12.25
CA THR E 78 -12.26 -28.13 12.97
C THR E 78 -12.62 -26.78 13.58
N LEU E 79 -13.90 -26.42 13.42
CA LEU E 79 -14.50 -25.22 14.01
C LEU E 79 -15.32 -25.65 15.23
N TYR E 80 -15.23 -24.88 16.31
CA TYR E 80 -15.98 -25.15 17.53
C TYR E 80 -16.92 -24.03 17.92
N LEU E 81 -17.96 -24.39 18.64
CA LEU E 81 -18.80 -23.44 19.34
C LEU E 81 -19.00 -23.94 20.76
N GLN E 82 -18.35 -23.29 21.72
CA GLN E 82 -18.52 -23.61 23.12
C GLN E 82 -19.72 -22.81 23.65
N MET E 83 -20.74 -23.51 24.16
CA MET E 83 -21.96 -22.88 24.62
C MET E 83 -22.17 -23.12 26.10
N ASN E 84 -22.09 -22.06 26.88
CA ASN E 84 -22.33 -22.08 28.32
C ASN E 84 -23.64 -21.41 28.72
N SER E 85 -24.02 -21.61 29.97
CA SER E 85 -25.24 -21.04 30.55
C SER E 85 -26.43 -21.15 29.63
N LEU E 86 -26.64 -22.37 29.14
CA LEU E 86 -27.66 -22.61 28.13
C LEU E 86 -29.07 -22.49 28.73
N ARG E 87 -30.01 -22.11 27.86
CA ARG E 87 -31.39 -21.92 28.26
C ARG E 87 -32.34 -22.55 27.26
N ALA E 88 -33.59 -22.76 27.70
CA ALA E 88 -34.59 -23.44 26.89
C ALA E 88 -34.62 -22.86 25.47
N GLU E 89 -34.58 -21.54 25.39
CA GLU E 89 -34.67 -20.85 24.11
C GLU E 89 -33.43 -20.98 23.20
N ASP E 90 -32.34 -21.58 23.70
CA ASP E 90 -31.22 -21.93 22.83
C ASP E 90 -31.45 -23.24 22.07
N THR E 91 -32.56 -23.91 22.36
CA THR E 91 -32.92 -25.15 21.68
C THR E 91 -33.09 -24.89 20.19
N ALA E 92 -32.34 -25.63 19.37
CA ALA E 92 -32.31 -25.40 17.93
C ALA E 92 -31.41 -26.36 17.21
N VAL E 93 -31.54 -26.39 15.91
CA VAL E 93 -30.55 -27.02 15.04
C VAL E 93 -29.44 -26.00 14.80
N TYR E 94 -28.20 -26.38 15.02
CA TYR E 94 -27.06 -25.53 14.81
C TYR E 94 -26.31 -25.97 13.55
N TYR E 95 -26.05 -25.01 12.65
CA TYR E 95 -25.35 -25.21 11.41
C TYR E 95 -24.06 -24.43 11.46
N CYS E 96 -23.00 -25.05 10.95
CA CYS E 96 -21.80 -24.29 10.63
C CYS E 96 -21.83 -23.98 9.12
N ALA E 97 -21.24 -22.84 8.77
CA ALA E 97 -21.16 -22.41 7.38
C ALA E 97 -19.85 -21.67 7.10
N TYR E 98 -19.29 -21.95 5.92
CA TYR E 98 -18.08 -21.33 5.44
C TYR E 98 -18.41 -20.39 4.33
N ARG E 99 -17.76 -19.24 4.34
CA ARG E 99 -17.91 -18.26 3.30
C ARG E 99 -16.55 -17.87 2.70
N ARG E 100 -16.46 -18.00 1.38
CA ARG E 100 -15.23 -17.78 0.63
C ARG E 100 -14.73 -16.35 0.76
N ILE E 101 -13.47 -16.22 1.13
CA ILE E 101 -12.73 -14.97 1.13
C ILE E 101 -11.99 -14.84 -0.17
N GLY E 102 -11.97 -13.66 -0.77
CA GLY E 102 -11.08 -13.48 -1.91
C GLY E 102 -11.66 -14.00 -3.22
N VAL E 103 -10.80 -14.21 -4.20
CA VAL E 103 -11.27 -14.34 -5.56
C VAL E 103 -12.11 -15.60 -5.77
N PRO E 104 -13.14 -15.50 -6.60
CA PRO E 104 -13.89 -16.69 -6.99
C PRO E 104 -13.00 -17.56 -7.88
N ARG E 105 -12.93 -18.86 -7.59
CA ARG E 105 -12.19 -19.80 -8.44
C ARG E 105 -13.07 -20.92 -8.98
N ARG E 106 -14.08 -20.51 -9.73
CA ARG E 106 -15.00 -21.44 -10.37
C ARG E 106 -15.66 -22.33 -9.30
N ASP E 107 -15.82 -21.79 -8.11
CA ASP E 107 -16.21 -22.54 -6.90
C ASP E 107 -17.32 -21.83 -6.11
N GLU E 108 -17.55 -22.29 -4.89
CA GLU E 108 -18.71 -21.90 -4.09
C GLU E 108 -18.40 -20.74 -3.14
N PHE E 109 -19.32 -19.80 -3.05
CA PHE E 109 -19.25 -18.71 -2.05
C PHE E 109 -19.57 -19.21 -0.65
N ASP E 110 -20.56 -20.10 -0.53
CA ASP E 110 -20.98 -20.71 0.74
C ASP E 110 -20.76 -22.22 0.74
N ILE E 111 -20.39 -22.73 1.90
CA ILE E 111 -20.45 -24.16 2.20
C ILE E 111 -21.17 -24.35 3.53
N TRP E 112 -22.15 -25.25 3.58
CA TRP E 112 -22.98 -25.50 4.77
C TRP E 112 -22.86 -26.95 5.25
N GLY E 113 -22.88 -27.11 6.56
CA GLY E 113 -23.05 -28.43 7.16
C GLY E 113 -24.50 -28.94 7.11
N GLN E 114 -24.75 -30.03 7.83
CA GLN E 114 -26.07 -30.65 7.80
C GLN E 114 -26.89 -30.28 9.04
N GLY E 115 -26.22 -29.74 10.05
CA GLY E 115 -26.89 -29.30 11.28
C GLY E 115 -26.75 -30.33 12.39
N THR E 116 -26.70 -29.86 13.62
CA THR E 116 -26.76 -30.77 14.76
C THR E 116 -27.77 -30.22 15.77
N MET E 117 -28.59 -31.12 16.33
CA MET E 117 -29.67 -30.72 17.21
C MET E 117 -29.20 -30.51 18.65
N VAL E 118 -29.56 -29.35 19.19
CA VAL E 118 -29.33 -29.03 20.59
C VAL E 118 -30.67 -28.79 21.31
N THR E 119 -30.89 -29.53 22.40
CA THR E 119 -32.12 -29.47 23.18
C THR E 119 -31.76 -29.13 24.63
N VAL E 120 -32.26 -27.99 25.10
CA VAL E 120 -32.00 -27.51 26.46
C VAL E 120 -33.31 -27.59 27.22
N SER E 121 -33.34 -28.45 28.25
CA SER E 121 -34.56 -28.72 29.00
C SER E 121 -34.22 -29.34 30.33
N SER E 122 -35.00 -28.96 31.34
CA SER E 122 -34.89 -29.61 32.66
C SER E 122 -35.85 -30.80 32.78
N ALA E 123 -36.59 -31.14 31.72
CA ALA E 123 -37.53 -32.25 31.80
C ALA E 123 -36.80 -33.58 31.96
N SER E 124 -37.46 -34.53 32.59
CA SER E 124 -36.96 -35.89 32.71
C SER E 124 -37.54 -36.77 31.62
N THR E 125 -36.75 -37.73 31.17
CA THR E 125 -37.19 -38.67 30.16
C THR E 125 -38.43 -39.47 30.62
N LYS E 126 -39.46 -39.47 29.79
CA LYS E 126 -40.77 -40.03 30.16
C LYS E 126 -41.60 -40.41 28.92
N GLY E 127 -42.14 -41.62 28.91
CA GLY E 127 -43.00 -42.09 27.81
C GLY E 127 -44.38 -41.47 27.84
N PRO E 128 -45.09 -41.49 26.70
CA PRO E 128 -46.36 -40.78 26.60
C PRO E 128 -47.51 -41.53 27.26
N SER E 129 -48.49 -40.79 27.77
CA SER E 129 -49.82 -41.35 28.02
C SER E 129 -50.59 -41.25 26.71
N VAL E 130 -51.26 -42.33 26.34
CA VAL E 130 -52.05 -42.37 25.09
C VAL E 130 -53.55 -42.45 25.42
N PHE E 131 -54.31 -41.49 24.92
CA PHE E 131 -55.75 -41.41 25.16
C PHE E 131 -56.51 -41.46 23.83
N PRO E 132 -57.71 -42.07 23.82
CA PRO E 132 -58.44 -42.19 22.57
C PRO E 132 -59.12 -40.88 22.21
N LEU E 133 -59.19 -40.59 20.91
CA LEU E 133 -60.04 -39.55 20.38
C LEU E 133 -61.20 -40.29 19.70
N ALA E 134 -62.29 -40.48 20.46
CA ALA E 134 -63.36 -41.39 20.06
C ALA E 134 -64.24 -40.76 18.99
N PRO E 135 -64.62 -41.56 17.97
CA PRO E 135 -65.48 -41.04 16.89
C PRO E 135 -66.89 -40.64 17.35
N THR E 144 -68.45 -39.90 6.52
CA THR E 144 -67.05 -40.01 6.94
C THR E 144 -66.95 -39.57 8.41
N ALA E 145 -66.22 -40.36 9.20
CA ALA E 145 -65.96 -40.05 10.59
C ALA E 145 -64.47 -39.87 10.83
N ALA E 146 -64.12 -39.18 11.91
CA ALA E 146 -62.73 -39.01 12.33
C ALA E 146 -62.51 -39.67 13.70
N LEU E 147 -61.35 -40.28 13.87
CA LEU E 147 -60.93 -40.86 15.14
C LEU E 147 -59.44 -40.63 15.27
N GLY E 148 -58.90 -40.77 16.48
CA GLY E 148 -57.49 -40.54 16.70
C GLY E 148 -56.97 -40.96 18.06
N CYS E 149 -55.70 -40.62 18.29
CA CYS E 149 -55.01 -40.85 19.53
C CYS E 149 -54.27 -39.61 19.96
N LEU E 150 -54.51 -39.21 21.20
CA LEU E 150 -53.83 -38.10 21.80
C LEU E 150 -52.64 -38.70 22.54
N VAL E 151 -51.44 -38.27 22.14
CA VAL E 151 -50.18 -38.81 22.65
C VAL E 151 -49.54 -37.73 23.48
N LYS E 152 -49.75 -37.82 24.79
CA LYS E 152 -49.52 -36.69 25.67
C LYS E 152 -48.42 -36.93 26.72
N ASP E 153 -47.68 -35.84 26.97
CA ASP E 153 -46.76 -35.72 28.08
C ASP E 153 -45.54 -36.64 28.00
N TYR E 154 -44.85 -36.59 26.87
CA TYR E 154 -43.60 -37.34 26.70
C TYR E 154 -42.41 -36.42 26.52
N PHE E 155 -41.22 -36.97 26.77
CA PHE E 155 -39.94 -36.29 26.61
C PHE E 155 -38.81 -37.30 26.53
N PRO E 156 -37.83 -37.07 25.62
CA PRO E 156 -37.74 -36.05 24.60
C PRO E 156 -38.40 -36.53 23.31
N GLU E 157 -38.33 -35.72 22.25
CA GLU E 157 -38.66 -36.20 20.90
C GLU E 157 -37.69 -37.31 20.50
N PRO E 158 -38.08 -38.18 19.55
CA PRO E 158 -39.38 -38.25 18.91
C PRO E 158 -40.23 -39.41 19.42
N VAL E 159 -41.51 -39.40 19.02
CA VAL E 159 -42.34 -40.61 19.04
C VAL E 159 -42.67 -41.00 17.60
N THR E 160 -43.03 -42.26 17.39
CA THR E 160 -43.63 -42.70 16.13
C THR E 160 -45.03 -43.25 16.39
N VAL E 161 -45.94 -43.00 15.44
CA VAL E 161 -47.31 -43.49 15.54
C VAL E 161 -47.71 -44.21 14.27
N SER E 162 -48.32 -45.39 14.44
CA SER E 162 -48.93 -46.12 13.33
C SER E 162 -50.36 -46.48 13.68
N TRP E 163 -51.12 -46.94 12.69
CA TRP E 163 -52.50 -47.39 12.88
C TRP E 163 -52.65 -48.82 12.39
N ASN E 164 -53.25 -49.67 13.23
CA ASN E 164 -53.44 -51.09 12.91
C ASN E 164 -52.13 -51.71 12.40
N SER E 165 -51.06 -51.43 13.14
CA SER E 165 -49.73 -51.99 12.90
C SER E 165 -49.21 -51.73 11.48
N GLY E 166 -49.55 -50.56 10.94
CA GLY E 166 -49.07 -50.14 9.63
C GLY E 166 -49.99 -50.49 8.50
N ALA E 167 -51.07 -51.21 8.79
CA ALA E 167 -52.03 -51.64 7.78
C ALA E 167 -52.90 -50.47 7.29
N LEU E 168 -53.08 -49.47 8.14
CA LEU E 168 -53.89 -48.30 7.81
C LEU E 168 -53.00 -47.08 7.68
N THR E 169 -52.89 -46.56 6.45
CA THR E 169 -52.06 -45.40 6.17
C THR E 169 -52.82 -44.27 5.46
N SER E 170 -53.80 -44.61 4.62
CA SER E 170 -54.56 -43.61 3.89
C SER E 170 -55.40 -42.74 4.84
N GLY E 171 -55.31 -41.43 4.65
CA GLY E 171 -56.07 -40.46 5.44
C GLY E 171 -55.55 -40.24 6.87
N VAL E 172 -54.37 -40.77 7.18
CA VAL E 172 -53.73 -40.54 8.46
C VAL E 172 -53.03 -39.17 8.44
N HIS E 173 -53.21 -38.40 9.51
CA HIS E 173 -52.42 -37.22 9.72
C HIS E 173 -51.87 -37.26 11.13
N THR E 174 -50.55 -37.39 11.23
CA THR E 174 -49.90 -37.30 12.53
C THR E 174 -49.31 -35.92 12.61
N PHE E 175 -49.79 -35.12 13.56
CA PHE E 175 -49.34 -33.75 13.69
C PHE E 175 -47.95 -33.65 14.31
N PRO E 176 -47.16 -32.64 13.86
CA PRO E 176 -45.94 -32.31 14.58
C PRO E 176 -46.24 -32.06 16.04
N ALA E 177 -45.34 -32.46 16.91
CA ALA E 177 -45.57 -32.30 18.33
C ALA E 177 -45.53 -30.84 18.72
N VAL E 178 -46.17 -30.54 19.84
CA VAL E 178 -46.15 -29.22 20.43
C VAL E 178 -45.46 -29.32 21.80
N LEU E 179 -44.60 -28.34 22.11
CA LEU E 179 -43.95 -28.26 23.41
C LEU E 179 -44.89 -27.54 24.39
N GLN E 180 -45.34 -28.24 25.43
CA GLN E 180 -46.26 -27.66 26.41
C GLN E 180 -45.51 -26.85 27.45
N SER E 181 -46.25 -26.05 28.23
CA SER E 181 -45.63 -25.18 29.24
C SER E 181 -44.96 -26.01 30.33
N SER E 182 -45.48 -27.22 30.54
CA SER E 182 -44.84 -28.19 31.42
C SER E 182 -43.43 -28.58 30.99
N GLY E 183 -43.08 -28.36 29.73
CA GLY E 183 -41.78 -28.87 29.20
C GLY E 183 -41.87 -30.27 28.58
N LEU E 184 -43.07 -30.83 28.59
CA LEU E 184 -43.34 -32.10 27.93
C LEU E 184 -44.06 -31.88 26.59
N TYR E 185 -43.89 -32.85 25.68
CA TYR E 185 -44.46 -32.78 24.33
C TYR E 185 -45.81 -33.45 24.27
N SER E 186 -46.60 -33.04 23.27
CA SER E 186 -47.92 -33.61 22.97
C SER E 186 -48.17 -33.57 21.46
N LEU E 187 -48.78 -34.64 20.95
CA LEU E 187 -49.31 -34.61 19.59
C LEU E 187 -50.55 -35.46 19.51
N SER E 188 -51.31 -35.26 18.43
CA SER E 188 -52.39 -36.16 18.06
C SER E 188 -52.08 -36.77 16.70
N SER E 189 -52.53 -38.02 16.54
CA SER E 189 -52.58 -38.66 15.24
C SER E 189 -54.04 -38.98 14.94
N VAL E 190 -54.52 -38.54 13.80
CA VAL E 190 -55.91 -38.76 13.42
C VAL E 190 -56.01 -39.49 12.09
N VAL E 191 -57.20 -40.01 11.83
CA VAL E 191 -57.51 -40.71 10.60
C VAL E 191 -59.01 -40.58 10.36
N THR E 192 -59.40 -40.43 9.10
CA THR E 192 -60.80 -40.41 8.72
C THR E 192 -61.15 -41.72 8.04
N VAL E 193 -62.29 -42.29 8.43
CA VAL E 193 -62.76 -43.59 7.95
C VAL E 193 -64.28 -43.53 7.75
N TYR E 203 -59.94 -50.38 15.31
CA TYR E 203 -58.94 -49.32 15.13
C TYR E 203 -58.01 -49.16 16.33
N ILE E 204 -56.71 -49.40 16.12
CA ILE E 204 -55.69 -49.33 17.17
C ILE E 204 -54.48 -48.46 16.74
N CYS E 205 -54.12 -47.45 17.54
CA CYS E 205 -52.91 -46.64 17.27
C CYS E 205 -51.73 -47.26 18.00
N ASN E 206 -50.59 -47.35 17.30
CA ASN E 206 -49.37 -47.94 17.83
C ASN E 206 -48.31 -46.86 18.06
N VAL E 207 -48.01 -46.59 19.34
CA VAL E 207 -47.19 -45.46 19.72
C VAL E 207 -45.88 -45.96 20.32
N ASN E 208 -44.76 -45.64 19.67
CA ASN E 208 -43.43 -45.99 20.17
C ASN E 208 -42.63 -44.77 20.61
N HIS E 209 -41.94 -44.88 21.76
CA HIS E 209 -41.03 -43.84 22.27
C HIS E 209 -39.72 -44.51 22.71
N LYS E 210 -38.74 -44.53 21.80
CA LYS E 210 -37.47 -45.23 22.03
C LYS E 210 -36.71 -44.73 23.26
N PRO E 211 -36.66 -43.39 23.44
CA PRO E 211 -35.92 -42.88 24.58
C PRO E 211 -36.33 -43.45 25.96
N SER E 212 -37.61 -43.75 26.15
CA SER E 212 -38.07 -44.35 27.42
C SER E 212 -38.34 -45.85 27.29
N ASN E 213 -38.09 -46.41 26.11
CA ASN E 213 -38.41 -47.82 25.82
C ASN E 213 -39.88 -48.13 26.09
N THR E 214 -40.77 -47.28 25.55
CA THR E 214 -42.20 -47.42 25.74
C THR E 214 -42.86 -47.71 24.39
N LYS E 215 -43.71 -48.76 24.35
CA LYS E 215 -44.48 -49.15 23.16
C LYS E 215 -45.93 -49.35 23.63
N VAL E 216 -46.86 -48.59 23.09
CA VAL E 216 -48.25 -48.60 23.56
C VAL E 216 -49.20 -48.76 22.37
N ASP E 217 -50.08 -49.74 22.46
CA ASP E 217 -51.18 -49.91 21.51
C ASP E 217 -52.48 -49.53 22.22
N LYS E 218 -53.26 -48.63 21.63
CA LYS E 218 -54.50 -48.17 22.24
C LYS E 218 -55.67 -48.33 21.27
N ARG E 219 -56.68 -49.10 21.68
CA ARG E 219 -57.88 -49.35 20.88
C ARG E 219 -58.83 -48.15 20.97
N VAL E 220 -59.30 -47.65 19.81
CA VAL E 220 -60.22 -46.52 19.79
C VAL E 220 -61.62 -46.98 19.38
N GLU E 221 -62.61 -46.78 20.26
CA GLU E 221 -64.00 -47.26 20.05
C GLU E 221 -65.06 -46.14 20.16
N PRO E 222 -66.22 -46.31 19.49
CA PRO E 222 -67.37 -45.41 19.70
C PRO E 222 -67.89 -45.51 21.15
N ASP F 1 -27.82 -5.18 14.74
CA ASP F 1 -28.79 -4.07 14.72
C ASP F 1 -29.24 -3.57 13.32
N ILE F 2 -28.75 -4.17 12.22
CA ILE F 2 -29.40 -3.98 10.91
C ILE F 2 -30.57 -4.96 10.84
N GLN F 3 -31.78 -4.43 10.73
CA GLN F 3 -32.98 -5.25 10.67
C GLN F 3 -33.44 -5.47 9.24
N MET F 4 -33.78 -6.71 8.91
CA MET F 4 -34.19 -7.13 7.57
C MET F 4 -35.67 -7.50 7.61
N THR F 5 -36.49 -6.86 6.77
CA THR F 5 -37.93 -7.11 6.69
C THR F 5 -38.26 -7.70 5.34
N GLN F 6 -38.80 -8.91 5.35
CA GLN F 6 -39.04 -9.66 4.15
C GLN F 6 -40.53 -9.70 3.95
N SER F 7 -40.95 -9.58 2.69
CA SER F 7 -42.36 -9.69 2.38
C SER F 7 -42.56 -10.36 1.02
N PRO F 8 -43.66 -11.11 0.85
CA PRO F 8 -44.67 -11.39 1.85
C PRO F 8 -44.15 -12.47 2.78
N SER F 9 -44.91 -12.86 3.80
CA SER F 9 -44.49 -13.95 4.68
C SER F 9 -44.82 -15.35 4.08
N THR F 10 -45.86 -15.39 3.26
CA THR F 10 -46.21 -16.54 2.49
C THR F 10 -46.68 -16.08 1.12
N LEU F 11 -46.49 -16.95 0.13
CA LEU F 11 -47.10 -16.72 -1.15
C LEU F 11 -47.38 -18.03 -1.86
N SER F 12 -48.50 -18.02 -2.56
CA SER F 12 -49.03 -19.20 -3.24
C SER F 12 -48.77 -19.07 -4.70
N ALA F 13 -48.31 -20.14 -5.33
CA ALA F 13 -48.04 -20.06 -6.75
C ALA F 13 -48.12 -21.42 -7.40
N SER F 14 -48.14 -21.38 -8.72
CA SER F 14 -48.18 -22.58 -9.56
C SER F 14 -46.91 -22.68 -10.36
N VAL F 15 -46.59 -23.89 -10.79
CA VAL F 15 -45.47 -24.13 -11.70
C VAL F 15 -45.67 -23.22 -12.90
N GLY F 16 -44.60 -22.59 -13.35
CA GLY F 16 -44.69 -21.66 -14.47
C GLY F 16 -44.89 -20.19 -14.08
N ASP F 17 -45.28 -19.90 -12.83
CA ASP F 17 -45.50 -18.50 -12.40
C ASP F 17 -44.19 -17.73 -12.21
N ARG F 18 -44.28 -16.42 -12.38
CA ARG F 18 -43.18 -15.51 -12.07
C ARG F 18 -43.40 -15.09 -10.64
N VAL F 19 -42.39 -15.30 -9.80
CA VAL F 19 -42.54 -15.06 -8.35
C VAL F 19 -41.54 -14.02 -7.90
N THR F 20 -41.98 -13.06 -7.08
CA THR F 20 -41.14 -11.99 -6.59
C THR F 20 -41.24 -11.88 -5.05
N ILE F 21 -40.09 -11.78 -4.39
CA ILE F 21 -39.99 -11.65 -2.94
C ILE F 21 -39.12 -10.46 -2.64
N THR F 22 -39.49 -9.67 -1.64
CA THR F 22 -38.77 -8.43 -1.35
C THR F 22 -38.16 -8.49 0.01
N CYS F 23 -37.08 -7.75 0.15
CA CYS F 23 -36.35 -7.65 1.36
C CYS F 23 -35.92 -6.20 1.53
N ARG F 24 -36.20 -5.64 2.70
CA ARG F 24 -35.78 -4.27 3.03
C ARG F 24 -34.84 -4.24 4.22
N ALA F 25 -33.78 -3.45 4.14
CA ALA F 25 -32.82 -3.29 5.24
C ALA F 25 -33.06 -1.98 5.97
N SER F 26 -32.85 -1.96 7.28
CA SER F 26 -33.15 -0.77 8.10
C SER F 26 -32.16 0.36 7.85
N GLN F 27 -30.99 0.02 7.30
CA GLN F 27 -30.04 1.03 6.83
C GLN F 27 -29.32 0.46 5.61
N SER F 28 -28.55 1.30 4.93
CA SER F 28 -27.95 0.90 3.68
C SER F 28 -26.97 -0.25 3.89
N ILE F 29 -27.06 -1.28 3.04
CA ILE F 29 -26.11 -2.40 3.08
C ILE F 29 -25.36 -2.54 1.74
N SER F 30 -25.33 -1.44 0.97
CA SER F 30 -24.81 -1.42 -0.41
C SER F 30 -25.39 -2.61 -1.19
N SER F 31 -24.54 -3.49 -1.70
CA SER F 31 -25.02 -4.69 -2.38
C SER F 31 -24.70 -5.98 -1.62
N TRP F 32 -24.43 -5.88 -0.33
CA TRP F 32 -24.04 -7.03 0.49
C TRP F 32 -25.26 -7.77 1.00
N LEU F 33 -26.00 -8.33 0.05
CA LEU F 33 -27.22 -9.04 0.33
C LEU F 33 -27.22 -10.40 -0.40
N ALA F 34 -27.60 -11.45 0.32
CA ALA F 34 -27.68 -12.80 -0.23
C ALA F 34 -29.08 -13.37 -0.07
N TRP F 35 -29.42 -14.31 -0.93
CA TRP F 35 -30.69 -15.01 -0.85
C TRP F 35 -30.47 -16.52 -0.71
N TYR F 36 -31.31 -17.15 0.11
CA TYR F 36 -31.25 -18.58 0.36
C TYR F 36 -32.58 -19.29 0.18
N GLN F 37 -32.48 -20.58 -0.15
CA GLN F 37 -33.62 -21.47 -0.21
C GLN F 37 -33.43 -22.52 0.86
N GLN F 38 -34.51 -22.85 1.56
CA GLN F 38 -34.50 -23.94 2.56
C GLN F 38 -35.74 -24.81 2.49
N LYS F 39 -35.53 -26.10 2.47
CA LYS F 39 -36.58 -27.10 2.56
C LYS F 39 -36.63 -27.69 3.98
N PRO F 40 -37.78 -28.24 4.40
CA PRO F 40 -37.93 -28.83 5.75
C PRO F 40 -36.88 -29.87 6.06
N GLY F 41 -36.22 -29.72 7.20
CA GLY F 41 -35.20 -30.69 7.61
C GLY F 41 -33.84 -30.58 6.95
N LYS F 42 -33.62 -29.54 6.13
CA LYS F 42 -32.36 -29.44 5.40
C LYS F 42 -31.69 -28.12 5.69
N ALA F 43 -30.38 -28.11 5.53
CA ALA F 43 -29.60 -26.92 5.53
C ALA F 43 -30.07 -25.97 4.42
N PRO F 44 -29.97 -24.66 4.64
CA PRO F 44 -30.28 -23.75 3.55
C PRO F 44 -29.23 -23.82 2.44
N LYS F 45 -29.64 -23.42 1.23
CA LYS F 45 -28.78 -23.37 0.05
C LYS F 45 -28.71 -21.95 -0.45
N LEU F 46 -27.51 -21.49 -0.70
CA LEU F 46 -27.30 -20.17 -1.25
C LEU F 46 -27.75 -20.10 -2.72
N LEU F 47 -28.52 -19.08 -3.06
CA LEU F 47 -28.94 -18.83 -4.43
C LEU F 47 -28.16 -17.69 -5.06
N ILE F 48 -28.08 -16.57 -4.34
CA ILE F 48 -27.65 -15.32 -4.88
C ILE F 48 -26.81 -14.63 -3.83
N TYR F 49 -25.69 -14.05 -4.25
CA TYR F 49 -24.93 -13.17 -3.37
C TYR F 49 -24.56 -11.85 -4.06
N LYS F 50 -24.04 -10.91 -3.28
CA LYS F 50 -23.79 -9.56 -3.77
C LYS F 50 -25.00 -9.06 -4.55
N ALA F 51 -26.20 -9.32 -4.03
CA ALA F 51 -27.49 -8.82 -4.54
C ALA F 51 -27.97 -9.48 -5.81
N SER F 52 -27.05 -9.78 -6.73
CA SER F 52 -27.45 -10.23 -8.06
C SER F 52 -26.54 -11.28 -8.71
N THR F 53 -25.49 -11.75 -8.04
CA THR F 53 -24.64 -12.77 -8.57
C THR F 53 -25.17 -14.16 -8.19
N LEU F 54 -25.33 -15.01 -9.20
CA LEU F 54 -25.78 -16.38 -8.98
C LEU F 54 -24.68 -17.19 -8.34
N GLU F 55 -25.04 -17.95 -7.32
CA GLU F 55 -24.10 -18.95 -6.79
C GLU F 55 -23.86 -20.08 -7.83
N SER F 56 -22.69 -20.70 -7.72
CA SER F 56 -22.27 -21.84 -8.51
C SER F 56 -23.37 -22.87 -8.62
N GLY F 57 -23.76 -23.20 -9.84
CA GLY F 57 -24.72 -24.26 -10.08
C GLY F 57 -26.17 -23.86 -10.01
N VAL F 58 -26.47 -22.66 -9.53
CA VAL F 58 -27.86 -22.24 -9.35
C VAL F 58 -28.51 -21.95 -10.71
N PRO F 59 -29.73 -22.46 -10.97
CA PRO F 59 -30.38 -22.28 -12.29
C PRO F 59 -30.66 -20.84 -12.59
N SER F 60 -30.69 -20.51 -13.87
CA SER F 60 -30.78 -19.11 -14.30
C SER F 60 -32.15 -18.48 -14.14
N ARG F 61 -33.18 -19.28 -13.88
CA ARG F 61 -34.47 -18.73 -13.49
C ARG F 61 -34.46 -17.91 -12.19
N PHE F 62 -33.44 -18.07 -11.35
CA PHE F 62 -33.26 -17.21 -10.15
C PHE F 62 -32.43 -15.96 -10.49
N SER F 63 -32.90 -14.80 -10.07
CA SER F 63 -32.16 -13.56 -10.20
C SER F 63 -32.47 -12.65 -9.01
N GLY F 64 -31.59 -11.69 -8.79
CA GLY F 64 -31.78 -10.73 -7.74
C GLY F 64 -31.42 -9.37 -8.26
N SER F 65 -32.03 -8.35 -7.67
CA SER F 65 -31.66 -6.99 -7.93
C SER F 65 -31.82 -6.13 -6.69
N GLY F 66 -31.27 -4.92 -6.77
CA GLY F 66 -31.37 -3.90 -5.73
C GLY F 66 -30.02 -3.57 -5.15
N SER F 67 -29.98 -2.44 -4.45
CA SER F 67 -28.80 -1.96 -3.73
C SER F 67 -29.27 -0.86 -2.78
N GLY F 68 -28.54 -0.64 -1.70
CA GLY F 68 -28.98 0.28 -0.65
C GLY F 68 -29.83 -0.42 0.42
N THR F 69 -31.14 -0.23 0.33
CA THR F 69 -32.07 -0.77 1.30
C THR F 69 -33.17 -1.63 0.75
N GLU F 70 -33.36 -1.70 -0.56
CA GLU F 70 -34.48 -2.49 -1.09
C GLU F 70 -34.00 -3.49 -2.11
N PHE F 71 -34.42 -4.74 -1.93
CA PHE F 71 -33.92 -5.82 -2.76
C PHE F 71 -35.05 -6.73 -3.12
N THR F 72 -34.90 -7.40 -4.26
CA THR F 72 -35.88 -8.32 -4.74
C THR F 72 -35.25 -9.59 -5.30
N LEU F 73 -35.86 -10.74 -4.99
CA LEU F 73 -35.52 -12.02 -5.58
C LEU F 73 -36.65 -12.33 -6.54
N THR F 74 -36.30 -12.74 -7.74
CA THR F 74 -37.27 -13.17 -8.73
C THR F 74 -37.00 -14.57 -9.26
N ILE F 75 -38.06 -15.37 -9.29
CA ILE F 75 -38.02 -16.67 -9.95
C ILE F 75 -38.84 -16.50 -11.21
N SER F 76 -38.19 -16.55 -12.36
CA SER F 76 -38.85 -16.16 -13.62
C SER F 76 -39.94 -17.15 -14.01
N SER F 77 -39.73 -18.45 -13.78
CA SER F 77 -40.73 -19.47 -14.06
C SER F 77 -40.64 -20.61 -13.02
N LEU F 78 -41.57 -20.64 -12.07
CA LEU F 78 -41.43 -21.52 -10.89
C LEU F 78 -41.47 -23.00 -11.31
N GLN F 79 -40.57 -23.80 -10.74
CA GLN F 79 -40.51 -25.25 -11.02
C GLN F 79 -40.89 -26.00 -9.77
N PRO F 80 -41.25 -27.31 -9.89
CA PRO F 80 -41.62 -28.09 -8.71
C PRO F 80 -40.59 -28.09 -7.58
N ASP F 81 -39.32 -28.07 -7.93
CA ASP F 81 -38.25 -28.08 -6.91
C ASP F 81 -38.20 -26.74 -6.08
N ASP F 82 -38.93 -25.71 -6.50
CA ASP F 82 -38.79 -24.36 -5.94
C ASP F 82 -39.71 -24.06 -4.77
N PHE F 83 -40.64 -24.95 -4.48
CA PHE F 83 -41.53 -24.76 -3.33
C PHE F 83 -40.71 -25.01 -2.07
N ALA F 84 -40.64 -24.00 -1.21
CA ALA F 84 -39.64 -23.96 -0.15
C ALA F 84 -39.80 -22.65 0.59
N THR F 85 -39.00 -22.47 1.63
CA THR F 85 -38.89 -21.16 2.28
C THR F 85 -37.63 -20.44 1.87
N TYR F 86 -37.73 -19.13 1.61
CA TYR F 86 -36.63 -18.30 1.13
C TYR F 86 -36.28 -17.26 2.19
N TYR F 87 -34.99 -17.00 2.37
CA TYR F 87 -34.52 -16.00 3.31
C TYR F 87 -33.56 -15.04 2.61
N CYS F 88 -33.66 -13.74 2.91
CA CYS F 88 -32.60 -12.83 2.57
C CYS F 88 -31.62 -12.78 3.76
N GLN F 89 -30.44 -12.24 3.49
CA GLN F 89 -29.38 -12.12 4.48
C GLN F 89 -28.50 -10.91 4.14
N GLN F 90 -28.41 -9.95 5.03
CA GLN F 90 -27.43 -8.87 4.85
C GLN F 90 -26.11 -9.33 5.43
N TYR F 91 -25.02 -9.01 4.75
CA TYR F 91 -23.69 -9.31 5.28
C TYR F 91 -22.77 -8.07 5.23
N ASN F 92 -23.38 -6.90 5.29
CA ASN F 92 -22.67 -5.63 5.46
C ASN F 92 -21.98 -5.63 6.82
N THR F 93 -22.72 -6.00 7.87
CA THR F 93 -22.14 -6.08 9.22
C THR F 93 -22.58 -7.38 9.88
N TYR F 94 -21.63 -8.28 10.05
CA TYR F 94 -21.90 -9.68 10.43
C TYR F 94 -22.92 -10.30 9.46
N TRP F 95 -23.84 -11.09 9.96
CA TRP F 95 -24.96 -11.60 9.15
C TRP F 95 -26.25 -11.31 9.88
N THR F 96 -27.28 -10.88 9.15
CA THR F 96 -28.65 -10.93 9.64
C THR F 96 -29.60 -11.46 8.60
N PHE F 97 -30.47 -12.39 9.01
CA PHE F 97 -31.43 -12.99 8.11
C PHE F 97 -32.79 -12.31 8.25
N GLY F 98 -33.52 -12.21 7.13
CA GLY F 98 -34.92 -11.87 7.15
C GLY F 98 -35.75 -12.98 7.77
N GLN F 99 -37.03 -12.71 7.95
CA GLN F 99 -37.98 -13.60 8.62
C GLN F 99 -38.37 -14.84 7.77
N GLY F 100 -38.13 -14.77 6.47
CA GLY F 100 -38.45 -15.89 5.58
C GLY F 100 -39.76 -15.69 4.84
N THR F 101 -39.83 -16.29 3.65
CA THR F 101 -41.04 -16.29 2.85
C THR F 101 -41.27 -17.72 2.39
N LYS F 102 -42.41 -18.30 2.77
CA LYS F 102 -42.77 -19.62 2.29
C LYS F 102 -43.48 -19.53 0.97
N VAL F 103 -42.99 -20.30 -0.01
CA VAL F 103 -43.59 -20.37 -1.32
C VAL F 103 -44.25 -21.74 -1.40
N GLU F 104 -45.58 -21.74 -1.46
CA GLU F 104 -46.37 -22.97 -1.43
C GLU F 104 -47.28 -23.15 -2.68
N ILE F 105 -47.89 -24.32 -2.80
CA ILE F 105 -48.56 -24.76 -4.02
C ILE F 105 -50.03 -24.33 -4.04
N LYS F 106 -50.36 -23.56 -5.06
CA LYS F 106 -51.70 -23.07 -5.28
C LYS F 106 -52.61 -24.20 -5.75
N ARG F 107 -53.84 -24.21 -5.27
CA ARG F 107 -54.88 -25.10 -5.79
C ARG F 107 -56.23 -24.45 -5.50
N THR F 108 -57.32 -25.08 -5.94
CA THR F 108 -58.63 -24.53 -5.66
C THR F 108 -58.91 -24.55 -4.17
N VAL F 109 -59.74 -23.62 -3.74
CA VAL F 109 -60.24 -23.58 -2.36
C VAL F 109 -60.95 -24.92 -2.00
N ALA F 110 -60.69 -25.41 -0.79
CA ALA F 110 -61.32 -26.59 -0.22
C ALA F 110 -61.63 -26.31 1.24
N ALA F 111 -62.89 -26.42 1.60
CA ALA F 111 -63.32 -26.25 2.97
C ALA F 111 -62.81 -27.40 3.83
N PRO F 112 -62.50 -27.13 5.11
CA PRO F 112 -62.14 -28.21 6.03
C PRO F 112 -63.39 -29.04 6.42
N SER F 113 -63.23 -30.33 6.64
CA SER F 113 -64.18 -31.12 7.40
C SER F 113 -63.77 -30.93 8.85
N VAL F 114 -64.73 -30.58 9.71
CA VAL F 114 -64.43 -30.25 11.09
C VAL F 114 -65.00 -31.27 12.09
N PHE F 115 -64.19 -31.69 13.05
CA PHE F 115 -64.58 -32.72 14.06
C PHE F 115 -64.13 -32.26 15.45
N ILE F 116 -64.98 -32.46 16.45
CA ILE F 116 -64.64 -32.16 17.85
C ILE F 116 -64.63 -33.46 18.64
N PHE F 117 -63.64 -33.59 19.53
CA PHE F 117 -63.46 -34.78 20.39
C PHE F 117 -63.41 -34.35 21.86
N PRO F 118 -64.29 -34.93 22.70
CA PRO F 118 -64.20 -34.69 24.14
C PRO F 118 -63.02 -35.43 24.76
N PRO F 119 -62.60 -35.03 25.98
CA PRO F 119 -61.58 -35.77 26.70
C PRO F 119 -62.08 -37.15 27.06
N SER F 120 -61.18 -38.13 27.11
CA SER F 120 -61.56 -39.48 27.51
C SER F 120 -61.79 -39.54 29.03
N ASP F 121 -62.55 -40.54 29.48
CA ASP F 121 -62.72 -40.77 30.91
C ASP F 121 -61.35 -41.11 31.53
N GLU F 122 -60.58 -41.94 30.83
CA GLU F 122 -59.24 -42.33 31.29
C GLU F 122 -58.42 -41.09 31.68
N GLN F 123 -58.41 -40.11 30.79
CA GLN F 123 -57.65 -38.88 31.02
C GLN F 123 -58.22 -38.01 32.13
N LEU F 124 -59.54 -37.89 32.18
CA LEU F 124 -60.20 -37.12 33.23
C LEU F 124 -59.82 -37.57 34.63
N LYS F 125 -59.80 -38.89 34.85
CA LYS F 125 -59.51 -39.45 36.18
C LYS F 125 -58.12 -39.09 36.65
N SER F 126 -57.21 -38.85 35.71
CA SER F 126 -55.86 -38.40 36.03
C SER F 126 -55.79 -36.88 36.29
N GLY F 127 -56.91 -36.16 36.18
CA GLY F 127 -56.95 -34.74 36.59
C GLY F 127 -56.82 -33.67 35.51
N THR F 128 -56.65 -34.06 34.24
CA THR F 128 -56.57 -33.08 33.14
C THR F 128 -57.52 -33.44 32.00
N ALA F 129 -58.05 -32.40 31.34
CA ALA F 129 -58.97 -32.57 30.22
C ALA F 129 -58.41 -31.91 28.94
N SER F 130 -58.21 -32.71 27.90
CA SER F 130 -57.80 -32.21 26.59
C SER F 130 -58.98 -32.32 25.63
N VAL F 131 -59.40 -31.17 25.09
CA VAL F 131 -60.47 -31.12 24.09
C VAL F 131 -59.79 -30.83 22.76
N VAL F 132 -60.08 -31.66 21.76
CA VAL F 132 -59.42 -31.59 20.46
C VAL F 132 -60.42 -31.20 19.37
N CYS F 133 -60.02 -30.23 18.53
CA CYS F 133 -60.77 -29.86 17.31
C CYS F 133 -59.90 -30.12 16.09
N LEU F 134 -60.44 -30.88 15.13
CA LEU F 134 -59.73 -31.25 13.91
C LEU F 134 -60.34 -30.54 12.69
N LEU F 135 -59.49 -29.86 11.92
CA LEU F 135 -59.83 -29.32 10.60
C LEU F 135 -59.05 -30.13 9.56
N ASN F 136 -59.76 -30.90 8.76
CA ASN F 136 -59.13 -31.88 7.87
C ASN F 136 -59.17 -31.50 6.40
N ASN F 137 -58.01 -31.55 5.76
CA ASN F 137 -57.86 -31.42 4.31
C ASN F 137 -58.48 -30.15 3.70
N PHE F 138 -57.92 -29.00 4.10
CA PHE F 138 -58.39 -27.72 3.62
C PHE F 138 -57.33 -26.93 2.84
N TYR F 139 -57.80 -25.96 2.08
CA TYR F 139 -56.94 -25.05 1.35
C TYR F 139 -57.71 -23.74 1.10
N PRO F 140 -57.07 -22.58 1.33
CA PRO F 140 -55.68 -22.37 1.76
C PRO F 140 -55.46 -22.56 3.25
N ARG F 141 -54.23 -22.31 3.66
CA ARG F 141 -53.75 -22.55 5.01
C ARG F 141 -54.47 -21.73 6.07
N GLU F 142 -54.84 -20.52 5.71
CA GLU F 142 -55.36 -19.56 6.66
C GLU F 142 -56.70 -20.03 7.19
N ALA F 143 -56.80 -20.12 8.51
CA ALA F 143 -57.99 -20.63 9.16
C ALA F 143 -58.01 -20.14 10.60
N LYS F 144 -59.17 -19.69 11.06
CA LYS F 144 -59.32 -19.24 12.45
C LYS F 144 -60.19 -20.21 13.22
N VAL F 145 -59.69 -20.66 14.36
CA VAL F 145 -60.37 -21.62 15.20
C VAL F 145 -60.58 -21.01 16.58
N GLN F 146 -61.84 -20.93 17.01
CA GLN F 146 -62.20 -20.28 18.26
C GLN F 146 -62.88 -21.30 19.16
N TRP F 147 -62.45 -21.35 20.41
CA TRP F 147 -63.05 -22.23 21.40
C TRP F 147 -64.06 -21.46 22.21
N LYS F 148 -65.21 -22.08 22.48
CA LYS F 148 -66.25 -21.48 23.30
C LYS F 148 -66.69 -22.49 24.35
N VAL F 149 -66.69 -22.07 25.61
CA VAL F 149 -67.13 -22.91 26.73
C VAL F 149 -68.33 -22.19 27.37
N ASP F 150 -69.51 -22.83 27.34
CA ASP F 150 -70.78 -22.17 27.70
C ASP F 150 -70.86 -20.76 27.09
N ASN F 151 -70.59 -20.67 25.79
CA ASN F 151 -70.59 -19.41 25.04
C ASN F 151 -69.56 -18.36 25.47
N ALA F 152 -68.67 -18.68 26.40
CA ALA F 152 -67.55 -17.78 26.72
C ALA F 152 -66.33 -18.13 25.85
N LEU F 153 -65.84 -17.13 25.10
CA LEU F 153 -64.69 -17.28 24.21
C LEU F 153 -63.42 -17.55 25.02
N GLN F 154 -62.69 -18.61 24.68
CA GLN F 154 -61.48 -18.99 25.40
C GLN F 154 -60.25 -18.28 24.84
N SER F 155 -59.25 -18.13 25.69
CA SER F 155 -58.06 -17.41 25.32
C SER F 155 -56.88 -17.80 26.19
N GLY F 156 -55.77 -18.18 25.57
CA GLY F 156 -54.53 -18.53 26.27
C GLY F 156 -54.37 -19.99 26.65
N ASN F 157 -55.40 -20.80 26.42
CA ASN F 157 -55.39 -22.20 26.87
C ASN F 157 -55.53 -23.22 25.74
N SER F 158 -55.14 -22.83 24.52
CA SER F 158 -55.18 -23.76 23.39
C SER F 158 -53.91 -23.66 22.56
N GLN F 159 -53.56 -24.76 21.88
CA GLN F 159 -52.39 -24.83 20.99
C GLN F 159 -52.75 -25.52 19.67
N GLU F 160 -52.26 -24.96 18.56
CA GLU F 160 -52.51 -25.50 17.21
C GLU F 160 -51.27 -26.21 16.68
N SER F 161 -51.50 -27.23 15.87
CA SER F 161 -50.43 -27.86 15.10
C SER F 161 -50.98 -28.08 13.70
N VAL F 162 -50.11 -27.97 12.71
CA VAL F 162 -50.52 -28.04 11.29
C VAL F 162 -49.56 -28.96 10.52
N THR F 163 -50.09 -29.70 9.56
CA THR F 163 -49.24 -30.53 8.70
C THR F 163 -48.64 -29.72 7.57
N GLU F 164 -47.62 -30.28 6.92
CA GLU F 164 -47.12 -29.70 5.69
C GLU F 164 -48.07 -30.03 4.55
N GLN F 165 -48.00 -29.27 3.47
CA GLN F 165 -48.91 -29.46 2.34
C GLN F 165 -48.91 -30.92 1.91
N ASP F 166 -50.09 -31.52 1.77
CA ASP F 166 -50.17 -32.93 1.34
C ASP F 166 -49.57 -33.09 -0.07
N SER F 167 -48.78 -34.14 -0.25
CA SER F 167 -48.10 -34.36 -1.53
C SER F 167 -49.06 -34.82 -2.64
N LYS F 168 -50.23 -35.36 -2.26
CA LYS F 168 -51.21 -35.80 -3.24
C LYS F 168 -52.19 -34.67 -3.61
N ASP F 169 -52.88 -34.10 -2.62
CA ASP F 169 -53.96 -33.14 -2.86
C ASP F 169 -53.63 -31.68 -2.49
N SER F 170 -52.40 -31.43 -2.02
CA SER F 170 -51.92 -30.07 -1.67
C SER F 170 -52.75 -29.35 -0.62
N THR F 171 -53.50 -30.10 0.20
CA THR F 171 -54.22 -29.52 1.33
C THR F 171 -53.40 -29.54 2.63
N TYR F 172 -53.94 -28.88 3.64
CA TYR F 172 -53.40 -28.87 5.00
C TYR F 172 -54.42 -29.53 5.92
N SER F 173 -53.94 -30.02 7.05
CA SER F 173 -54.80 -30.39 8.16
C SER F 173 -54.28 -29.76 9.43
N LEU F 174 -55.17 -29.50 10.37
CA LEU F 174 -54.82 -28.77 11.58
C LEU F 174 -55.56 -29.28 12.81
N SER F 175 -54.86 -29.33 13.95
CA SER F 175 -55.48 -29.64 15.22
C SER F 175 -55.42 -28.41 16.12
N SER F 176 -56.50 -28.19 16.87
CA SER F 176 -56.50 -27.24 17.98
C SER F 176 -56.87 -28.01 19.25
N THR F 177 -56.04 -27.90 20.28
CA THR F 177 -56.21 -28.66 21.51
C THR F 177 -56.37 -27.67 22.66
N LEU F 178 -57.52 -27.77 23.33
CA LEU F 178 -57.84 -26.96 24.49
C LEU F 178 -57.55 -27.80 25.74
N THR F 179 -56.74 -27.24 26.65
CA THR F 179 -56.37 -27.95 27.87
C THR F 179 -57.00 -27.27 29.09
N LEU F 180 -57.76 -28.04 29.87
CA LEU F 180 -58.32 -27.54 31.13
C LEU F 180 -58.02 -28.49 32.27
N SER F 181 -57.98 -27.97 33.49
CA SER F 181 -57.99 -28.82 34.69
C SER F 181 -59.31 -29.59 34.71
N LYS F 182 -59.30 -30.79 35.29
CA LYS F 182 -60.54 -31.55 35.47
C LYS F 182 -61.60 -30.68 36.15
N ALA F 183 -61.21 -29.95 37.19
CA ALA F 183 -62.14 -29.11 37.95
C ALA F 183 -62.89 -28.11 37.06
N ASP F 184 -62.14 -27.37 36.25
CA ASP F 184 -62.74 -26.40 35.32
C ASP F 184 -63.62 -27.07 34.28
N TYR F 185 -63.14 -28.19 33.74
CA TYR F 185 -63.92 -28.94 32.76
C TYR F 185 -65.28 -29.30 33.30
N GLU F 186 -65.30 -29.77 34.54
CA GLU F 186 -66.54 -30.24 35.18
C GLU F 186 -67.47 -29.08 35.55
N LYS F 187 -66.95 -27.86 35.58
CA LYS F 187 -67.74 -26.67 35.86
C LYS F 187 -68.65 -26.22 34.70
N HIS F 188 -68.52 -26.82 33.50
CA HIS F 188 -69.19 -26.30 32.28
C HIS F 188 -69.84 -27.37 31.40
N LYS F 189 -70.85 -26.96 30.64
CA LYS F 189 -71.69 -27.88 29.86
C LYS F 189 -71.34 -27.90 28.36
N VAL F 190 -71.43 -26.74 27.71
CA VAL F 190 -71.22 -26.63 26.25
C VAL F 190 -69.76 -26.35 25.88
N TYR F 191 -69.19 -27.24 25.07
CA TYR F 191 -67.85 -27.06 24.52
C TYR F 191 -67.92 -26.99 22.99
N ALA F 192 -67.53 -25.83 22.45
CA ALA F 192 -67.69 -25.57 21.02
C ALA F 192 -66.37 -25.16 20.37
N CYS F 193 -66.17 -25.72 19.17
CA CYS F 193 -65.11 -25.35 18.24
C CYS F 193 -65.73 -24.63 17.03
N GLU F 194 -65.39 -23.36 16.82
CA GLU F 194 -65.94 -22.59 15.70
C GLU F 194 -64.84 -22.31 14.70
N VAL F 195 -65.04 -22.69 13.44
CA VAL F 195 -64.01 -22.41 12.44
C VAL F 195 -64.46 -21.50 11.31
N THR F 196 -63.57 -20.57 11.00
CA THR F 196 -63.75 -19.64 9.91
C THR F 196 -62.69 -19.97 8.88
N HIS F 197 -63.12 -20.05 7.62
CA HIS F 197 -62.26 -20.42 6.49
C HIS F 197 -62.91 -20.04 5.14
N GLN F 198 -62.08 -19.65 4.17
CA GLN F 198 -62.57 -19.19 2.83
C GLN F 198 -63.49 -20.15 2.09
N GLY F 199 -63.33 -21.44 2.34
CA GLY F 199 -64.17 -22.48 1.75
C GLY F 199 -65.56 -22.57 2.34
N LEU F 200 -65.79 -21.85 3.44
CA LEU F 200 -67.05 -21.83 4.18
C LEU F 200 -67.73 -20.48 4.01
N SER F 201 -68.98 -20.46 3.59
CA SER F 201 -69.67 -19.17 3.37
C SER F 201 -70.00 -18.49 4.68
N SER F 202 -70.11 -19.27 5.74
CA SER F 202 -70.11 -18.72 7.09
C SER F 202 -69.50 -19.72 8.06
N PRO F 203 -69.11 -19.25 9.26
CA PRO F 203 -68.35 -20.12 10.14
C PRO F 203 -69.10 -21.38 10.51
N VAL F 204 -68.39 -22.48 10.67
CA VAL F 204 -68.98 -23.72 11.11
C VAL F 204 -68.66 -23.96 12.59
N THR F 205 -69.64 -24.41 13.36
CA THR F 205 -69.42 -24.77 14.76
C THR F 205 -69.70 -26.25 14.97
N LYS F 206 -68.75 -26.97 15.59
CA LYS F 206 -69.00 -28.32 16.12
C LYS F 206 -68.91 -28.29 17.64
N SER F 207 -69.83 -29.01 18.29
CA SER F 207 -69.87 -29.01 19.73
C SER F 207 -70.35 -30.32 20.36
N PHE F 208 -70.17 -30.39 21.66
CA PHE F 208 -70.72 -31.45 22.48
C PHE F 208 -71.08 -30.86 23.84
N ASN F 209 -72.05 -31.50 24.52
CA ASN F 209 -72.29 -31.23 25.94
C ASN F 209 -71.61 -32.28 26.78
N ARG F 210 -70.99 -31.85 27.87
CA ARG F 210 -70.29 -32.77 28.75
C ARG F 210 -71.29 -33.82 29.25
N GLY F 211 -71.14 -35.04 28.75
CA GLY F 211 -72.17 -36.09 28.85
C GLY F 211 -72.38 -36.76 27.49
N GLU F 212 -73.62 -36.71 26.98
CA GLU F 212 -73.99 -37.34 25.69
C GLU F 212 -72.89 -38.23 25.06
C1 EDO G . 1.88 -6.62 7.67
O1 EDO G . 2.86 -7.37 6.90
C2 EDO G . 0.49 -7.11 7.33
O2 EDO G . 0.14 -6.81 5.96
C1 EDO H . 5.73 21.73 16.85
O1 EDO H . 6.07 22.84 16.01
C2 EDO H . 6.92 21.30 17.69
O2 EDO H . 7.08 22.14 18.83
C1 EDO I . 28.98 17.06 1.46
O1 EDO I . 27.63 16.87 1.84
C2 EDO I . 29.77 16.44 2.60
O2 EDO I . 29.94 15.05 2.32
#